data_7EER
#
_entry.id   7EER
#
_cell.length_a   87.627
_cell.length_b   87.595
_cell.length_c   217.084
_cell.angle_alpha   90.000
_cell.angle_beta   90.000
_cell.angle_gamma   90.000
#
_symmetry.space_group_name_H-M   'C 1 2 1'
#
loop_
_entity.id
_entity.type
_entity.pdbx_description
1 polymer 'Tryptophan--tRNA ligase'
2 non-polymer "ADENOSINE-5'-TRIPHOSPHATE"
3 non-polymer 2-(1H-indol-3-yl)ethanol
#
_entity_poly.entity_id   1
_entity_poly.type   'polypeptide(L)'
_entity_poly.pdbx_seq_one_letter_code
;MKTIFSGIQPSGVITIGNYIGALRQFVELQHEYNCYFCIVDQHAITVWQDPHELRQNIRRLAALYLAVGIDPTQATLFIQ
SEVPAHAQAAWMLQCIVYIGELERMTQFKEKSAGKEAVSAGLLTYPPLMAADILLYNTDIVPVGEDQKQHIELTRDLAER
FNKRYGELFTIPEARIPKVGARIMSLVDPTKKMSKSDPNPKAYITLLDDAKTIEKKIKSAVTDSEGTIRYDKEAKPGISN
LLNIYSTLSGQSIEELERQYEGKGYGVFKADLAQVVIETLRPIQERYHHWMESEELDRVLDEGAEKANRVASEMVRKMEQ
AMGLGRRRLE
;
_entity_poly.pdbx_strand_id   A,B,C,D
#
# COMPACT_ATOMS: atom_id res chain seq x y z
N MET A 1 -42.59 -15.08 21.81
CA MET A 1 -41.15 -15.25 21.74
C MET A 1 -40.68 -16.34 22.69
N LYS A 2 -40.16 -17.42 22.12
CA LYS A 2 -39.70 -18.55 22.91
C LYS A 2 -38.36 -18.23 23.57
N THR A 3 -38.04 -19.01 24.60
CA THR A 3 -36.84 -18.80 25.41
C THR A 3 -35.83 -19.91 25.14
N ILE A 4 -34.56 -19.52 25.02
CA ILE A 4 -33.46 -20.43 24.80
C ILE A 4 -32.50 -20.35 25.98
N PHE A 5 -32.04 -21.51 26.44
CA PHE A 5 -30.93 -21.58 27.38
C PHE A 5 -29.90 -22.58 26.86
N SER A 6 -28.63 -22.24 27.02
CA SER A 6 -27.55 -23.17 26.73
C SER A 6 -26.31 -22.72 27.49
N GLY A 7 -25.48 -23.70 27.88
CA GLY A 7 -24.31 -23.43 28.67
C GLY A 7 -23.10 -24.16 28.15
N ILE A 8 -21.92 -23.63 28.49
CA ILE A 8 -20.65 -24.22 28.11
C ILE A 8 -19.75 -24.24 29.34
N GLN A 9 -19.07 -25.37 29.57
CA GLN A 9 -18.20 -25.54 30.73
C GLN A 9 -16.88 -24.82 30.51
N PRO A 10 -16.42 -24.00 31.47
CA PRO A 10 -15.05 -23.47 31.44
C PRO A 10 -14.02 -24.48 31.96
N SER A 11 -14.14 -25.71 31.48
CA SER A 11 -13.21 -26.79 31.81
C SER A 11 -11.94 -26.75 30.95
N GLY A 12 -11.71 -25.65 30.27
CA GLY A 12 -10.67 -25.55 29.27
C GLY A 12 -11.06 -24.46 28.29
N VAL A 13 -10.29 -24.38 27.21
CA VAL A 13 -10.60 -23.45 26.12
C VAL A 13 -11.47 -24.18 25.10
N ILE A 14 -12.58 -23.55 24.72
CA ILE A 14 -13.56 -24.22 23.89
C ILE A 14 -12.96 -24.56 22.53
N THR A 15 -13.49 -25.61 21.92
CA THR A 15 -12.94 -26.20 20.71
C THR A 15 -13.81 -25.87 19.51
N ILE A 16 -13.30 -26.23 18.33
CA ILE A 16 -14.11 -26.15 17.11
C ILE A 16 -15.30 -27.09 17.20
N GLY A 17 -15.23 -28.10 18.07
CA GLY A 17 -16.41 -28.93 18.31
C GLY A 17 -17.47 -28.19 19.08
N ASN A 18 -17.08 -27.50 20.15
CA ASN A 18 -18.03 -26.65 20.87
C ASN A 18 -18.60 -25.57 19.95
N TYR A 19 -17.75 -25.00 19.10
CA TYR A 19 -18.19 -23.94 18.20
C TYR A 19 -19.19 -24.46 17.16
N ILE A 20 -18.82 -25.51 16.44
CA ILE A 20 -19.67 -26.02 15.36
C ILE A 20 -20.96 -26.61 15.92
N GLY A 21 -20.87 -27.34 17.03
CA GLY A 21 -22.04 -28.00 17.58
C GLY A 21 -22.99 -27.10 18.35
N ALA A 22 -22.51 -25.96 18.84
CA ALA A 22 -23.33 -25.15 19.72
C ALA A 22 -23.15 -23.64 19.51
N LEU A 23 -21.96 -23.13 19.84
CA LEU A 23 -21.78 -21.70 19.98
C LEU A 23 -22.06 -20.95 18.67
N ARG A 24 -21.67 -21.52 17.53
CA ARG A 24 -21.92 -20.87 16.25
C ARG A 24 -23.40 -20.58 16.06
N GLN A 25 -24.25 -21.53 16.46
CA GLN A 25 -25.70 -21.33 16.30
C GLN A 25 -26.25 -20.33 17.31
N PHE A 26 -25.58 -20.18 18.46
CA PHE A 26 -25.99 -19.16 19.43
C PHE A 26 -26.06 -17.78 18.76
N VAL A 27 -25.08 -17.48 17.91
CA VAL A 27 -24.98 -16.17 17.28
C VAL A 27 -26.19 -15.89 16.39
N GLU A 28 -26.76 -16.93 15.78
CA GLU A 28 -27.96 -16.74 14.97
C GLU A 28 -29.21 -16.67 15.84
N LEU A 29 -29.31 -17.55 16.84
CA LEU A 29 -30.53 -17.67 17.62
C LEU A 29 -30.79 -16.45 18.50
N GLN A 30 -29.76 -15.67 18.81
CA GLN A 30 -29.94 -14.52 19.70
C GLN A 30 -30.91 -13.50 19.13
N HIS A 31 -31.09 -13.46 17.81
CA HIS A 31 -32.00 -12.51 17.19
C HIS A 31 -33.43 -13.03 17.08
N GLU A 32 -33.63 -14.34 17.21
CA GLU A 32 -34.94 -14.96 17.03
C GLU A 32 -35.60 -15.38 18.34
N TYR A 33 -34.85 -15.44 19.44
CA TYR A 33 -35.37 -15.97 20.69
C TYR A 33 -34.89 -15.13 21.87
N ASN A 34 -35.58 -15.29 23.00
CA ASN A 34 -35.13 -14.75 24.27
C ASN A 34 -34.06 -15.70 24.81
N CYS A 35 -32.81 -15.24 24.84
CA CYS A 35 -31.68 -16.15 24.99
C CYS A 35 -30.94 -15.92 26.31
N TYR A 36 -30.62 -17.03 26.96
CA TYR A 36 -29.72 -17.06 28.12
C TYR A 36 -28.55 -17.97 27.75
N PHE A 37 -27.34 -17.44 27.83
CA PHE A 37 -26.14 -18.20 27.55
C PHE A 37 -25.23 -18.14 28.77
N CYS A 38 -24.77 -19.29 29.24
CA CYS A 38 -24.19 -19.43 30.56
C CYS A 38 -22.80 -20.03 30.52
N ILE A 39 -21.94 -19.54 31.39
CA ILE A 39 -20.65 -20.14 31.68
C ILE A 39 -20.83 -20.97 32.94
N VAL A 40 -20.89 -22.29 32.79
CA VAL A 40 -21.33 -23.17 33.88
C VAL A 40 -20.08 -23.61 34.63
N ASP A 41 -19.61 -22.73 35.52
CA ASP A 41 -18.40 -23.05 36.27
C ASP A 41 -18.67 -24.06 37.36
N GLN A 42 -19.91 -24.17 37.85
CA GLN A 42 -20.22 -25.18 38.85
C GLN A 42 -20.23 -26.58 38.26
N HIS A 43 -20.56 -26.71 36.97
CA HIS A 43 -20.41 -27.99 36.30
C HIS A 43 -18.94 -28.33 36.07
N ALA A 44 -18.10 -27.32 35.85
CA ALA A 44 -16.70 -27.56 35.54
C ALA A 44 -15.98 -28.26 36.69
N ILE A 45 -16.36 -27.96 37.93
CA ILE A 45 -15.62 -28.46 39.09
C ILE A 45 -16.13 -29.83 39.51
N THR A 46 -17.00 -30.45 38.70
CA THR A 46 -17.34 -31.84 38.97
C THR A 46 -16.15 -32.76 38.78
N VAL A 47 -15.11 -32.30 38.10
CA VAL A 47 -13.79 -32.94 38.10
C VAL A 47 -12.78 -31.88 38.51
N TRP A 48 -11.56 -32.33 38.78
CA TRP A 48 -10.52 -31.43 39.25
C TRP A 48 -10.26 -30.31 38.25
N GLN A 49 -10.27 -29.07 38.75
CA GLN A 49 -9.83 -27.91 38.00
C GLN A 49 -8.84 -27.14 38.84
N ASP A 50 -7.68 -26.82 38.26
CA ASP A 50 -6.75 -25.94 38.95
C ASP A 50 -7.41 -24.57 39.13
N PRO A 51 -7.41 -24.01 40.34
CA PRO A 51 -8.15 -22.75 40.56
C PRO A 51 -7.69 -21.62 39.66
N HIS A 52 -6.39 -21.48 39.42
CA HIS A 52 -5.92 -20.40 38.55
C HIS A 52 -6.38 -20.60 37.12
N GLU A 53 -6.31 -21.83 36.61
CA GLU A 53 -6.77 -22.11 35.26
C GLU A 53 -8.27 -21.90 35.14
N LEU A 54 -9.03 -22.29 36.16
CA LEU A 54 -10.48 -22.13 36.13
C LEU A 54 -10.87 -20.67 36.07
N ARG A 55 -10.28 -19.84 36.95
CA ARG A 55 -10.56 -18.41 36.94
C ARG A 55 -10.32 -17.80 35.57
N GLN A 56 -9.23 -18.21 34.90
CA GLN A 56 -8.90 -17.64 33.61
C GLN A 56 -9.80 -18.20 32.50
N ASN A 57 -10.10 -19.50 32.54
CA ASN A 57 -10.96 -20.09 31.53
C ASN A 57 -12.37 -19.52 31.58
N ILE A 58 -12.81 -19.05 32.76
CA ILE A 58 -14.11 -18.40 32.87
C ILE A 58 -14.10 -17.10 32.08
N ARG A 59 -13.05 -16.30 32.24
CA ARG A 59 -12.94 -15.05 31.48
C ARG A 59 -12.74 -15.32 30.00
N ARG A 60 -11.90 -16.31 29.66
CA ARG A 60 -11.68 -16.65 28.27
C ARG A 60 -12.98 -17.06 27.58
N LEU A 61 -13.80 -17.86 28.25
CA LEU A 61 -15.07 -18.29 27.66
C LEU A 61 -16.01 -17.11 27.47
N ALA A 62 -16.09 -16.22 28.47
CA ALA A 62 -16.90 -15.01 28.34
C ALA A 62 -16.43 -14.18 27.16
N ALA A 63 -15.11 -14.01 27.01
CA ALA A 63 -14.58 -13.23 25.90
C ALA A 63 -14.85 -13.90 24.56
N LEU A 64 -14.81 -15.23 24.52
CA LEU A 64 -15.04 -15.94 23.27
C LEU A 64 -16.52 -15.96 22.91
N TYR A 65 -17.41 -15.99 23.91
CA TYR A 65 -18.83 -15.78 23.67
C TYR A 65 -19.07 -14.49 22.89
N LEU A 66 -18.47 -13.40 23.35
CA LEU A 66 -18.67 -12.11 22.71
C LEU A 66 -17.84 -11.95 21.44
N ALA A 67 -16.67 -12.60 21.39
CA ALA A 67 -15.82 -12.49 20.21
C ALA A 67 -16.45 -13.13 18.99
N VAL A 68 -17.22 -14.22 19.18
CA VAL A 68 -17.89 -14.86 18.04
C VAL A 68 -19.13 -14.12 17.61
N GLY A 69 -19.60 -13.13 18.38
CA GLY A 69 -20.66 -12.25 17.91
C GLY A 69 -21.92 -12.21 18.75
N ILE A 70 -21.90 -12.78 19.95
CA ILE A 70 -23.05 -12.69 20.83
C ILE A 70 -23.19 -11.26 21.33
N ASP A 71 -24.35 -10.65 21.10
CA ASP A 71 -24.60 -9.27 21.48
C ASP A 71 -25.18 -9.24 22.89
N PRO A 72 -24.51 -8.64 23.87
CA PRO A 72 -25.02 -8.67 25.25
C PRO A 72 -26.29 -7.86 25.45
N THR A 73 -26.70 -7.05 24.46
CA THR A 73 -28.00 -6.39 24.51
C THR A 73 -29.11 -7.21 23.89
N GLN A 74 -28.75 -8.30 23.20
CA GLN A 74 -29.73 -9.23 22.64
C GLN A 74 -29.81 -10.55 23.36
N ALA A 75 -28.78 -10.91 24.13
CA ALA A 75 -28.79 -12.14 24.92
C ALA A 75 -28.23 -11.85 26.30
N THR A 76 -28.61 -12.68 27.26
CA THR A 76 -28.15 -12.58 28.64
C THR A 76 -26.99 -13.53 28.86
N LEU A 77 -25.82 -12.99 29.15
CA LEU A 77 -24.60 -13.77 29.31
C LEU A 77 -24.14 -13.63 30.75
N PHE A 78 -23.96 -14.77 31.43
CA PHE A 78 -23.71 -14.72 32.87
C PHE A 78 -22.98 -16.00 33.30
N ILE A 79 -22.46 -15.94 34.53
CA ILE A 79 -21.70 -17.03 35.13
C ILE A 79 -22.60 -17.78 36.10
N GLN A 80 -22.65 -19.10 35.96
CA GLN A 80 -23.54 -19.95 36.73
C GLN A 80 -23.44 -19.67 38.24
N SER A 81 -22.21 -19.69 38.77
CA SER A 81 -22.03 -19.56 40.21
C SER A 81 -22.44 -18.20 40.75
N GLU A 82 -22.58 -17.20 39.88
CA GLU A 82 -23.01 -15.88 40.33
C GLU A 82 -24.52 -15.75 40.43
N VAL A 83 -25.25 -16.82 40.16
CA VAL A 83 -26.69 -16.89 40.37
C VAL A 83 -26.98 -18.05 41.32
N PRO A 84 -27.17 -17.77 42.61
CA PRO A 84 -27.34 -18.87 43.59
C PRO A 84 -28.53 -19.77 43.30
N ALA A 85 -29.52 -19.29 42.56
CA ALA A 85 -30.71 -20.07 42.28
C ALA A 85 -30.39 -21.40 41.61
N HIS A 86 -29.29 -21.45 40.85
CA HIS A 86 -28.91 -22.68 40.15
C HIS A 86 -28.57 -23.78 41.15
N ALA A 87 -27.79 -23.45 42.18
CA ALA A 87 -27.48 -24.44 43.21
C ALA A 87 -28.71 -24.78 44.03
N GLN A 88 -29.56 -23.79 44.31
CA GLN A 88 -30.78 -24.04 45.07
C GLN A 88 -31.72 -24.97 44.32
N ALA A 89 -31.96 -24.68 43.04
CA ALA A 89 -32.83 -25.53 42.25
C ALA A 89 -32.21 -26.90 42.00
N ALA A 90 -30.88 -26.94 41.91
CA ALA A 90 -30.20 -28.23 41.75
C ALA A 90 -30.48 -29.15 42.93
N TRP A 91 -30.52 -28.61 44.14
CA TRP A 91 -30.79 -29.45 45.29
C TRP A 91 -32.19 -30.02 45.25
N MET A 92 -33.17 -29.17 44.94
CA MET A 92 -34.57 -29.63 44.89
C MET A 92 -34.74 -30.70 43.82
N LEU A 93 -34.13 -30.50 42.65
CA LEU A 93 -34.23 -31.51 41.60
C LEU A 93 -33.43 -32.76 41.94
N GLN A 94 -32.38 -32.63 42.75
CA GLN A 94 -31.69 -33.82 43.24
C GLN A 94 -32.60 -34.68 44.10
N CYS A 95 -33.57 -34.05 44.78
CA CYS A 95 -34.56 -34.78 45.57
C CYS A 95 -35.68 -35.32 44.71
N ILE A 96 -35.71 -35.00 43.43
CA ILE A 96 -36.69 -35.53 42.49
C ILE A 96 -36.15 -36.70 41.71
N VAL A 97 -34.88 -36.63 41.32
CA VAL A 97 -34.26 -37.66 40.48
C VAL A 97 -33.88 -38.85 41.35
N TYR A 98 -33.91 -40.03 40.74
CA TYR A 98 -33.51 -41.26 41.41
C TYR A 98 -32.08 -41.60 41.05
N ILE A 99 -31.39 -42.27 41.98
CA ILE A 99 -29.98 -42.59 41.79
C ILE A 99 -29.79 -43.42 40.53
N GLY A 100 -30.70 -44.36 40.27
CA GLY A 100 -30.59 -45.20 39.09
C GLY A 100 -30.62 -44.44 37.79
N GLU A 101 -31.38 -43.34 37.75
CA GLU A 101 -31.42 -42.52 36.54
C GLU A 101 -30.10 -41.82 36.29
N LEU A 102 -29.39 -41.43 37.36
CA LEU A 102 -28.12 -40.74 37.19
C LEU A 102 -27.02 -41.72 36.80
N GLU A 103 -27.03 -42.93 37.40
CA GLU A 103 -25.99 -43.91 37.12
C GLU A 103 -26.04 -44.43 35.69
N ARG A 104 -27.21 -44.37 35.04
CA ARG A 104 -27.36 -44.84 33.67
C ARG A 104 -26.98 -43.80 32.64
N MET A 105 -26.71 -42.57 33.05
CA MET A 105 -26.35 -41.52 32.11
C MET A 105 -25.07 -41.88 31.36
N THR A 106 -25.08 -41.69 30.05
CA THR A 106 -23.91 -42.03 29.24
C THR A 106 -22.72 -41.17 29.63
N GLN A 107 -22.91 -39.86 29.79
CA GLN A 107 -21.79 -38.99 30.13
C GLN A 107 -21.13 -39.43 31.44
N PHE A 108 -21.95 -39.71 32.46
CA PHE A 108 -21.38 -40.15 33.74
C PHE A 108 -20.58 -41.44 33.56
N LYS A 109 -21.14 -42.40 32.80
CA LYS A 109 -20.47 -43.67 32.63
C LYS A 109 -19.14 -43.52 31.90
N GLU A 110 -19.09 -42.68 30.86
CA GLU A 110 -17.83 -42.46 30.15
C GLU A 110 -16.84 -41.68 31.00
N LYS A 111 -17.32 -40.68 31.74
CA LYS A 111 -16.40 -39.82 32.49
C LYS A 111 -15.86 -40.51 33.74
N SER A 112 -16.61 -41.45 34.31
CA SER A 112 -16.16 -42.19 35.48
C SER A 112 -15.45 -43.49 35.12
N ALA A 113 -15.25 -43.76 33.83
CA ALA A 113 -14.63 -45.02 33.42
C ALA A 113 -13.18 -45.11 33.91
N GLY A 114 -12.49 -43.97 34.03
CA GLY A 114 -11.15 -43.99 34.60
C GLY A 114 -11.13 -44.51 36.02
N LYS A 115 -12.26 -44.40 36.72
CA LYS A 115 -12.47 -45.00 38.03
C LYS A 115 -11.57 -44.38 39.10
N GLU A 116 -10.91 -45.23 39.89
CA GLU A 116 -10.27 -44.82 41.14
C GLU A 116 -11.31 -44.19 42.06
N ALA A 117 -11.48 -42.88 42.00
CA ALA A 117 -12.44 -42.18 42.85
C ALA A 117 -13.14 -41.11 42.03
N VAL A 118 -14.47 -41.11 42.06
CA VAL A 118 -15.29 -40.21 41.27
C VAL A 118 -16.11 -39.36 42.21
N SER A 119 -16.11 -38.04 41.98
CA SER A 119 -16.83 -37.12 42.84
C SER A 119 -18.34 -37.32 42.71
N ALA A 120 -19.05 -37.03 43.81
CA ALA A 120 -20.51 -37.08 43.77
C ALA A 120 -21.07 -36.07 42.79
N GLY A 121 -20.39 -34.93 42.61
CA GLY A 121 -20.85 -33.93 41.66
C GLY A 121 -20.91 -34.44 40.24
N LEU A 122 -20.00 -35.34 39.88
CA LEU A 122 -20.07 -35.95 38.55
C LEU A 122 -21.36 -36.75 38.38
N LEU A 123 -21.75 -37.48 39.41
CA LEU A 123 -23.00 -38.23 39.35
C LEU A 123 -24.21 -37.30 39.25
N THR A 124 -24.23 -36.25 40.07
CA THR A 124 -25.34 -35.30 40.12
C THR A 124 -25.18 -34.15 39.13
N TYR A 125 -24.32 -34.32 38.13
CA TYR A 125 -24.25 -33.38 37.01
C TYR A 125 -25.61 -33.10 36.37
N PRO A 126 -26.47 -34.08 36.09
CA PRO A 126 -27.74 -33.79 35.37
C PRO A 126 -28.68 -32.88 36.14
N PRO A 127 -28.95 -33.12 37.43
CA PRO A 127 -29.91 -32.23 38.12
C PRO A 127 -29.47 -30.78 38.16
N LEU A 128 -28.17 -30.49 38.18
CA LEU A 128 -27.74 -29.09 38.05
C LEU A 128 -28.01 -28.57 36.64
N MET A 129 -27.76 -29.39 35.62
CA MET A 129 -28.07 -28.99 34.25
C MET A 129 -29.56 -28.81 34.05
N ALA A 130 -30.37 -29.69 34.64
CA ALA A 130 -31.82 -29.52 34.59
C ALA A 130 -32.24 -28.21 35.25
N ALA A 131 -31.59 -27.87 36.36
CA ALA A 131 -31.88 -26.59 37.01
C ALA A 131 -31.54 -25.42 36.10
N ASP A 132 -30.37 -25.48 35.45
CA ASP A 132 -29.98 -24.45 34.49
C ASP A 132 -31.12 -24.16 33.51
N ILE A 133 -31.71 -25.21 32.96
CA ILE A 133 -32.71 -25.06 31.91
C ILE A 133 -34.04 -24.61 32.48
N LEU A 134 -34.53 -25.31 33.50
CA LEU A 134 -35.90 -25.12 33.96
C LEU A 134 -36.10 -23.78 34.65
N LEU A 135 -35.03 -23.17 35.17
CA LEU A 135 -35.17 -21.94 35.95
C LEU A 135 -35.71 -20.80 35.12
N TYR A 136 -35.50 -20.82 33.80
CA TYR A 136 -35.84 -19.71 32.94
C TYR A 136 -37.02 -20.02 32.02
N ASN A 137 -37.81 -21.04 32.37
CA ASN A 137 -38.95 -21.49 31.57
C ASN A 137 -38.53 -21.70 30.12
N THR A 138 -37.41 -22.41 29.95
CA THR A 138 -36.79 -22.56 28.64
C THR A 138 -37.65 -23.43 27.73
N ASP A 139 -37.80 -22.98 26.48
CA ASP A 139 -38.49 -23.76 25.46
C ASP A 139 -37.52 -24.60 24.62
N ILE A 140 -36.36 -24.02 24.27
CA ILE A 140 -35.42 -24.63 23.33
C ILE A 140 -34.04 -24.67 23.96
N VAL A 141 -33.36 -25.80 23.81
CA VAL A 141 -31.99 -25.95 24.31
C VAL A 141 -31.07 -26.36 23.16
N PRO A 142 -30.32 -25.42 22.57
CA PRO A 142 -29.44 -25.77 21.44
C PRO A 142 -28.14 -26.39 21.94
N VAL A 143 -27.86 -27.61 21.50
CA VAL A 143 -26.73 -28.40 21.98
C VAL A 143 -26.26 -29.32 20.87
N GLY A 144 -25.06 -29.89 21.06
CA GLY A 144 -24.63 -31.01 20.26
C GLY A 144 -25.27 -32.30 20.72
N GLU A 145 -25.02 -33.37 19.95
CA GLU A 145 -25.70 -34.64 20.19
C GLU A 145 -25.39 -35.22 21.57
N ASP A 146 -24.21 -34.90 22.12
CA ASP A 146 -23.80 -35.49 23.39
C ASP A 146 -24.70 -35.10 24.55
N GLN A 147 -25.44 -34.00 24.44
CA GLN A 147 -26.30 -33.52 25.52
C GLN A 147 -27.75 -33.94 25.35
N LYS A 148 -28.07 -34.74 24.33
CA LYS A 148 -29.46 -35.13 24.11
C LYS A 148 -30.02 -35.90 25.31
N GLN A 149 -29.24 -36.84 25.84
CA GLN A 149 -29.73 -37.65 26.96
C GLN A 149 -29.99 -36.81 28.19
N HIS A 150 -29.13 -35.83 28.47
CA HIS A 150 -29.33 -34.98 29.63
C HIS A 150 -30.61 -34.17 29.51
N ILE A 151 -30.96 -33.76 28.29
CA ILE A 151 -32.19 -33.00 28.09
C ILE A 151 -33.40 -33.91 28.18
N GLU A 152 -33.28 -35.17 27.74
CA GLU A 152 -34.36 -36.12 27.96
C GLU A 152 -34.66 -36.29 29.45
N LEU A 153 -33.60 -36.40 30.27
CA LEU A 153 -33.80 -36.52 31.71
C LEU A 153 -34.40 -35.24 32.29
N THR A 154 -33.95 -34.08 31.79
CA THR A 154 -34.52 -32.82 32.24
C THR A 154 -36.02 -32.78 32.01
N ARG A 155 -36.48 -33.24 30.84
CA ARG A 155 -37.90 -33.29 30.56
C ARG A 155 -38.61 -34.23 31.54
N ASP A 156 -37.99 -35.37 31.83
CA ASP A 156 -38.58 -36.30 32.80
C ASP A 156 -38.72 -35.66 34.17
N LEU A 157 -37.68 -34.94 34.61
CA LEU A 157 -37.73 -34.31 35.93
C LEU A 157 -38.77 -33.20 35.99
N ALA A 158 -38.88 -32.42 34.91
CA ALA A 158 -39.90 -31.38 34.85
C ALA A 158 -41.30 -31.99 34.92
N GLU A 159 -41.53 -33.07 34.18
CA GLU A 159 -42.82 -33.73 34.21
C GLU A 159 -43.10 -34.33 35.59
N ARG A 160 -42.08 -34.91 36.22
CA ARG A 160 -42.26 -35.49 37.55
C ARG A 160 -42.63 -34.42 38.57
N PHE A 161 -41.91 -33.30 38.57
CA PHE A 161 -42.25 -32.20 39.45
C PHE A 161 -43.65 -31.69 39.17
N ASN A 162 -43.99 -31.52 37.89
CA ASN A 162 -45.28 -30.94 37.53
C ASN A 162 -46.44 -31.81 38.00
N LYS A 163 -46.29 -33.13 37.92
CA LYS A 163 -47.37 -34.04 38.29
C LYS A 163 -47.32 -34.45 39.76
N ARG A 164 -46.17 -34.29 40.43
CA ARG A 164 -46.11 -34.59 41.86
C ARG A 164 -46.59 -33.41 42.69
N TYR A 165 -46.31 -32.19 42.23
CA TYR A 165 -46.59 -30.98 43.00
C TYR A 165 -47.63 -30.09 42.31
N GLY A 166 -47.38 -29.69 41.07
CA GLY A 166 -48.28 -28.82 40.34
C GLY A 166 -47.62 -28.27 39.09
N GLU A 167 -48.42 -27.89 38.10
CA GLU A 167 -47.85 -27.41 36.84
C GLU A 167 -47.04 -26.14 37.08
N LEU A 168 -45.74 -26.20 36.75
CA LEU A 168 -44.84 -25.09 37.02
C LEU A 168 -43.79 -24.92 35.93
N PHE A 169 -43.20 -26.03 35.47
CA PHE A 169 -42.10 -25.97 34.54
C PHE A 169 -42.58 -26.09 33.10
N THR A 170 -41.96 -25.30 32.22
CA THR A 170 -42.06 -25.55 30.79
C THR A 170 -41.25 -26.79 30.44
N ILE A 171 -41.81 -27.65 29.58
CA ILE A 171 -41.08 -28.82 29.13
C ILE A 171 -40.16 -28.42 27.98
N PRO A 172 -38.84 -28.48 28.18
CA PRO A 172 -37.93 -28.00 27.13
C PRO A 172 -37.75 -29.03 26.03
N GLU A 173 -37.34 -28.53 24.86
CA GLU A 173 -37.00 -29.35 23.72
C GLU A 173 -35.56 -29.08 23.32
N ALA A 174 -34.81 -30.14 23.02
CA ALA A 174 -33.48 -29.97 22.48
C ALA A 174 -33.54 -29.53 21.03
N ARG A 175 -32.55 -28.74 20.62
CA ARG A 175 -32.35 -28.40 19.21
C ARG A 175 -30.93 -28.78 18.84
N ILE A 176 -30.81 -29.88 18.10
CA ILE A 176 -29.51 -30.44 17.71
C ILE A 176 -29.33 -30.19 16.22
N PRO A 177 -28.23 -29.55 15.80
CA PRO A 177 -28.10 -29.17 14.38
C PRO A 177 -27.98 -30.39 13.48
N LYS A 178 -28.48 -30.23 12.25
CA LYS A 178 -28.41 -31.30 11.28
C LYS A 178 -26.97 -31.69 10.98
N VAL A 179 -26.08 -30.71 10.90
CA VAL A 179 -24.69 -30.92 10.51
C VAL A 179 -23.78 -30.52 11.67
N GLY A 180 -22.81 -31.38 11.97
CA GLY A 180 -21.80 -31.05 12.97
C GLY A 180 -22.24 -31.24 14.40
N ALA A 181 -23.23 -32.10 14.64
CA ALA A 181 -23.69 -32.35 16.01
C ALA A 181 -22.68 -33.16 16.83
N ARG A 182 -21.69 -33.79 16.18
CA ARG A 182 -20.70 -34.57 16.93
C ARG A 182 -19.37 -34.53 16.15
N ILE A 183 -18.62 -33.45 16.35
CA ILE A 183 -17.24 -33.39 15.89
C ILE A 183 -16.41 -34.39 16.67
N MET A 184 -15.58 -35.17 15.97
CA MET A 184 -14.82 -36.25 16.58
C MET A 184 -13.41 -35.80 16.90
N SER A 185 -12.79 -36.53 17.83
CA SER A 185 -11.40 -36.28 18.19
C SER A 185 -10.48 -36.56 17.01
N LEU A 186 -9.44 -35.72 16.87
CA LEU A 186 -8.50 -35.87 15.76
C LEU A 186 -7.61 -37.08 15.93
N VAL A 187 -7.38 -37.53 17.17
CA VAL A 187 -6.51 -38.68 17.41
C VAL A 187 -7.30 -39.98 17.63
N ASP A 188 -8.60 -39.90 17.88
CA ASP A 188 -9.46 -41.08 18.00
C ASP A 188 -10.80 -40.73 17.36
N PRO A 189 -10.96 -40.99 16.05
CA PRO A 189 -12.18 -40.56 15.36
C PRO A 189 -13.45 -41.25 15.83
N THR A 190 -13.34 -42.20 16.76
CA THR A 190 -14.52 -42.83 17.35
C THR A 190 -14.94 -42.20 18.66
N LYS A 191 -14.15 -41.27 19.20
CA LYS A 191 -14.53 -40.49 20.37
C LYS A 191 -14.84 -39.06 19.95
N LYS A 192 -15.77 -38.44 20.65
CA LYS A 192 -16.09 -37.04 20.37
C LYS A 192 -14.93 -36.15 20.79
N MET A 193 -14.76 -35.05 20.06
CA MET A 193 -13.77 -34.04 20.45
C MET A 193 -14.20 -33.41 21.76
N SER A 194 -13.27 -33.34 22.72
CA SER A 194 -13.54 -32.80 24.05
C SER A 194 -12.46 -31.79 24.43
N LYS A 195 -12.88 -30.69 25.06
CA LYS A 195 -11.95 -29.62 25.41
C LYS A 195 -11.07 -29.97 26.60
N SER A 196 -11.45 -30.98 27.37
CA SER A 196 -10.67 -31.45 28.50
C SER A 196 -9.96 -32.77 28.21
N ASP A 197 -9.87 -33.14 26.94
CA ASP A 197 -9.16 -34.36 26.57
C ASP A 197 -7.72 -34.28 27.09
N PRO A 198 -7.23 -35.32 27.76
CA PRO A 198 -5.82 -35.30 28.21
C PRO A 198 -4.80 -35.10 27.09
N ASN A 199 -5.09 -35.46 25.83
CA ASN A 199 -4.28 -35.10 24.69
C ASN A 199 -4.73 -33.75 24.14
N PRO A 200 -3.86 -32.74 24.15
CA PRO A 200 -4.11 -31.54 23.33
C PRO A 200 -4.30 -31.81 21.84
N LYS A 201 -3.66 -32.84 21.27
CA LYS A 201 -3.78 -33.11 19.83
C LYS A 201 -5.18 -33.56 19.43
N ALA A 202 -6.03 -33.92 20.40
CA ALA A 202 -7.37 -34.39 20.05
C ALA A 202 -8.28 -33.26 19.60
N TYR A 203 -8.02 -32.04 20.05
CA TYR A 203 -8.93 -30.93 19.81
C TYR A 203 -8.18 -29.74 19.23
N ILE A 204 -8.95 -28.85 18.60
CA ILE A 204 -8.50 -27.53 18.19
C ILE A 204 -9.25 -26.51 19.03
N THR A 205 -8.55 -25.79 19.89
CA THR A 205 -9.22 -24.70 20.59
C THR A 205 -9.32 -23.49 19.70
N LEU A 206 -10.28 -22.61 20.02
CA LEU A 206 -10.47 -21.39 19.25
C LEU A 206 -9.29 -20.45 19.36
N LEU A 207 -8.39 -20.68 20.32
CA LEU A 207 -7.23 -19.83 20.52
C LEU A 207 -5.93 -20.46 20.03
N ASP A 208 -6.00 -21.61 19.37
CA ASP A 208 -4.81 -22.25 18.83
C ASP A 208 -4.22 -21.40 17.71
N ASP A 209 -2.89 -21.24 17.72
CA ASP A 209 -2.26 -20.46 16.68
C ASP A 209 -2.06 -21.30 15.41
N ALA A 210 -1.59 -20.63 14.36
CA ALA A 210 -1.53 -21.25 13.04
C ALA A 210 -0.61 -22.47 13.04
N LYS A 211 0.58 -22.35 13.63
CA LYS A 211 1.50 -23.47 13.69
C LYS A 211 0.88 -24.65 14.44
N THR A 212 0.16 -24.37 15.53
CA THR A 212 -0.47 -25.44 16.30
C THR A 212 -1.57 -26.14 15.50
N ILE A 213 -2.43 -25.35 14.84
CA ILE A 213 -3.52 -25.93 14.07
C ILE A 213 -2.98 -26.80 12.94
N GLU A 214 -1.93 -26.32 12.26
CA GLU A 214 -1.30 -27.11 11.21
C GLU A 214 -0.80 -28.44 11.77
N LYS A 215 -0.16 -28.41 12.94
CA LYS A 215 0.37 -29.63 13.54
C LYS A 215 -0.74 -30.62 13.84
N LYS A 216 -1.83 -30.15 14.46
CA LYS A 216 -2.87 -31.06 14.92
C LYS A 216 -3.66 -31.65 13.77
N ILE A 217 -3.94 -30.85 12.73
CA ILE A 217 -4.65 -31.37 11.56
C ILE A 217 -3.79 -32.38 10.82
N LYS A 218 -2.51 -32.06 10.63
CA LYS A 218 -1.62 -32.96 9.91
C LYS A 218 -1.34 -34.23 10.70
N SER A 219 -1.47 -34.18 12.02
CA SER A 219 -1.29 -35.37 12.85
C SER A 219 -2.56 -36.21 12.99
N ALA A 220 -3.70 -35.71 12.51
CA ALA A 220 -4.97 -36.40 12.71
C ALA A 220 -4.92 -37.80 12.12
N VAL A 221 -5.46 -38.77 12.88
CA VAL A 221 -5.39 -40.17 12.47
C VAL A 221 -6.33 -40.42 11.31
N THR A 222 -5.81 -41.07 10.27
CA THR A 222 -6.58 -41.49 9.11
C THR A 222 -6.25 -42.95 8.80
N ASP A 223 -6.86 -43.47 7.74
CA ASP A 223 -6.47 -44.78 7.24
C ASP A 223 -5.29 -44.63 6.30
N SER A 224 -5.01 -45.65 5.50
CA SER A 224 -3.96 -45.58 4.49
C SER A 224 -4.50 -45.81 3.08
N GLU A 225 -5.82 -45.77 2.90
CA GLU A 225 -6.40 -46.06 1.59
C GLU A 225 -6.06 -44.98 0.57
N GLY A 226 -5.97 -43.72 0.99
CA GLY A 226 -5.55 -42.64 0.13
C GLY A 226 -6.65 -41.91 -0.60
N THR A 227 -7.88 -42.40 -0.54
CA THR A 227 -9.00 -41.75 -1.21
C THR A 227 -9.75 -40.88 -0.21
N ILE A 228 -10.13 -39.68 -0.65
CA ILE A 228 -10.80 -38.70 0.21
C ILE A 228 -12.30 -38.82 -0.10
N ARG A 229 -12.99 -39.61 0.71
CA ARG A 229 -14.43 -39.78 0.55
C ARG A 229 -15.06 -39.97 1.93
N TYR A 230 -16.32 -39.59 2.05
CA TYR A 230 -17.03 -39.67 3.32
C TYR A 230 -17.55 -41.09 3.52
N ASP A 231 -17.11 -41.74 4.60
CA ASP A 231 -17.59 -43.09 4.96
C ASP A 231 -17.20 -43.30 6.42
N LYS A 232 -18.17 -43.08 7.32
CA LYS A 232 -17.86 -43.09 8.74
C LYS A 232 -17.35 -44.44 9.22
N GLU A 233 -17.93 -45.53 8.70
CA GLU A 233 -17.56 -46.86 9.18
C GLU A 233 -16.16 -47.25 8.74
N ALA A 234 -15.83 -47.00 7.47
CA ALA A 234 -14.53 -47.40 6.93
C ALA A 234 -13.45 -46.33 7.13
N LYS A 235 -13.82 -45.06 7.08
CA LYS A 235 -12.86 -43.95 7.15
C LYS A 235 -13.37 -42.89 8.12
N PRO A 236 -13.41 -43.21 9.42
CA PRO A 236 -13.96 -42.23 10.38
C PRO A 236 -13.09 -40.99 10.53
N GLY A 237 -11.78 -41.12 10.37
CA GLY A 237 -10.89 -39.97 10.42
C GLY A 237 -11.13 -39.00 9.29
N ILE A 238 -11.03 -39.50 8.05
CA ILE A 238 -11.25 -38.66 6.87
C ILE A 238 -12.67 -38.10 6.87
N SER A 239 -13.64 -38.91 7.31
CA SER A 239 -15.02 -38.44 7.36
C SER A 239 -15.19 -37.27 8.32
N ASN A 240 -14.56 -37.35 9.50
CA ASN A 240 -14.61 -36.23 10.44
C ASN A 240 -13.97 -34.99 9.84
N LEU A 241 -12.83 -35.14 9.17
CA LEU A 241 -12.15 -33.99 8.57
C LEU A 241 -12.99 -33.37 7.46
N LEU A 242 -13.63 -34.20 6.62
CA LEU A 242 -14.51 -33.68 5.59
C LEU A 242 -15.68 -32.91 6.19
N ASN A 243 -16.23 -33.42 7.30
CA ASN A 243 -17.35 -32.74 7.96
C ASN A 243 -16.93 -31.38 8.49
N ILE A 244 -15.76 -31.30 9.12
CA ILE A 244 -15.25 -30.02 9.60
C ILE A 244 -15.01 -29.07 8.43
N TYR A 245 -14.31 -29.57 7.41
CA TYR A 245 -14.06 -28.79 6.20
C TYR A 245 -15.36 -28.25 5.60
N SER A 246 -16.36 -29.13 5.47
CA SER A 246 -17.59 -28.75 4.80
C SER A 246 -18.34 -27.65 5.56
N THR A 247 -18.54 -27.85 6.86
CA THR A 247 -19.34 -26.91 7.63
C THR A 247 -18.62 -25.59 7.87
N LEU A 248 -17.29 -25.58 7.82
CA LEU A 248 -16.56 -24.33 8.00
C LEU A 248 -16.40 -23.56 6.70
N SER A 249 -16.30 -24.27 5.57
CA SER A 249 -16.03 -23.63 4.29
C SER A 249 -17.29 -23.32 3.50
N GLY A 250 -18.41 -24.00 3.79
CA GLY A 250 -19.60 -23.83 3.00
C GLY A 250 -19.69 -24.72 1.78
N GLN A 251 -18.66 -25.52 1.51
CA GLN A 251 -18.72 -26.52 0.46
C GLN A 251 -19.39 -27.78 0.98
N SER A 252 -20.21 -28.40 0.13
CA SER A 252 -20.81 -29.67 0.51
C SER A 252 -19.74 -30.77 0.52
N ILE A 253 -20.09 -31.91 1.14
CA ILE A 253 -19.14 -33.01 1.21
C ILE A 253 -18.85 -33.55 -0.19
N GLU A 254 -19.89 -33.71 -1.01
CA GLU A 254 -19.69 -34.17 -2.38
C GLU A 254 -18.81 -33.20 -3.16
N GLU A 255 -19.04 -31.90 -2.99
CA GLU A 255 -18.21 -30.90 -3.65
C GLU A 255 -16.75 -31.03 -3.22
N LEU A 256 -16.52 -31.34 -1.94
CA LEU A 256 -15.15 -31.53 -1.47
C LEU A 256 -14.56 -32.84 -1.97
N GLU A 257 -15.40 -33.89 -2.04
CA GLU A 257 -14.93 -35.15 -2.61
C GLU A 257 -14.47 -34.97 -4.05
N ARG A 258 -15.22 -34.20 -4.84
CA ARG A 258 -14.82 -33.94 -6.23
C ARG A 258 -13.56 -33.08 -6.30
N GLN A 259 -13.45 -32.09 -5.41
CA GLN A 259 -12.30 -31.19 -5.44
C GLN A 259 -10.99 -31.93 -5.19
N TYR A 260 -11.02 -32.99 -4.36
CA TYR A 260 -9.82 -33.68 -3.97
C TYR A 260 -9.71 -35.06 -4.63
N GLU A 261 -10.40 -35.27 -5.75
CA GLU A 261 -10.20 -36.48 -6.54
C GLU A 261 -8.75 -36.56 -6.99
N GLY A 262 -8.15 -37.73 -6.82
CA GLY A 262 -6.78 -37.93 -7.22
C GLY A 262 -5.75 -37.21 -6.38
N LYS A 263 -6.15 -36.62 -5.25
CA LYS A 263 -5.24 -35.92 -4.36
C LYS A 263 -5.03 -36.73 -3.09
N GLY A 264 -3.89 -36.51 -2.45
CA GLY A 264 -3.55 -37.23 -1.25
C GLY A 264 -4.02 -36.54 0.02
N TYR A 265 -3.92 -37.27 1.14
CA TYR A 265 -4.33 -36.72 2.42
C TYR A 265 -3.47 -35.53 2.82
N GLY A 266 -2.24 -35.47 2.32
CA GLY A 266 -1.32 -34.42 2.74
C GLY A 266 -1.81 -33.03 2.37
N VAL A 267 -2.17 -32.84 1.09
CA VAL A 267 -2.67 -31.53 0.67
C VAL A 267 -4.06 -31.28 1.23
N PHE A 268 -4.87 -32.33 1.38
CA PHE A 268 -6.18 -32.20 2.00
C PHE A 268 -6.05 -31.63 3.42
N LYS A 269 -5.15 -32.21 4.22
CA LYS A 269 -4.96 -31.74 5.59
C LYS A 269 -4.40 -30.33 5.62
N ALA A 270 -3.40 -30.05 4.77
CA ALA A 270 -2.80 -28.72 4.73
C ALA A 270 -3.84 -27.66 4.38
N ASP A 271 -4.70 -27.95 3.42
CA ASP A 271 -5.76 -27.02 3.04
C ASP A 271 -6.75 -26.82 4.20
N LEU A 272 -7.16 -27.91 4.84
CA LEU A 272 -8.13 -27.81 5.92
C LEU A 272 -7.58 -26.98 7.07
N ALA A 273 -6.29 -27.11 7.37
CA ALA A 273 -5.68 -26.32 8.43
C ALA A 273 -5.82 -24.83 8.16
N GLN A 274 -5.62 -24.42 6.90
CA GLN A 274 -5.76 -23.01 6.56
C GLN A 274 -7.21 -22.55 6.60
N VAL A 275 -8.16 -23.44 6.25
CA VAL A 275 -9.56 -23.09 6.39
C VAL A 275 -9.90 -22.83 7.85
N VAL A 276 -9.37 -23.65 8.75
CA VAL A 276 -9.63 -23.45 10.17
C VAL A 276 -8.95 -22.17 10.65
N ILE A 277 -7.71 -21.93 10.22
CA ILE A 277 -6.98 -20.73 10.65
C ILE A 277 -7.73 -19.47 10.24
N GLU A 278 -8.16 -19.42 8.97
CA GLU A 278 -8.88 -18.24 8.48
C GLU A 278 -10.21 -18.07 9.20
N THR A 279 -10.85 -19.18 9.59
CA THR A 279 -12.09 -19.07 10.36
C THR A 279 -11.84 -18.43 11.72
N LEU A 280 -10.74 -18.80 12.37
CA LEU A 280 -10.47 -18.37 13.74
C LEU A 280 -9.84 -16.99 13.82
N ARG A 281 -9.28 -16.49 12.72
CA ARG A 281 -8.50 -15.25 12.76
C ARG A 281 -9.31 -14.05 13.25
N PRO A 282 -10.49 -13.73 12.70
CA PRO A 282 -11.24 -12.59 13.27
C PRO A 282 -11.77 -12.86 14.66
N ILE A 283 -12.06 -14.12 15.00
CA ILE A 283 -12.51 -14.44 16.34
C ILE A 283 -11.42 -14.16 17.36
N GLN A 284 -10.18 -14.55 17.04
CA GLN A 284 -9.09 -14.35 17.98
C GLN A 284 -8.76 -12.87 18.16
N GLU A 285 -8.92 -12.07 17.10
CA GLU A 285 -8.64 -10.64 17.22
C GLU A 285 -9.61 -9.96 18.17
N ARG A 286 -10.90 -10.25 18.04
CA ARG A 286 -11.89 -9.66 18.95
C ARG A 286 -11.79 -10.26 20.34
N TYR A 287 -11.34 -11.52 20.45
CA TYR A 287 -11.11 -12.12 21.76
C TYR A 287 -10.10 -11.31 22.56
N HIS A 288 -8.97 -10.96 21.94
CA HIS A 288 -7.95 -10.18 22.65
C HIS A 288 -8.48 -8.81 23.06
N HIS A 289 -9.46 -8.28 22.33
CA HIS A 289 -10.05 -7.00 22.70
C HIS A 289 -10.94 -7.12 23.94
N TRP A 290 -11.59 -8.27 24.11
CA TRP A 290 -12.45 -8.42 25.28
C TRP A 290 -11.65 -8.75 26.53
N MET A 291 -10.57 -9.52 26.37
CA MET A 291 -9.75 -9.88 27.53
C MET A 291 -9.01 -8.68 28.11
N GLU A 292 -8.80 -7.61 27.34
CA GLU A 292 -8.02 -6.48 27.80
C GLU A 292 -8.81 -5.46 28.60
N SER A 293 -10.13 -5.57 28.67
CA SER A 293 -10.96 -4.44 29.01
C SER A 293 -11.87 -4.73 30.20
N GLU A 294 -12.24 -3.65 30.89
CA GLU A 294 -13.20 -3.71 31.98
C GLU A 294 -14.62 -3.98 31.51
N GLU A 295 -14.90 -3.72 30.22
CA GLU A 295 -16.25 -3.91 29.71
C GLU A 295 -16.69 -5.37 29.76
N LEU A 296 -15.75 -6.31 29.80
CA LEU A 296 -16.11 -7.71 29.92
C LEU A 296 -16.79 -7.98 31.26
N ASP A 297 -16.25 -7.42 32.34
CA ASP A 297 -16.84 -7.64 33.67
C ASP A 297 -18.18 -6.94 33.80
N ARG A 298 -18.33 -5.77 33.18
CA ARG A 298 -19.63 -5.08 33.21
C ARG A 298 -20.71 -5.88 32.50
N VAL A 299 -20.37 -6.48 31.37
CA VAL A 299 -21.32 -7.35 30.67
C VAL A 299 -21.75 -8.49 31.59
N LEU A 300 -20.79 -9.13 32.25
CA LEU A 300 -21.06 -10.22 33.17
C LEU A 300 -21.86 -9.77 34.38
N ASP A 301 -21.55 -8.58 34.90
CA ASP A 301 -22.33 -8.03 36.00
C ASP A 301 -23.79 -7.90 35.64
N GLU A 302 -24.07 -7.30 34.49
CA GLU A 302 -25.46 -7.06 34.09
C GLU A 302 -26.17 -8.37 33.74
N GLY A 303 -25.45 -9.31 33.13
CA GLY A 303 -26.05 -10.59 32.83
C GLY A 303 -26.49 -11.34 34.08
N ALA A 304 -25.65 -11.30 35.12
CA ALA A 304 -26.00 -12.01 36.35
C ALA A 304 -27.17 -11.34 37.07
N GLU A 305 -27.23 -10.00 37.04
CA GLU A 305 -28.36 -9.30 37.64
C GLU A 305 -29.66 -9.69 36.96
N LYS A 306 -29.66 -9.78 35.63
CA LYS A 306 -30.88 -10.14 34.91
C LYS A 306 -31.26 -11.59 35.15
N ALA A 307 -30.30 -12.51 35.05
CA ALA A 307 -30.58 -13.91 35.31
C ALA A 307 -31.03 -14.14 36.74
N ASN A 308 -30.47 -13.38 37.70
CA ASN A 308 -30.87 -13.54 39.10
C ASN A 308 -32.33 -13.13 39.32
N ARG A 309 -32.78 -12.09 38.62
CA ARG A 309 -34.16 -11.64 38.76
C ARG A 309 -35.13 -12.75 38.34
N VAL A 310 -34.85 -13.40 37.21
CA VAL A 310 -35.75 -14.44 36.71
C VAL A 310 -35.60 -15.72 37.52
N ALA A 311 -34.36 -16.13 37.79
CA ALA A 311 -34.13 -17.44 38.39
C ALA A 311 -34.58 -17.48 39.86
N SER A 312 -34.35 -16.39 40.59
CA SER A 312 -34.74 -16.38 42.01
C SER A 312 -36.26 -16.42 42.17
N GLU A 313 -37.01 -15.87 41.22
CA GLU A 313 -38.46 -15.96 41.28
C GLU A 313 -38.93 -17.39 41.06
N MET A 314 -38.30 -18.11 40.13
CA MET A 314 -38.65 -19.50 39.91
C MET A 314 -38.33 -20.35 41.14
N VAL A 315 -37.22 -20.05 41.82
CA VAL A 315 -36.87 -20.80 43.02
C VAL A 315 -37.91 -20.58 44.11
N ARG A 316 -38.42 -19.35 44.23
CA ARG A 316 -39.50 -19.09 45.17
C ARG A 316 -40.73 -19.93 44.86
N LYS A 317 -41.06 -20.07 43.57
CA LYS A 317 -42.20 -20.90 43.19
C LYS A 317 -41.92 -22.37 43.42
N MET A 318 -40.68 -22.81 43.16
CA MET A 318 -40.31 -24.19 43.43
C MET A 318 -40.41 -24.50 44.92
N GLU A 319 -39.88 -23.61 45.77
CA GLU A 319 -39.94 -23.82 47.21
C GLU A 319 -41.39 -23.88 47.68
N GLN A 320 -42.23 -22.96 47.20
CA GLN A 320 -43.63 -22.95 47.59
C GLN A 320 -44.33 -24.24 47.20
N ALA A 321 -44.00 -24.78 46.02
CA ALA A 321 -44.64 -26.01 45.56
C ALA A 321 -44.23 -27.19 46.43
N MET A 322 -42.97 -27.24 46.86
CA MET A 322 -42.47 -28.34 47.66
C MET A 322 -42.75 -28.18 49.15
N GLY A 323 -43.11 -26.99 49.60
CA GLY A 323 -43.35 -26.75 51.01
C GLY A 323 -42.15 -26.27 51.79
N LEU A 324 -41.03 -25.99 51.11
CA LEU A 324 -39.85 -25.50 51.80
C LEU A 324 -40.08 -24.09 52.35
N GLY A 325 -39.35 -23.76 53.41
CA GLY A 325 -39.36 -22.41 53.95
C GLY A 325 -40.70 -21.98 54.50
N ARG A 326 -40.99 -20.70 54.34
CA ARG A 326 -42.24 -20.11 54.80
C ARG A 326 -42.98 -19.41 53.67
N MET B 1 29.21 15.21 -37.79
CA MET B 1 28.91 15.37 -36.38
C MET B 1 29.80 16.44 -35.76
N LYS B 2 29.19 17.53 -35.32
CA LYS B 2 29.96 18.63 -34.76
C LYS B 2 30.28 18.37 -33.29
N THR B 3 31.25 19.12 -32.78
CA THR B 3 31.82 18.88 -31.45
C THR B 3 31.39 19.97 -30.49
N ILE B 4 31.03 19.56 -29.27
CA ILE B 4 30.61 20.47 -28.21
C ILE B 4 31.60 20.36 -27.06
N PHE B 5 32.00 21.50 -26.51
CA PHE B 5 32.71 21.56 -25.24
C PHE B 5 32.02 22.55 -24.33
N SER B 6 31.95 22.19 -23.05
CA SER B 6 31.47 23.11 -22.02
C SER B 6 31.98 22.64 -20.67
N GLY B 7 32.24 23.61 -19.78
CA GLY B 7 32.81 23.30 -18.49
C GLY B 7 32.09 24.04 -17.38
N ILE B 8 32.23 23.50 -16.17
CA ILE B 8 31.64 24.07 -14.96
C ILE B 8 32.68 24.07 -13.85
N GLN B 9 32.78 25.19 -13.13
CA GLN B 9 33.76 25.34 -12.06
C GLN B 9 33.30 24.61 -10.81
N PRO B 10 34.16 23.77 -10.20
CA PRO B 10 33.89 23.22 -8.87
C PRO B 10 34.22 24.19 -7.74
N SER B 11 33.81 25.45 -7.92
CA SER B 11 33.96 26.50 -6.92
C SER B 11 32.89 26.46 -5.85
N GLY B 12 32.13 25.38 -5.79
CA GLY B 12 30.96 25.28 -4.95
C GLY B 12 30.05 24.21 -5.51
N VAL B 13 28.85 24.14 -4.94
CA VAL B 13 27.83 23.23 -5.44
C VAL B 13 27.00 23.98 -6.47
N ILE B 14 26.82 23.38 -7.65
CA ILE B 14 26.19 24.08 -8.75
C ILE B 14 24.73 24.40 -8.41
N THR B 15 24.23 25.48 -8.99
CA THR B 15 22.93 26.03 -8.66
C THR B 15 21.92 25.76 -9.77
N ILE B 16 20.67 26.13 -9.49
CA ILE B 16 19.64 26.07 -10.52
C ILE B 16 19.96 27.03 -11.65
N GLY B 17 20.79 28.04 -11.40
CA GLY B 17 21.29 28.87 -12.48
C GLY B 17 22.22 28.10 -13.41
N ASN B 18 23.20 27.39 -12.84
CA ASN B 18 24.05 26.52 -13.65
C ASN B 18 23.20 25.51 -14.41
N TYR B 19 22.20 24.93 -13.74
CA TYR B 19 21.39 23.89 -14.36
C TYR B 19 20.58 24.45 -15.51
N ILE B 20 19.80 25.50 -15.26
CA ILE B 20 18.90 26.04 -16.28
C ILE B 20 19.69 26.63 -17.45
N GLY B 21 20.77 27.34 -17.14
CA GLY B 21 21.53 28.00 -18.20
C GLY B 21 22.46 27.11 -18.98
N ALA B 22 22.85 25.96 -18.43
CA ALA B 22 23.86 25.14 -19.08
C ALA B 22 23.59 23.64 -18.98
N LEU B 23 23.69 23.10 -17.75
CA LEU B 23 23.77 21.65 -17.58
C LEU B 23 22.52 20.95 -18.10
N ARG B 24 21.35 21.55 -17.92
CA ARG B 24 20.11 20.94 -18.40
C ARG B 24 20.19 20.65 -19.90
N GLN B 25 20.77 21.57 -20.66
CA GLN B 25 20.87 21.38 -22.11
C GLN B 25 21.94 20.36 -22.48
N PHE B 26 22.96 20.19 -21.63
CA PHE B 26 23.97 19.17 -21.86
C PHE B 26 23.33 17.81 -22.06
N VAL B 27 22.29 17.50 -21.27
CA VAL B 27 21.65 16.20 -21.29
C VAL B 27 21.00 15.95 -22.64
N GLU B 28 20.48 16.99 -23.29
CA GLU B 28 19.90 16.81 -24.62
C GLU B 28 20.96 16.79 -25.70
N LEU B 29 22.00 17.63 -25.55
CA LEU B 29 22.98 17.78 -26.62
C LEU B 29 23.88 16.55 -26.75
N GLN B 30 24.03 15.77 -25.69
CA GLN B 30 24.92 14.62 -25.72
C GLN B 30 24.52 13.60 -26.78
N HIS B 31 23.25 13.58 -27.18
CA HIS B 31 22.78 12.66 -28.20
C HIS B 31 22.94 13.20 -29.60
N GLU B 32 23.11 14.52 -29.77
CA GLU B 32 23.19 15.12 -31.09
C GLU B 32 24.60 15.48 -31.51
N TYR B 33 25.55 15.54 -30.58
CA TYR B 33 26.88 16.06 -30.88
C TYR B 33 27.94 15.21 -30.19
N ASN B 34 29.17 15.34 -30.68
CA ASN B 34 30.34 14.79 -30.00
C ASN B 34 30.69 15.73 -28.85
N CYS B 35 30.50 15.28 -27.62
CA CYS B 35 30.45 16.17 -26.47
C CYS B 35 31.61 15.92 -25.52
N TYR B 36 32.22 17.02 -25.08
CA TYR B 36 33.19 17.01 -23.98
C TYR B 36 32.64 17.93 -22.89
N PHE B 37 32.46 17.37 -21.69
CA PHE B 37 31.99 18.14 -20.53
C PHE B 37 33.03 18.05 -19.44
N CYS B 38 33.42 19.20 -18.91
CA CYS B 38 34.62 19.31 -18.08
C CYS B 38 34.32 19.89 -16.72
N ILE B 39 35.01 19.36 -15.71
CA ILE B 39 35.07 19.95 -14.37
C ILE B 39 36.35 20.76 -14.32
N VAL B 40 36.22 22.08 -14.40
CA VAL B 40 37.38 22.95 -14.63
C VAL B 40 37.90 23.37 -13.26
N ASP B 41 38.67 22.47 -12.65
CA ASP B 41 39.20 22.77 -11.32
C ASP B 41 40.33 23.77 -11.38
N GLN B 42 41.04 23.89 -12.51
CA GLN B 42 42.09 24.88 -12.61
C GLN B 42 41.53 26.29 -12.71
N HIS B 43 40.32 26.45 -13.26
CA HIS B 43 39.65 27.74 -13.21
C HIS B 43 39.18 28.07 -11.80
N ALA B 44 38.78 27.04 -11.03
CA ALA B 44 38.24 27.27 -9.70
C ALA B 44 39.26 27.95 -8.79
N ILE B 45 40.54 27.62 -8.94
CA ILE B 45 41.56 28.11 -8.01
C ILE B 45 42.08 29.48 -8.42
N THR B 46 41.45 30.13 -9.40
CA THR B 46 41.80 31.52 -9.66
C THR B 46 41.37 32.42 -8.51
N VAL B 47 40.53 31.93 -7.60
CA VAL B 47 40.28 32.57 -6.31
C VAL B 47 40.48 31.49 -5.25
N TRP B 48 40.58 31.94 -4.00
CA TRP B 48 40.84 31.02 -2.90
C TRP B 48 39.79 29.91 -2.84
N GLN B 49 40.27 28.67 -2.78
CA GLN B 49 39.43 27.52 -2.51
C GLN B 49 40.08 26.73 -1.37
N ASP B 50 39.30 26.40 -0.35
CA ASP B 50 39.79 25.50 0.67
C ASP B 50 40.08 24.14 0.04
N PRO B 51 41.26 23.57 0.26
CA PRO B 51 41.61 22.32 -0.45
C PRO B 51 40.64 21.18 -0.19
N HIS B 52 40.18 21.02 1.06
CA HIS B 52 39.24 19.94 1.34
C HIS B 52 37.91 20.17 0.64
N GLU B 53 37.41 21.42 0.65
CA GLU B 53 36.16 21.71 -0.04
C GLU B 53 36.29 21.53 -1.54
N LEU B 54 37.44 21.93 -2.11
CA LEU B 54 37.65 21.78 -3.55
C LEU B 54 37.63 20.32 -3.97
N ARG B 55 38.42 19.48 -3.27
CA ARG B 55 38.42 18.05 -3.55
C ARG B 55 37.01 17.47 -3.50
N GLN B 56 36.21 17.90 -2.53
CA GLN B 56 34.85 17.40 -2.41
C GLN B 56 33.95 17.94 -3.52
N ASN B 57 34.07 19.22 -3.84
CA ASN B 57 33.22 19.81 -4.87
C ASN B 57 33.52 19.24 -6.25
N ILE B 58 34.76 18.78 -6.48
CA ILE B 58 35.08 18.13 -7.74
C ILE B 58 34.29 16.84 -7.90
N ARG B 59 34.27 16.02 -6.83
CA ARG B 59 33.50 14.79 -6.86
C ARG B 59 32.01 15.09 -6.93
N ARG B 60 31.55 16.08 -6.17
CA ARG B 60 30.13 16.44 -6.20
C ARG B 60 29.69 16.86 -7.59
N LEU B 61 30.50 17.69 -8.27
CA LEU B 61 30.14 18.12 -9.62
C LEU B 61 30.11 16.95 -10.58
N ALA B 62 31.10 16.05 -10.49
CA ALA B 62 31.10 14.85 -11.32
C ALA B 62 29.83 14.03 -11.10
N ALA B 63 29.45 13.87 -9.82
CA ALA B 63 28.25 13.09 -9.51
C ALA B 63 26.99 13.77 -10.04
N LEU B 64 26.94 15.10 -9.98
CA LEU B 64 25.74 15.80 -10.44
C LEU B 64 25.65 15.82 -11.96
N TYR B 65 26.78 15.87 -12.66
CA TYR B 65 26.80 15.67 -14.11
C TYR B 65 26.06 14.39 -14.47
N LEU B 66 26.42 13.28 -13.83
CA LEU B 66 25.81 12.00 -14.15
C LEU B 66 24.41 11.88 -13.56
N ALA B 67 24.17 12.53 -12.42
CA ALA B 67 22.86 12.42 -11.78
C ALA B 67 21.76 13.07 -12.62
N VAL B 68 22.08 14.18 -13.29
CA VAL B 68 21.10 14.82 -14.16
C VAL B 68 20.93 14.09 -15.49
N GLY B 69 21.80 13.16 -15.81
CA GLY B 69 21.55 12.28 -16.95
C GLY B 69 22.61 12.23 -18.04
N ILE B 70 23.79 12.80 -17.79
CA ILE B 70 24.88 12.68 -18.76
C ILE B 70 25.30 11.21 -18.83
N ASP B 71 25.24 10.64 -20.03
CA ASP B 71 25.63 9.24 -20.24
C ASP B 71 27.13 9.21 -20.55
N PRO B 72 27.96 8.59 -19.71
CA PRO B 72 29.40 8.59 -19.98
C PRO B 72 29.81 7.79 -21.21
N THR B 73 28.91 7.01 -21.80
CA THR B 73 29.18 6.37 -23.08
C THR B 73 28.78 7.24 -24.26
N GLN B 74 28.04 8.32 -24.03
CA GLN B 74 27.67 9.26 -25.07
C GLN B 74 28.44 10.57 -25.00
N ALA B 75 29.01 10.91 -23.84
CA ALA B 75 29.80 12.13 -23.69
C ALA B 75 31.05 11.81 -22.90
N THR B 76 32.08 12.63 -23.12
CA THR B 76 33.34 12.50 -22.40
C THR B 76 33.35 13.46 -21.23
N LEU B 77 33.40 12.92 -20.01
CA LEU B 77 33.37 13.69 -18.78
C LEU B 77 34.69 13.53 -18.06
N PHE B 78 35.34 14.65 -17.76
CA PHE B 78 36.71 14.58 -17.24
C PHE B 78 37.03 15.83 -16.43
N ILE B 79 38.15 15.76 -15.71
CA ILE B 79 38.62 16.84 -14.85
C ILE B 79 39.75 17.58 -15.56
N GLN B 80 39.63 18.90 -15.61
CA GLN B 80 40.57 19.76 -16.32
C GLN B 80 42.02 19.44 -15.96
N SER B 81 42.33 19.42 -14.66
CA SER B 81 43.71 19.26 -14.22
C SER B 81 44.29 17.89 -14.54
N GLU B 82 43.45 16.91 -14.84
CA GLU B 82 43.94 15.58 -15.21
C GLU B 82 44.33 15.48 -16.67
N VAL B 83 44.20 16.57 -17.43
CA VAL B 83 44.65 16.65 -18.81
C VAL B 83 45.64 17.80 -18.92
N PRO B 84 46.95 17.51 -18.88
CA PRO B 84 47.95 18.59 -18.85
C PRO B 84 47.91 19.50 -20.07
N ALA B 85 47.36 19.03 -21.20
CA ALA B 85 47.31 19.84 -22.41
C ALA B 85 46.61 21.18 -22.18
N HIS B 86 45.68 21.23 -21.23
CA HIS B 86 44.95 22.46 -20.97
C HIS B 86 45.87 23.54 -20.44
N ALA B 87 46.74 23.21 -19.49
CA ALA B 87 47.70 24.19 -18.98
C ALA B 87 48.74 24.54 -20.04
N GLN B 88 49.18 23.55 -20.81
CA GLN B 88 50.15 23.80 -21.88
C GLN B 88 49.58 24.74 -22.94
N ALA B 89 48.36 24.47 -23.39
CA ALA B 89 47.74 25.33 -24.38
C ALA B 89 47.37 26.69 -23.79
N ALA B 90 47.05 26.73 -22.49
CA ALA B 90 46.78 28.00 -21.84
C ALA B 90 48.00 28.91 -21.91
N TRP B 91 49.20 28.36 -21.74
CA TRP B 91 50.40 29.18 -21.79
C TRP B 91 50.61 29.77 -23.17
N MET B 92 50.46 28.94 -24.21
CA MET B 92 50.67 29.43 -25.57
C MET B 92 49.65 30.51 -25.92
N LEU B 93 48.41 30.34 -25.50
CA LEU B 93 47.39 31.35 -25.78
C LEU B 93 47.59 32.60 -24.94
N GLN B 94 48.20 32.47 -23.75
CA GLN B 94 48.57 33.64 -22.98
C GLN B 94 49.61 34.49 -23.72
N CYS B 95 50.44 33.86 -24.53
CA CYS B 95 51.40 34.56 -25.37
C CYS B 95 50.76 35.13 -26.63
N ILE B 96 49.50 34.82 -26.88
CA ILE B 96 48.76 35.35 -28.02
C ILE B 96 47.89 36.54 -27.61
N VAL B 97 47.28 36.47 -26.43
CA VAL B 97 46.36 37.49 -25.97
C VAL B 97 47.16 38.68 -25.43
N TYR B 98 46.58 39.86 -25.55
CA TYR B 98 47.18 41.09 -25.04
C TYR B 98 46.58 41.42 -23.67
N ILE B 99 47.37 42.07 -22.83
CA ILE B 99 46.95 42.39 -21.47
C ILE B 99 45.68 43.22 -21.49
N GLY B 100 45.59 44.17 -22.42
CA GLY B 100 44.40 45.02 -22.49
C GLY B 100 43.13 44.26 -22.78
N GLU B 101 43.21 43.19 -23.56
CA GLU B 101 42.03 42.38 -23.84
C GLU B 101 41.54 41.66 -22.59
N LEU B 102 42.45 41.26 -21.70
CA LEU B 102 42.04 40.57 -20.48
C LEU B 102 41.49 41.56 -19.46
N GLU B 103 42.06 42.77 -19.38
CA GLU B 103 41.65 43.72 -18.36
C GLU B 103 40.25 44.26 -18.62
N ARG B 104 39.80 44.25 -19.88
CA ARG B 104 38.48 44.75 -20.23
C ARG B 104 37.40 43.69 -20.14
N MET B 105 37.75 42.46 -19.80
CA MET B 105 36.76 41.40 -19.65
C MET B 105 35.80 41.74 -18.51
N THR B 106 34.50 41.56 -18.75
CA THR B 106 33.51 41.91 -17.75
C THR B 106 33.63 41.03 -16.52
N GLN B 107 33.82 39.72 -16.71
CA GLN B 107 33.96 38.83 -15.56
C GLN B 107 35.12 39.27 -14.67
N PHE B 108 36.28 39.54 -15.27
CA PHE B 108 37.44 39.96 -14.49
C PHE B 108 37.16 41.23 -13.70
N LYS B 109 36.56 42.23 -14.37
CA LYS B 109 36.32 43.51 -13.71
C LYS B 109 35.34 43.36 -12.55
N GLU B 110 34.30 42.55 -12.72
CA GLU B 110 33.35 42.34 -11.63
C GLU B 110 33.97 41.49 -10.52
N LYS B 111 34.76 40.47 -10.88
CA LYS B 111 35.33 39.58 -9.88
C LYS B 111 36.42 40.27 -9.07
N SER B 112 37.14 41.22 -9.66
CA SER B 112 38.20 41.94 -9.00
C SER B 112 37.76 43.28 -8.42
N ALA B 113 36.48 43.62 -8.55
CA ALA B 113 36.01 44.95 -8.17
C ALA B 113 36.19 45.20 -6.68
N GLY B 114 36.80 46.34 -6.36
CA GLY B 114 36.99 46.77 -4.97
C GLY B 114 37.82 45.82 -4.13
N LYS B 115 38.28 44.73 -4.74
CA LYS B 115 38.95 43.65 -4.01
C LYS B 115 40.39 44.03 -3.66
N GLU B 116 40.84 43.51 -2.52
CA GLU B 116 42.19 43.71 -2.00
C GLU B 116 43.26 43.44 -3.05
N ALA B 117 43.70 42.20 -3.17
CA ALA B 117 44.73 41.80 -4.11
C ALA B 117 44.19 40.66 -4.96
N VAL B 118 44.39 40.75 -6.27
CA VAL B 118 43.79 39.84 -7.23
C VAL B 118 44.88 38.97 -7.84
N SER B 119 44.61 37.67 -7.89
CA SER B 119 45.59 36.74 -8.44
C SER B 119 45.72 36.95 -9.95
N ALA B 120 46.93 36.65 -10.46
CA ALA B 120 47.14 36.72 -11.90
C ALA B 120 46.28 35.71 -12.64
N GLY B 121 45.98 34.58 -11.99
CA GLY B 121 45.10 33.60 -12.61
C GLY B 121 43.71 34.14 -12.92
N LEU B 122 43.21 35.06 -12.08
CA LEU B 122 41.92 35.67 -12.36
C LEU B 122 41.98 36.47 -13.66
N LEU B 123 43.07 37.20 -13.87
CA LEU B 123 43.21 37.96 -15.11
C LEU B 123 43.35 37.04 -16.31
N THR B 124 44.14 35.98 -16.19
CA THR B 124 44.38 35.04 -17.27
C THR B 124 43.37 33.90 -17.31
N TYR B 125 42.22 34.08 -16.65
CA TYR B 125 41.11 33.15 -16.79
C TYR B 125 40.72 32.88 -18.25
N PRO B 126 40.61 33.87 -19.14
CA PRO B 126 40.13 33.58 -20.51
C PRO B 126 41.06 32.71 -21.32
N PRO B 127 42.39 32.95 -21.31
CA PRO B 127 43.26 32.06 -22.11
C PRO B 127 43.15 30.59 -21.74
N LEU B 128 42.94 30.27 -20.46
CA LEU B 128 42.71 28.87 -20.09
C LEU B 128 41.36 28.38 -20.61
N MET B 129 40.34 29.23 -20.54
CA MET B 129 39.04 28.87 -21.09
C MET B 129 39.11 28.68 -22.59
N ALA B 130 39.84 29.56 -23.28
CA ALA B 130 40.04 29.40 -24.72
C ALA B 130 40.75 28.08 -25.02
N ALA B 131 41.73 27.71 -24.19
CA ALA B 131 42.42 26.44 -24.38
C ALA B 131 41.46 25.27 -24.23
N ASP B 132 40.63 25.29 -23.18
CA ASP B 132 39.61 24.27 -22.99
C ASP B 132 38.83 24.01 -24.28
N ILE B 133 38.40 25.09 -24.93
CA ILE B 133 37.52 24.97 -26.09
C ILE B 133 38.31 24.53 -27.32
N LEU B 134 39.40 25.25 -27.63
CA LEU B 134 40.09 25.06 -28.90
C LEU B 134 40.82 23.72 -28.98
N LEU B 135 41.13 23.09 -27.85
CA LEU B 135 41.91 21.85 -27.89
C LEU B 135 41.17 20.72 -28.58
N TYR B 136 39.84 20.76 -28.59
CA TYR B 136 39.03 19.65 -29.08
C TYR B 136 38.34 19.98 -30.39
N ASN B 137 38.83 21.01 -31.11
CA ASN B 137 38.25 21.47 -32.36
C ASN B 137 36.75 21.71 -32.21
N THR B 138 36.41 22.42 -31.14
CA THR B 138 35.01 22.60 -30.75
C THR B 138 34.28 23.48 -31.76
N ASP B 139 33.08 23.04 -32.15
CA ASP B 139 32.21 23.84 -33.00
C ASP B 139 31.23 24.68 -32.20
N ILE B 140 30.70 24.13 -31.10
CA ILE B 140 29.61 24.75 -30.35
C ILE B 140 29.94 24.73 -28.87
N VAL B 141 29.68 25.85 -28.20
CA VAL B 141 29.91 25.97 -26.76
C VAL B 141 28.61 26.37 -26.07
N PRO B 142 27.89 25.43 -25.45
CA PRO B 142 26.63 25.76 -24.78
C PRO B 142 26.89 26.38 -23.41
N VAL B 143 26.41 27.61 -23.23
CA VAL B 143 26.69 28.39 -22.02
C VAL B 143 25.54 29.34 -21.75
N GLY B 144 25.52 29.89 -20.53
CA GLY B 144 24.67 31.02 -20.22
C GLY B 144 25.25 32.32 -20.74
N GLU B 145 24.47 33.39 -20.63
CA GLU B 145 24.84 34.67 -21.23
C GLU B 145 26.14 35.21 -20.65
N ASP B 146 26.47 34.87 -19.40
CA ASP B 146 27.64 35.43 -18.74
C ASP B 146 28.95 35.03 -19.41
N GLN B 147 28.95 33.96 -20.20
CA GLN B 147 30.16 33.48 -20.85
C GLN B 147 30.28 33.92 -22.31
N LYS B 148 29.34 34.72 -22.80
CA LYS B 148 29.37 35.14 -24.20
C LYS B 148 30.65 35.91 -24.52
N GLN B 149 31.04 36.84 -23.65
CA GLN B 149 32.24 37.64 -23.92
C GLN B 149 33.49 36.77 -23.96
N HIS B 150 33.60 35.79 -23.08
CA HIS B 150 34.76 34.92 -23.08
C HIS B 150 34.87 34.14 -24.38
N ILE B 151 33.74 33.72 -24.93
CA ILE B 151 33.75 32.97 -26.19
C ILE B 151 34.07 33.88 -27.36
N GLU B 152 33.63 35.15 -27.31
CA GLU B 152 34.03 36.11 -28.32
C GLU B 152 35.55 36.28 -28.34
N LEU B 153 36.17 36.37 -27.17
CA LEU B 153 37.63 36.48 -27.11
C LEU B 153 38.29 35.21 -27.61
N THR B 154 37.73 34.05 -27.27
CA THR B 154 38.26 32.78 -27.76
C THR B 154 38.30 32.76 -29.28
N ARG B 155 37.22 33.25 -29.92
CA ARG B 155 37.21 33.33 -31.38
C ARG B 155 38.30 34.26 -31.89
N ASP B 156 38.50 35.39 -31.23
CA ASP B 156 39.57 36.31 -31.62
C ASP B 156 40.93 35.63 -31.52
N LEU B 157 41.17 34.90 -30.42
CA LEU B 157 42.46 34.26 -30.22
C LEU B 157 42.71 33.15 -31.23
N ALA B 158 41.66 32.38 -31.55
CA ALA B 158 41.78 31.36 -32.57
C ALA B 158 42.13 31.97 -33.93
N GLU B 159 41.43 33.06 -34.29
CA GLU B 159 41.71 33.72 -35.56
C GLU B 159 43.12 34.30 -35.58
N ARG B 160 43.55 34.91 -34.46
CA ARG B 160 44.89 35.47 -34.40
C ARG B 160 45.95 34.39 -34.60
N PHE B 161 45.81 33.28 -33.88
CA PHE B 161 46.73 32.15 -34.07
C PHE B 161 46.68 31.65 -35.51
N ASN B 162 45.47 31.49 -36.06
CA ASN B 162 45.34 30.94 -37.40
C ASN B 162 46.04 31.82 -38.44
N LYS B 163 45.95 33.13 -38.29
CA LYS B 163 46.52 34.04 -39.28
C LYS B 163 47.97 34.43 -38.97
N ARG B 164 48.41 34.28 -37.72
CA ARG B 164 49.81 34.53 -37.40
C ARG B 164 50.69 33.34 -37.74
N TYR B 165 50.18 32.12 -37.58
CA TYR B 165 50.96 30.90 -37.72
C TYR B 165 50.48 30.01 -38.85
N GLY B 166 49.19 29.71 -38.91
CA GLY B 166 48.64 28.82 -39.91
C GLY B 166 47.29 28.28 -39.49
N GLU B 167 46.45 27.90 -40.45
CA GLU B 167 45.10 27.43 -40.15
C GLU B 167 45.15 26.17 -39.30
N LEU B 168 44.73 26.26 -38.04
CA LEU B 168 44.77 25.12 -37.13
C LEU B 168 43.49 24.97 -36.33
N PHE B 169 42.93 26.05 -35.81
CA PHE B 169 41.79 25.97 -34.90
C PHE B 169 40.46 26.11 -35.63
N THR B 170 39.48 25.34 -35.19
CA THR B 170 38.10 25.62 -35.55
C THR B 170 37.62 26.84 -34.78
N ILE B 171 36.87 27.71 -35.46
CA ILE B 171 36.31 28.90 -34.83
C ILE B 171 35.03 28.50 -34.11
N PRO B 172 34.99 28.53 -32.78
CA PRO B 172 33.80 28.08 -32.07
C PRO B 172 32.68 29.12 -32.08
N GLU B 173 31.47 28.63 -31.89
CA GLU B 173 30.28 29.46 -31.75
C GLU B 173 29.61 29.15 -30.42
N ALA B 174 29.21 30.20 -29.71
CA ALA B 174 28.43 30.01 -28.50
C ALA B 174 27.00 29.58 -28.86
N ARG B 175 26.41 28.79 -27.97
CA ARG B 175 24.98 28.48 -28.04
C ARG B 175 24.37 28.84 -26.69
N ILE B 176 23.66 29.95 -26.66
CA ILE B 176 23.05 30.48 -25.45
C ILE B 176 21.55 30.25 -25.54
N PRO B 177 20.94 29.59 -24.55
CA PRO B 177 19.51 29.27 -24.66
C PRO B 177 18.66 30.52 -24.67
N LYS B 178 17.53 30.42 -25.38
CA LYS B 178 16.62 31.55 -25.48
C LYS B 178 16.02 31.90 -24.12
N VAL B 179 15.71 30.90 -23.31
CA VAL B 179 15.11 31.09 -22.00
C VAL B 179 16.09 30.64 -20.93
N GLY B 180 16.23 31.45 -19.88
CA GLY B 180 17.03 31.08 -18.73
C GLY B 180 18.51 31.29 -18.88
N ALA B 181 18.95 32.13 -19.81
CA ALA B 181 20.37 32.39 -20.01
C ALA B 181 20.99 33.16 -18.87
N ARG B 182 20.18 33.76 -17.98
CA ARG B 182 20.73 34.55 -16.88
C ARG B 182 19.73 34.53 -15.72
N ILE B 183 19.78 33.43 -14.95
CA ILE B 183 19.06 33.37 -13.69
C ILE B 183 19.69 34.34 -12.71
N MET B 184 18.86 35.15 -12.06
CA MET B 184 19.34 36.22 -11.19
C MET B 184 19.38 35.76 -9.73
N SER B 185 20.20 36.47 -8.95
CA SER B 185 20.32 36.19 -7.53
C SER B 185 18.98 36.46 -6.83
N LEU B 186 18.65 35.59 -5.86
CA LEU B 186 17.39 35.75 -5.14
C LEU B 186 17.43 36.96 -4.22
N VAL B 187 18.61 37.37 -3.77
CA VAL B 187 18.73 38.50 -2.86
C VAL B 187 19.06 39.81 -3.56
N ASP B 188 19.54 39.76 -4.81
CA ASP B 188 19.80 40.96 -5.60
C ASP B 188 19.42 40.63 -7.03
N PRO B 189 18.17 40.91 -7.43
CA PRO B 189 17.71 40.51 -8.77
C PRO B 189 18.42 41.22 -9.91
N THR B 190 19.27 42.22 -9.63
CA THR B 190 20.09 42.85 -10.67
C THR B 190 21.44 42.15 -10.83
N LYS B 191 21.73 41.15 -10.02
CA LYS B 191 22.97 40.39 -10.06
C LYS B 191 22.65 38.94 -10.44
N LYS B 192 23.51 38.36 -11.26
CA LYS B 192 23.28 36.97 -11.67
C LYS B 192 23.53 36.03 -10.49
N MET B 193 22.81 34.92 -10.51
CA MET B 193 23.04 33.89 -9.50
C MET B 193 24.41 33.27 -9.72
N SER B 194 25.18 33.11 -8.65
CA SER B 194 26.51 32.54 -8.70
C SER B 194 26.66 31.53 -7.58
N LYS B 195 27.29 30.39 -7.90
CA LYS B 195 27.45 29.34 -6.89
C LYS B 195 28.42 29.72 -5.80
N SER B 196 29.24 30.76 -6.02
CA SER B 196 30.24 31.19 -5.05
C SER B 196 29.85 32.49 -4.37
N ASP B 197 28.58 32.90 -4.46
CA ASP B 197 28.12 34.11 -3.80
C ASP B 197 28.41 34.02 -2.30
N PRO B 198 28.98 35.06 -1.70
CA PRO B 198 29.18 35.03 -0.24
C PRO B 198 27.90 34.83 0.56
N ASN B 199 26.71 35.19 0.05
CA ASN B 199 25.51 34.79 0.76
C ASN B 199 24.89 33.54 0.16
N PRO B 200 24.80 32.46 0.94
CA PRO B 200 24.01 31.30 0.52
C PRO B 200 22.57 31.61 0.09
N LYS B 201 21.93 32.67 0.62
CA LYS B 201 20.54 32.96 0.25
C LYS B 201 20.40 33.39 -1.20
N ALA B 202 21.51 33.77 -1.86
CA ALA B 202 21.43 34.25 -3.24
C ALA B 202 21.13 33.12 -4.21
N TYR B 203 21.53 31.89 -3.89
CA TYR B 203 21.45 30.79 -4.82
C TYR B 203 20.75 29.60 -4.17
N ILE B 204 20.23 28.72 -5.02
CA ILE B 204 19.74 27.41 -4.63
C ILE B 204 20.62 26.37 -5.31
N THR B 205 21.38 25.62 -4.51
CA THR B 205 22.16 24.54 -5.09
C THR B 205 21.28 23.34 -5.36
N LEU B 206 21.76 22.48 -6.27
CA LEU B 206 21.03 21.26 -6.60
C LEU B 206 20.92 20.30 -5.43
N LEU B 207 21.68 20.52 -4.36
CA LEU B 207 21.68 19.64 -3.19
C LEU B 207 20.96 20.26 -1.99
N ASP B 208 20.36 21.44 -2.15
CA ASP B 208 19.62 22.05 -1.05
C ASP B 208 18.40 21.21 -0.70
N ASP B 209 18.17 21.03 0.60
CA ASP B 209 17.00 20.26 1.02
C ASP B 209 15.75 21.11 0.99
N ALA B 210 14.61 20.48 1.29
CA ALA B 210 13.31 21.12 1.12
C ALA B 210 13.18 22.33 2.03
N LYS B 211 13.52 22.18 3.30
CA LYS B 211 13.45 23.31 4.24
C LYS B 211 14.30 24.47 3.77
N THR B 212 15.50 24.18 3.25
CA THR B 212 16.39 25.24 2.79
C THR B 212 15.82 25.95 1.57
N ILE B 213 15.32 25.18 0.60
CA ILE B 213 14.75 25.78 -0.61
C ILE B 213 13.56 26.65 -0.26
N GLU B 214 12.69 26.16 0.64
CA GLU B 214 11.55 26.96 1.08
C GLU B 214 12.02 28.28 1.69
N LYS B 215 13.06 28.23 2.53
CA LYS B 215 13.56 29.44 3.16
C LYS B 215 14.08 30.44 2.13
N LYS B 216 14.88 29.97 1.18
CA LYS B 216 15.54 30.86 0.24
C LYS B 216 14.54 31.49 -0.73
N ILE B 217 13.55 30.71 -1.19
CA ILE B 217 12.55 31.27 -2.09
C ILE B 217 11.65 32.25 -1.35
N LYS B 218 11.26 31.92 -0.11
CA LYS B 218 10.31 32.76 0.61
C LYS B 218 10.93 34.09 1.02
N SER B 219 12.24 34.15 1.20
CA SER B 219 12.92 35.39 1.55
C SER B 219 13.54 36.07 0.33
N ALA B 220 13.27 35.57 -0.87
CA ALA B 220 13.75 36.21 -2.08
C ALA B 220 13.20 37.64 -2.18
N VAL B 221 14.08 38.57 -2.54
CA VAL B 221 13.71 39.98 -2.54
C VAL B 221 12.75 40.28 -3.67
N THR B 222 11.65 40.95 -3.34
CA THR B 222 10.65 41.40 -4.30
C THR B 222 10.30 42.85 -4.01
N ASP B 223 9.36 43.39 -4.78
CA ASP B 223 8.81 44.71 -4.48
C ASP B 223 7.68 44.54 -3.47
N SER B 224 6.86 45.59 -3.30
CA SER B 224 5.72 45.55 -2.40
C SER B 224 4.40 45.80 -3.13
N GLU B 225 4.39 45.70 -4.46
CA GLU B 225 3.20 46.06 -5.23
C GLU B 225 2.14 44.96 -5.17
N GLY B 226 2.54 43.70 -5.12
CA GLY B 226 1.62 42.60 -4.90
C GLY B 226 1.06 41.93 -6.14
N THR B 227 1.34 42.47 -7.33
CA THR B 227 0.87 41.88 -8.58
C THR B 227 1.96 40.99 -9.16
N ILE B 228 1.59 39.78 -9.55
CA ILE B 228 2.54 38.80 -10.07
C ILE B 228 2.51 38.91 -11.59
N ARG B 229 3.47 39.65 -12.16
CA ARG B 229 3.55 39.80 -13.60
C ARG B 229 5.00 40.08 -13.98
N TYR B 230 5.36 39.68 -15.20
CA TYR B 230 6.74 39.78 -15.66
C TYR B 230 7.04 41.20 -16.13
N ASP B 231 8.07 41.81 -15.52
CA ASP B 231 8.53 43.15 -15.88
C ASP B 231 9.90 43.38 -15.25
N LYS B 232 10.97 43.18 -16.02
CA LYS B 232 12.31 43.16 -15.45
C LYS B 232 12.68 44.51 -14.85
N GLU B 233 12.28 45.61 -15.49
CA GLU B 233 12.70 46.93 -15.03
C GLU B 233 12.00 47.32 -13.73
N ALA B 234 10.69 47.07 -13.66
CA ALA B 234 9.93 47.45 -12.48
C ALA B 234 9.92 46.37 -11.40
N LYS B 235 9.93 45.10 -11.79
CA LYS B 235 9.81 43.98 -10.85
C LYS B 235 10.84 42.92 -11.19
N PRO B 236 12.13 43.22 -11.00
CA PRO B 236 13.16 42.22 -11.35
C PRO B 236 13.12 40.99 -10.47
N GLY B 237 12.72 41.11 -9.21
CA GLY B 237 12.61 39.97 -8.33
C GLY B 237 11.53 39.00 -8.79
N ILE B 238 10.31 39.51 -8.92
CA ILE B 238 9.19 38.68 -9.35
C ILE B 238 9.42 38.13 -10.75
N SER B 239 10.06 38.92 -11.62
CA SER B 239 10.35 38.47 -12.98
C SER B 239 11.31 37.29 -12.97
N ASN B 240 12.36 37.36 -12.15
CA ASN B 240 13.29 36.23 -12.03
C ASN B 240 12.57 34.99 -11.52
N LEU B 241 11.70 35.15 -10.53
CA LEU B 241 10.97 34.01 -9.99
C LEU B 241 10.02 33.41 -11.03
N LEU B 242 9.34 34.27 -11.79
CA LEU B 242 8.47 33.76 -12.85
C LEU B 242 9.26 33.00 -13.90
N ASN B 243 10.46 33.49 -14.25
CA ASN B 243 11.29 32.81 -15.23
C ASN B 243 11.72 31.44 -14.75
N ILE B 244 12.13 31.34 -13.47
CA ILE B 244 12.48 30.04 -12.90
C ILE B 244 11.27 29.11 -12.89
N TYR B 245 10.15 29.62 -12.37
CA TYR B 245 8.90 28.87 -12.37
C TYR B 245 8.55 28.36 -13.78
N SER B 246 8.63 29.26 -14.77
CA SER B 246 8.21 28.91 -16.11
C SER B 246 9.06 27.80 -16.71
N THR B 247 10.39 27.96 -16.66
CA THR B 247 11.29 27.01 -17.30
C THR B 247 11.39 25.69 -16.55
N LEU B 248 11.06 25.66 -15.26
CA LEU B 248 11.08 24.41 -14.51
C LEU B 248 9.77 23.66 -14.58
N SER B 249 8.65 24.38 -14.68
CA SER B 249 7.33 23.75 -14.67
C SER B 249 6.79 23.47 -16.07
N GLY B 250 7.28 24.16 -17.09
CA GLY B 250 6.73 24.03 -18.42
C GLY B 250 5.56 24.95 -18.70
N GLN B 251 5.10 25.71 -17.72
CA GLN B 251 4.09 26.72 -17.95
C GLN B 251 4.74 27.97 -18.53
N SER B 252 4.05 28.61 -19.46
CA SER B 252 4.55 29.88 -19.98
C SER B 252 4.38 30.96 -18.93
N ILE B 253 5.14 32.05 -19.09
CA ILE B 253 5.03 33.17 -18.16
C ILE B 253 3.62 33.74 -18.19
N GLU B 254 3.05 33.88 -19.37
CA GLU B 254 1.66 34.33 -19.49
C GLU B 254 0.71 33.39 -18.76
N GLU B 255 0.92 32.08 -18.91
CA GLU B 255 0.10 31.11 -18.20
C GLU B 255 0.22 31.28 -16.69
N LEU B 256 1.43 31.53 -16.20
CA LEU B 256 1.62 31.72 -14.76
C LEU B 256 1.01 33.02 -14.28
N GLU B 257 1.11 34.08 -15.08
CA GLU B 257 0.48 35.36 -14.73
C GLU B 257 -1.02 35.20 -14.51
N ARG B 258 -1.68 34.44 -15.40
CA ARG B 258 -3.12 34.22 -15.26
C ARG B 258 -3.42 33.34 -14.05
N GLN B 259 -2.61 32.31 -13.83
CA GLN B 259 -2.86 31.39 -12.70
C GLN B 259 -2.80 32.12 -11.37
N TYR B 260 -1.96 33.15 -11.26
CA TYR B 260 -1.74 33.83 -9.99
C TYR B 260 -2.38 35.21 -9.96
N GLU B 261 -3.35 35.48 -10.85
CA GLU B 261 -4.16 36.67 -10.74
C GLU B 261 -4.84 36.71 -9.37
N GLY B 262 -4.78 37.85 -8.71
CA GLY B 262 -5.41 38.01 -7.42
C GLY B 262 -4.75 37.26 -6.28
N LYS B 263 -3.64 36.57 -6.53
CA LYS B 263 -2.89 35.89 -5.48
C LYS B 263 -1.74 36.76 -5.00
N GLY B 264 -1.32 36.50 -3.76
CA GLY B 264 -0.20 37.24 -3.19
C GLY B 264 1.13 36.58 -3.50
N TYR B 265 2.21 37.29 -3.15
CA TYR B 265 3.54 36.74 -3.33
C TYR B 265 3.78 35.53 -2.43
N GLY B 266 3.06 35.45 -1.31
CA GLY B 266 3.33 34.39 -0.35
C GLY B 266 3.02 33.01 -0.91
N VAL B 267 1.84 32.83 -1.51
CA VAL B 267 1.50 31.53 -2.08
C VAL B 267 2.28 31.29 -3.37
N PHE B 268 2.56 32.36 -4.13
CA PHE B 268 3.40 32.22 -5.32
C PHE B 268 4.77 31.67 -4.96
N LYS B 269 5.40 32.23 -3.91
CA LYS B 269 6.70 31.75 -3.48
C LYS B 269 6.61 30.34 -2.93
N ALA B 270 5.60 30.05 -2.11
CA ALA B 270 5.45 28.71 -1.55
C ALA B 270 5.27 27.67 -2.65
N ASP B 271 4.50 27.99 -3.68
CA ASP B 271 4.31 27.08 -4.80
C ASP B 271 5.61 26.87 -5.56
N LEU B 272 6.34 27.97 -5.83
CA LEU B 272 7.59 27.86 -6.58
C LEU B 272 8.61 26.98 -5.85
N ALA B 273 8.66 27.10 -4.53
CA ALA B 273 9.59 26.28 -3.74
C ALA B 273 9.34 24.80 -3.95
N GLN B 274 8.06 24.40 -4.02
CA GLN B 274 7.75 22.99 -4.22
C GLN B 274 8.05 22.55 -5.63
N VAL B 275 7.85 23.43 -6.62
CA VAL B 275 8.24 23.13 -7.99
C VAL B 275 9.73 22.83 -8.06
N VAL B 276 10.53 23.64 -7.36
CA VAL B 276 11.97 23.41 -7.36
C VAL B 276 12.31 22.11 -6.63
N ILE B 277 11.67 21.88 -5.48
CA ILE B 277 11.95 20.66 -4.71
C ILE B 277 11.65 19.43 -5.54
N GLU B 278 10.49 19.39 -6.19
CA GLU B 278 10.12 18.23 -7.00
C GLU B 278 11.05 18.07 -8.20
N THR B 279 11.56 19.16 -8.76
CA THR B 279 12.55 19.06 -9.83
C THR B 279 13.83 18.40 -9.32
N LEU B 280 14.25 18.74 -8.11
CA LEU B 280 15.54 18.31 -7.61
C LEU B 280 15.50 16.92 -6.97
N ARG B 281 14.31 16.42 -6.63
CA ARG B 281 14.22 15.17 -5.90
C ARG B 281 14.83 13.98 -6.63
N PRO B 282 14.50 13.69 -7.90
CA PRO B 282 15.19 12.56 -8.56
C PRO B 282 16.66 12.81 -8.80
N ILE B 283 17.06 14.08 -8.97
CA ILE B 283 18.48 14.38 -9.18
C ILE B 283 19.28 14.06 -7.93
N GLN B 284 18.75 14.45 -6.76
CA GLN B 284 19.49 14.24 -5.51
C GLN B 284 19.60 12.75 -5.19
N GLU B 285 18.57 11.97 -5.51
CA GLU B 285 18.61 10.53 -5.25
C GLU B 285 19.70 9.85 -6.07
N ARG B 286 19.79 10.18 -7.37
CA ARG B 286 20.84 9.63 -8.20
C ARG B 286 22.21 10.18 -7.82
N TYR B 287 22.26 11.41 -7.31
CA TYR B 287 23.52 11.98 -6.86
C TYR B 287 24.13 11.14 -5.73
N HIS B 288 23.31 10.77 -4.74
CA HIS B 288 23.82 9.98 -3.62
C HIS B 288 24.31 8.62 -4.07
N HIS B 289 23.72 8.06 -5.12
CA HIS B 289 24.20 6.80 -5.66
C HIS B 289 25.60 6.93 -6.23
N TRP B 290 25.87 8.03 -6.95
CA TRP B 290 27.17 8.18 -7.58
C TRP B 290 28.26 8.52 -6.58
N MET B 291 27.94 9.33 -5.57
CA MET B 291 28.93 9.69 -4.55
C MET B 291 29.36 8.48 -3.72
N GLU B 292 28.60 7.39 -3.75
CA GLU B 292 28.81 6.26 -2.87
C GLU B 292 29.69 5.16 -3.46
N SER B 293 30.10 5.29 -4.72
CA SER B 293 30.57 4.13 -5.47
C SER B 293 31.88 4.41 -6.20
N GLU B 294 32.61 3.32 -6.47
CA GLU B 294 33.85 3.36 -7.23
C GLU B 294 33.62 3.71 -8.69
N GLU B 295 32.43 3.47 -9.22
CA GLU B 295 32.16 3.71 -10.63
C GLU B 295 32.32 5.16 -11.04
N LEU B 296 32.20 6.10 -10.08
CA LEU B 296 32.42 7.50 -10.41
C LEU B 296 33.87 7.75 -10.82
N ASP B 297 34.82 7.15 -10.10
CA ASP B 297 36.23 7.35 -10.43
C ASP B 297 36.60 6.66 -11.74
N ARG B 298 35.97 5.52 -12.05
CA ARG B 298 36.23 4.85 -13.32
C ARG B 298 35.73 5.68 -14.49
N VAL B 299 34.56 6.30 -14.34
CA VAL B 299 34.06 7.21 -15.38
C VAL B 299 35.07 8.32 -15.62
N LEU B 300 35.57 8.94 -14.54
CA LEU B 300 36.50 10.05 -14.68
C LEU B 300 37.84 9.59 -15.21
N ASP B 301 38.27 8.37 -14.81
CA ASP B 301 39.50 7.80 -15.37
C ASP B 301 39.41 7.70 -16.89
N GLU B 302 38.33 7.09 -17.39
CA GLU B 302 38.19 6.87 -18.82
C GLU B 302 37.98 8.19 -19.55
N GLY B 303 37.26 9.14 -18.93
CA GLY B 303 37.07 10.44 -19.55
C GLY B 303 38.38 11.16 -19.78
N ALA B 304 39.26 11.15 -18.77
CA ALA B 304 40.55 11.81 -18.90
C ALA B 304 41.45 11.12 -19.92
N GLU B 305 41.36 9.79 -20.00
CA GLU B 305 42.14 9.07 -21.01
C GLU B 305 41.74 9.50 -22.42
N LYS B 306 40.45 9.60 -22.68
CA LYS B 306 39.98 9.99 -24.01
C LYS B 306 40.31 11.45 -24.31
N ALA B 307 40.11 12.34 -23.33
CA ALA B 307 40.41 13.75 -23.54
C ALA B 307 41.91 13.97 -23.75
N ASN B 308 42.74 13.21 -23.03
CA ASN B 308 44.18 13.34 -23.19
C ASN B 308 44.62 13.00 -24.60
N ARG B 309 44.04 11.95 -25.18
CA ARG B 309 44.43 11.52 -26.53
C ARG B 309 44.17 12.62 -27.55
N VAL B 310 43.03 13.30 -27.45
CA VAL B 310 42.69 14.35 -28.39
C VAL B 310 43.46 15.62 -28.09
N ALA B 311 43.51 16.02 -26.82
CA ALA B 311 44.08 17.32 -26.46
C ALA B 311 45.60 17.33 -26.64
N SER B 312 46.27 16.24 -26.27
CA SER B 312 47.73 16.21 -26.41
C SER B 312 48.17 16.26 -27.86
N GLU B 313 47.35 15.74 -28.77
CA GLU B 313 47.68 15.84 -30.19
C GLU B 313 47.57 17.28 -30.69
N MET B 314 46.54 18.00 -30.23
CA MET B 314 46.41 19.40 -30.62
C MET B 314 47.56 20.24 -30.07
N VAL B 315 48.02 19.93 -28.86
CA VAL B 315 49.15 20.65 -28.28
C VAL B 315 50.41 20.42 -29.12
N ARG B 316 50.59 19.19 -29.62
CA ARG B 316 51.70 18.93 -30.52
C ARG B 316 51.63 19.81 -31.77
N LYS B 317 50.44 19.94 -32.35
CA LYS B 317 50.28 20.79 -33.52
C LYS B 317 50.48 22.26 -33.17
N MET B 318 50.00 22.68 -32.00
CA MET B 318 50.21 24.05 -31.56
C MET B 318 51.70 24.35 -31.40
N GLU B 319 52.43 23.44 -30.74
CA GLU B 319 53.86 23.64 -30.55
C GLU B 319 54.58 23.69 -31.88
N GLN B 320 54.24 22.80 -32.80
CA GLN B 320 54.87 22.78 -34.12
C GLN B 320 54.63 24.09 -34.86
N ALA B 321 53.43 24.66 -34.72
CA ALA B 321 53.11 25.90 -35.41
C ALA B 321 53.92 27.08 -34.85
N MET B 322 54.11 27.11 -33.53
CA MET B 322 54.83 28.20 -32.89
C MET B 322 56.34 28.00 -32.89
N GLY B 323 56.83 26.81 -33.19
CA GLY B 323 58.24 26.53 -33.17
C GLY B 323 58.78 26.05 -31.84
N LEU B 324 57.91 25.77 -30.88
CA LEU B 324 58.37 25.23 -29.59
C LEU B 324 58.92 23.83 -29.77
N GLY B 325 59.82 23.44 -28.87
CA GLY B 325 60.31 22.08 -28.82
C GLY B 325 61.15 21.71 -30.04
N ARG B 326 61.03 20.45 -30.44
CA ARG B 326 61.85 19.90 -31.51
C ARG B 326 60.99 19.29 -32.61
N MET C 1 -21.25 27.12 -7.93
CA MET C 1 -21.74 25.89 -7.35
C MET C 1 -20.58 24.95 -7.01
N LYS C 2 -20.21 24.92 -5.73
CA LYS C 2 -19.08 24.11 -5.31
C LYS C 2 -19.49 22.65 -5.14
N THR C 3 -18.47 21.79 -5.11
CA THR C 3 -18.66 20.34 -5.11
C THR C 3 -18.32 19.76 -3.75
N ILE C 4 -19.16 18.85 -3.28
CA ILE C 4 -18.97 18.15 -2.01
C ILE C 4 -18.81 16.66 -2.30
N PHE C 5 -17.85 16.04 -1.63
CA PHE C 5 -17.74 14.58 -1.59
C PHE C 5 -17.64 14.13 -0.14
N SER C 6 -18.31 13.03 0.17
CA SER C 6 -18.17 12.40 1.48
C SER C 6 -18.61 10.94 1.35
N GLY C 7 -17.96 10.08 2.13
CA GLY C 7 -18.25 8.66 2.08
C GLY C 7 -18.41 8.08 3.48
N ILE C 8 -19.07 6.93 3.54
CA ILE C 8 -19.29 6.21 4.78
C ILE C 8 -19.01 4.72 4.53
N GLN C 9 -18.27 4.10 5.44
CA GLN C 9 -17.88 2.70 5.32
C GLN C 9 -19.05 1.78 5.65
N PRO C 10 -19.37 0.81 4.79
CA PRO C 10 -20.31 -0.25 5.16
C PRO C 10 -19.67 -1.38 5.98
N SER C 11 -18.90 -0.98 6.99
CA SER C 11 -18.27 -1.92 7.92
C SER C 11 -19.20 -2.34 9.04
N GLY C 12 -20.48 -2.05 8.91
CA GLY C 12 -21.43 -2.22 9.98
C GLY C 12 -22.65 -1.36 9.68
N VAL C 13 -23.54 -1.28 10.66
CA VAL C 13 -24.69 -0.39 10.57
C VAL C 13 -24.31 0.95 11.19
N ILE C 14 -24.54 2.04 10.45
CA ILE C 14 -24.06 3.34 10.88
C ILE C 14 -24.72 3.74 12.20
N THR C 15 -24.01 4.56 12.96
CA THR C 15 -24.39 4.91 14.32
C THR C 15 -24.91 6.34 14.38
N ILE C 16 -25.42 6.70 15.56
CA ILE C 16 -25.78 8.10 15.81
C ILE C 16 -24.54 8.97 15.76
N GLY C 17 -23.35 8.39 15.94
CA GLY C 17 -22.12 9.14 15.72
C GLY C 17 -21.92 9.48 14.25
N ASN C 18 -22.08 8.50 13.37
CA ASN C 18 -22.02 8.76 11.94
C ASN C 18 -23.09 9.76 11.52
N TYR C 19 -24.29 9.64 12.12
CA TYR C 19 -25.39 10.53 11.78
C TYR C 19 -25.10 11.97 12.21
N ILE C 20 -24.78 12.16 13.50
CA ILE C 20 -24.60 13.50 14.04
C ILE C 20 -23.38 14.17 13.42
N GLY C 21 -22.29 13.43 13.25
CA GLY C 21 -21.06 14.02 12.75
C GLY C 21 -21.01 14.22 11.25
N ALA C 22 -21.84 13.50 10.49
CA ALA C 22 -21.72 13.54 9.03
C ALA C 22 -23.05 13.51 8.31
N LEU C 23 -23.76 12.39 8.40
CA LEU C 23 -24.89 12.12 7.50
C LEU C 23 -26.00 13.16 7.67
N ARG C 24 -26.28 13.57 8.91
CA ARG C 24 -27.33 14.56 9.14
C ARG C 24 -27.08 15.84 8.35
N GLN C 25 -25.81 16.25 8.25
CA GLN C 25 -25.50 17.46 7.50
C GLN C 25 -25.58 17.24 6.00
N PHE C 26 -25.37 16.00 5.54
CA PHE C 26 -25.53 15.69 4.12
C PHE C 26 -26.89 16.12 3.62
N VAL C 27 -27.93 15.90 4.44
CA VAL C 27 -29.31 16.21 4.05
C VAL C 27 -29.48 17.69 3.81
N GLU C 28 -28.76 18.53 4.56
CA GLU C 28 -28.82 19.97 4.33
C GLU C 28 -28.00 20.37 3.11
N LEU C 29 -26.80 19.82 2.98
CA LEU C 29 -25.84 20.31 1.99
C LEU C 29 -26.25 19.96 0.57
N GLN C 30 -27.08 18.92 0.40
CA GLN C 30 -27.46 18.48 -0.94
C GLN C 30 -28.17 19.56 -1.73
N HIS C 31 -28.80 20.52 -1.05
CA HIS C 31 -29.51 21.60 -1.74
C HIS C 31 -28.63 22.80 -2.04
N GLU C 32 -27.46 22.91 -1.41
CA GLU C 32 -26.58 24.05 -1.62
C GLU C 32 -25.38 23.74 -2.51
N TYR C 33 -25.03 22.47 -2.67
CA TYR C 33 -23.79 22.10 -3.35
C TYR C 33 -24.05 20.97 -4.33
N ASN C 34 -23.10 20.78 -5.25
CA ASN C 34 -23.05 19.61 -6.12
C ASN C 34 -22.43 18.47 -5.32
N CYS C 35 -23.25 17.48 -4.97
CA CYS C 35 -22.90 16.52 -3.92
C CYS C 35 -22.70 15.13 -4.48
N TYR C 36 -21.61 14.48 -4.03
CA TYR C 36 -21.37 13.07 -4.25
C TYR C 36 -21.27 12.40 -2.88
N PHE C 37 -22.13 11.43 -2.64
CA PHE C 37 -22.13 10.68 -1.39
C PHE C 37 -21.91 9.21 -1.70
N CYS C 38 -20.94 8.59 -1.02
CA CYS C 38 -20.40 7.31 -1.45
C CYS C 38 -20.49 6.26 -0.35
N ILE C 39 -20.77 5.03 -0.76
CA ILE C 39 -20.66 3.85 0.09
C ILE C 39 -19.31 3.22 -0.23
N VAL C 40 -18.35 3.40 0.67
CA VAL C 40 -16.95 3.08 0.35
C VAL C 40 -16.70 1.65 0.81
N ASP C 41 -17.13 0.71 -0.04
CA ASP C 41 -16.97 -0.69 0.34
C ASP C 41 -15.53 -1.16 0.17
N GLN C 42 -14.74 -0.50 -0.68
CA GLN C 42 -13.33 -0.87 -0.80
C GLN C 42 -12.54 -0.46 0.43
N HIS C 43 -12.94 0.62 1.11
CA HIS C 43 -12.35 0.95 2.39
C HIS C 43 -12.76 -0.04 3.47
N ALA C 44 -13.97 -0.58 3.38
CA ALA C 44 -14.48 -1.47 4.42
C ALA C 44 -13.63 -2.72 4.55
N ILE C 45 -13.10 -3.22 3.43
CA ILE C 45 -12.41 -4.50 3.43
C ILE C 45 -10.94 -4.35 3.78
N THR C 46 -10.52 -3.15 4.23
CA THR C 46 -9.18 -3.04 4.76
C THR C 46 -9.01 -3.82 6.06
N VAL C 47 -10.11 -4.23 6.68
CA VAL C 47 -10.12 -5.22 7.75
C VAL C 47 -11.12 -6.30 7.35
N TRP C 48 -11.09 -7.41 8.08
CA TRP C 48 -11.97 -8.53 7.76
C TRP C 48 -13.43 -8.11 7.77
N GLN C 49 -14.14 -8.46 6.71
CA GLN C 49 -15.59 -8.34 6.64
C GLN C 49 -16.14 -9.67 6.15
N ASP C 50 -17.12 -10.21 6.87
CA ASP C 50 -17.81 -11.38 6.37
C ASP C 50 -18.53 -11.02 5.06
N PRO C 51 -18.36 -11.80 3.99
CA PRO C 51 -18.93 -11.38 2.70
C PRO C 51 -20.44 -11.21 2.72
N HIS C 52 -21.16 -12.07 3.45
CA HIS C 52 -22.61 -11.93 3.51
C HIS C 52 -23.02 -10.68 4.28
N GLU C 53 -22.33 -10.39 5.39
CA GLU C 53 -22.62 -9.18 6.14
C GLU C 53 -22.28 -7.94 5.33
N LEU C 54 -21.18 -7.99 4.58
CA LEU C 54 -20.76 -6.83 3.78
C LEU C 54 -21.78 -6.50 2.71
N ARG C 55 -22.20 -7.51 1.94
CA ARG C 55 -23.23 -7.32 0.93
C ARG C 55 -24.48 -6.68 1.53
N GLN C 56 -24.88 -7.16 2.71
CA GLN C 56 -26.09 -6.63 3.35
C GLN C 56 -25.88 -5.21 3.85
N ASN C 57 -24.72 -4.93 4.46
CA ASN C 57 -24.47 -3.60 5.00
C ASN C 57 -24.36 -2.56 3.89
N ILE C 58 -23.94 -2.96 2.70
CA ILE C 58 -23.90 -2.02 1.57
C ILE C 58 -25.30 -1.56 1.22
N ARG C 59 -26.24 -2.51 1.15
CA ARG C 59 -27.63 -2.15 0.87
C ARG C 59 -28.24 -1.36 2.02
N ARG C 60 -27.96 -1.77 3.25
CA ARG C 60 -28.49 -1.06 4.42
C ARG C 60 -28.02 0.38 4.43
N LEU C 61 -26.75 0.62 4.13
CA LEU C 61 -26.23 1.99 4.13
C LEU C 61 -26.88 2.81 3.03
N ALA C 62 -27.02 2.24 1.84
CA ALA C 62 -27.73 2.92 0.75
C ALA C 62 -29.15 3.28 1.18
N ALA C 63 -29.84 2.33 1.82
CA ALA C 63 -31.20 2.60 2.27
C ALA C 63 -31.23 3.67 3.36
N LEU C 64 -30.23 3.67 4.25
CA LEU C 64 -30.18 4.67 5.31
C LEU C 64 -29.87 6.05 4.75
N TYR C 65 -29.00 6.13 3.75
CA TYR C 65 -28.75 7.39 3.05
C TYR C 65 -30.06 8.02 2.58
N LEU C 66 -30.89 7.23 1.92
CA LEU C 66 -32.15 7.74 1.38
C LEU C 66 -33.22 7.87 2.45
N ALA C 67 -33.17 7.05 3.50
CA ALA C 67 -34.17 7.12 4.55
C ALA C 67 -34.04 8.41 5.36
N VAL C 68 -32.82 8.90 5.56
CA VAL C 68 -32.64 10.15 6.31
C VAL C 68 -32.96 11.38 5.47
N GLY C 69 -33.14 11.24 4.16
CA GLY C 69 -33.66 12.32 3.36
C GLY C 69 -32.81 12.78 2.18
N ILE C 70 -31.78 12.01 1.82
CA ILE C 70 -30.97 12.38 0.67
C ILE C 70 -31.77 12.11 -0.60
N ASP C 71 -31.93 13.16 -1.42
CA ASP C 71 -32.73 13.08 -2.63
C ASP C 71 -31.83 12.66 -3.78
N PRO C 72 -32.04 11.49 -4.40
CA PRO C 72 -31.14 11.04 -5.46
C PRO C 72 -31.17 11.90 -6.72
N THR C 73 -32.14 12.80 -6.86
CA THR C 73 -32.12 13.78 -7.94
C THR C 73 -31.35 15.04 -7.58
N GLN C 74 -31.02 15.23 -6.30
CA GLN C 74 -30.22 16.36 -5.85
C GLN C 74 -28.79 15.98 -5.51
N ALA C 75 -28.51 14.70 -5.25
CA ALA C 75 -27.17 14.25 -4.96
C ALA C 75 -26.92 12.94 -5.67
N THR C 76 -25.64 12.65 -5.91
CA THR C 76 -25.21 11.41 -6.56
C THR C 76 -24.80 10.41 -5.49
N LEU C 77 -25.55 9.31 -5.39
CA LEU C 77 -25.30 8.26 -4.40
C LEU C 77 -24.85 7.01 -5.14
N PHE C 78 -23.67 6.49 -4.77
CA PHE C 78 -23.10 5.39 -5.51
C PHE C 78 -22.17 4.57 -4.63
N ILE C 79 -21.81 3.39 -5.13
CA ILE C 79 -20.94 2.46 -4.42
C ILE C 79 -19.54 2.56 -5.00
N GLN C 80 -18.55 2.73 -4.11
CA GLN C 80 -17.15 2.95 -4.49
C GLN C 80 -16.66 1.92 -5.49
N SER C 81 -16.86 0.63 -5.19
CA SER C 81 -16.31 -0.43 -6.03
C SER C 81 -16.96 -0.49 -7.41
N GLU C 82 -18.11 0.15 -7.59
CA GLU C 82 -18.75 0.16 -8.90
C GLU C 82 -18.22 1.25 -9.80
N VAL C 83 -17.26 2.04 -9.33
CA VAL C 83 -16.55 3.03 -10.13
C VAL C 83 -15.07 2.67 -10.11
N PRO C 84 -14.56 2.00 -11.14
CA PRO C 84 -13.15 1.56 -11.12
C PRO C 84 -12.14 2.68 -10.99
N ALA C 85 -12.52 3.90 -11.35
CA ALA C 85 -11.58 5.03 -11.29
C ALA C 85 -11.01 5.23 -9.90
N HIS C 86 -11.77 4.84 -8.87
CA HIS C 86 -11.31 5.01 -7.49
C HIS C 86 -10.08 4.15 -7.22
N ALA C 87 -10.11 2.89 -7.64
CA ALA C 87 -8.94 2.03 -7.48
C ALA C 87 -7.79 2.48 -8.38
N GLN C 88 -8.11 2.92 -9.60
CA GLN C 88 -7.07 3.40 -10.51
C GLN C 88 -6.36 4.62 -9.95
N ALA C 89 -7.14 5.61 -9.49
CA ALA C 89 -6.54 6.81 -8.92
C ALA C 89 -5.85 6.51 -7.60
N ALA C 90 -6.37 5.55 -6.84
CA ALA C 90 -5.71 5.16 -5.60
C ALA C 90 -4.30 4.65 -5.85
N TRP C 91 -4.10 3.90 -6.94
CA TRP C 91 -2.77 3.38 -7.22
C TRP C 91 -1.79 4.51 -7.55
N MET C 92 -2.23 5.47 -8.37
CA MET C 92 -1.35 6.58 -8.73
C MET C 92 -0.99 7.42 -7.50
N LEU C 93 -1.96 7.65 -6.62
CA LEU C 93 -1.69 8.42 -5.41
C LEU C 93 -0.83 7.63 -4.43
N GLN C 94 -0.91 6.29 -4.47
CA GLN C 94 0.00 5.48 -3.67
C GLN C 94 1.44 5.68 -4.12
N CYS C 95 1.65 5.98 -5.40
CA CYS C 95 2.99 6.26 -5.91
C CYS C 95 3.42 7.70 -5.63
N ILE C 96 2.52 8.52 -5.09
CA ILE C 96 2.84 9.88 -4.71
C ILE C 96 3.15 9.98 -3.22
N VAL C 97 2.42 9.24 -2.40
CA VAL C 97 2.56 9.31 -0.95
C VAL C 97 3.77 8.50 -0.51
N TYR C 98 4.38 8.92 0.59
CA TYR C 98 5.52 8.22 1.17
C TYR C 98 5.06 7.34 2.31
N ILE C 99 5.78 6.23 2.50
CA ILE C 99 5.41 5.26 3.53
C ILE C 99 5.34 5.92 4.90
N GLY C 100 6.29 6.82 5.20
CA GLY C 100 6.30 7.46 6.50
C GLY C 100 5.07 8.30 6.76
N GLU C 101 4.50 8.90 5.71
CA GLU C 101 3.27 9.68 5.89
C GLU C 101 2.10 8.79 6.26
N LEU C 102 2.05 7.58 5.71
CA LEU C 102 0.95 6.67 6.04
C LEU C 102 1.11 6.10 7.44
N GLU C 103 2.34 5.77 7.83
CA GLU C 103 2.58 5.14 9.13
C GLU C 103 2.28 6.08 10.29
N ARG C 104 2.34 7.39 10.09
CA ARG C 104 2.10 8.36 11.15
C ARG C 104 0.63 8.74 11.26
N MET C 105 -0.23 8.26 10.36
CA MET C 105 -1.66 8.55 10.44
C MET C 105 -2.22 8.00 11.75
N THR C 106 -2.98 8.84 12.45
CA THR C 106 -3.56 8.44 13.73
C THR C 106 -4.52 7.27 13.55
N GLN C 107 -5.33 7.29 12.50
CA GLN C 107 -6.28 6.21 12.27
C GLN C 107 -5.58 4.88 12.09
N PHE C 108 -4.51 4.86 11.28
CA PHE C 108 -3.77 3.62 11.08
C PHE C 108 -3.17 3.11 12.38
N LYS C 109 -2.52 4.01 13.14
CA LYS C 109 -1.88 3.60 14.39
C LYS C 109 -2.90 3.07 15.39
N GLU C 110 -4.09 3.67 15.43
CA GLU C 110 -5.13 3.21 16.35
C GLU C 110 -5.67 1.85 15.94
N LYS C 111 -5.93 1.65 14.64
CA LYS C 111 -6.58 0.43 14.19
C LYS C 111 -5.62 -0.75 14.06
N SER C 112 -4.32 -0.52 14.03
CA SER C 112 -3.32 -1.57 13.98
C SER C 112 -2.71 -1.86 15.35
N ALA C 113 -3.37 -1.44 16.42
CA ALA C 113 -2.73 -1.37 17.74
C ALA C 113 -2.51 -2.73 18.38
N GLY C 114 -3.23 -3.77 17.97
CA GLY C 114 -3.15 -5.06 18.65
C GLY C 114 -1.84 -5.80 18.48
N LYS C 115 -1.86 -7.10 18.70
CA LYS C 115 -0.67 -7.95 18.58
C LYS C 115 -0.77 -8.89 17.38
N GLU C 116 -1.39 -8.41 16.30
CA GLU C 116 -1.84 -9.22 15.18
C GLU C 116 -1.04 -8.89 13.92
N ALA C 117 -1.54 -9.35 12.78
CA ALA C 117 -1.03 -8.96 11.47
C ALA C 117 -2.02 -8.02 10.80
N VAL C 118 -1.49 -6.96 10.19
CA VAL C 118 -2.29 -5.87 9.65
C VAL C 118 -2.17 -5.87 8.14
N SER C 119 -3.30 -5.73 7.46
CA SER C 119 -3.31 -5.75 6.01
C SER C 119 -2.66 -4.48 5.44
N ALA C 120 -2.08 -4.62 4.24
CA ALA C 120 -1.51 -3.48 3.56
C ALA C 120 -2.57 -2.43 3.25
N GLY C 121 -3.80 -2.88 2.96
CA GLY C 121 -4.87 -1.94 2.69
C GLY C 121 -5.16 -1.02 3.85
N LEU C 122 -4.97 -1.52 5.08
CA LEU C 122 -5.10 -0.65 6.25
C LEU C 122 -4.11 0.51 6.19
N LEU C 123 -2.87 0.23 5.81
CA LEU C 123 -1.85 1.27 5.72
C LEU C 123 -2.16 2.24 4.58
N THR C 124 -2.58 1.73 3.42
CA THR C 124 -2.87 2.55 2.25
C THR C 124 -4.32 3.02 2.20
N TYR C 125 -5.01 2.99 3.34
CA TYR C 125 -6.33 3.60 3.45
C TYR C 125 -6.36 5.06 2.99
N PRO C 126 -5.40 5.93 3.34
CA PRO C 126 -5.52 7.36 2.97
C PRO C 126 -5.48 7.60 1.46
N PRO C 127 -4.54 7.00 0.70
CA PRO C 127 -4.51 7.30 -0.74
C PRO C 127 -5.78 6.90 -1.48
N LEU C 128 -6.49 5.85 -1.02
CA LEU C 128 -7.79 5.57 -1.62
C LEU C 128 -8.81 6.63 -1.25
N MET C 129 -8.77 7.11 0.00
CA MET C 129 -9.66 8.19 0.42
C MET C 129 -9.34 9.48 -0.33
N ALA C 130 -8.06 9.77 -0.53
CA ALA C 130 -7.67 10.93 -1.32
C ALA C 130 -8.18 10.82 -2.74
N ALA C 131 -8.14 9.62 -3.31
CA ALA C 131 -8.69 9.39 -4.64
C ALA C 131 -10.19 9.67 -4.67
N ASP C 132 -10.92 9.15 -3.68
CA ASP C 132 -12.35 9.43 -3.57
C ASP C 132 -12.63 10.92 -3.72
N ILE C 133 -11.87 11.75 -3.00
CA ILE C 133 -12.14 13.17 -2.97
C ILE C 133 -11.69 13.85 -4.25
N LEU C 134 -10.44 13.60 -4.67
CA LEU C 134 -9.84 14.38 -5.74
C LEU C 134 -10.46 14.07 -7.09
N LEU C 135 -11.08 12.90 -7.26
CA LEU C 135 -11.58 12.50 -8.58
C LEU C 135 -12.68 13.43 -9.07
N TYR C 136 -13.42 14.07 -8.16
CA TYR C 136 -14.58 14.85 -8.52
C TYR C 136 -14.35 16.35 -8.37
N ASN C 137 -13.08 16.76 -8.32
CA ASN C 137 -12.70 18.16 -8.13
C ASN C 137 -13.42 18.76 -6.92
N THR C 138 -13.36 18.02 -5.82
CA THR C 138 -14.14 18.34 -4.64
C THR C 138 -13.61 19.62 -3.98
N ASP C 139 -14.53 20.50 -3.59
CA ASP C 139 -14.19 21.70 -2.85
C ASP C 139 -14.32 21.50 -1.34
N ILE C 140 -15.38 20.81 -0.90
CA ILE C 140 -15.71 20.69 0.51
C ILE C 140 -15.91 19.21 0.86
N VAL C 141 -15.37 18.80 2.00
CA VAL C 141 -15.52 17.43 2.49
C VAL C 141 -16.13 17.46 3.88
N PRO C 142 -17.44 17.22 4.03
CA PRO C 142 -18.06 17.25 5.36
C PRO C 142 -17.83 15.94 6.11
N VAL C 143 -17.19 16.04 7.28
CA VAL C 143 -16.77 14.88 8.05
C VAL C 143 -16.78 15.22 9.53
N GLY C 144 -16.71 14.17 10.36
CA GLY C 144 -16.41 14.34 11.76
C GLY C 144 -14.93 14.58 11.98
N GLU C 145 -14.58 14.93 13.23
CA GLU C 145 -13.22 15.33 13.54
C GLU C 145 -12.20 14.24 13.24
N ASP C 146 -12.61 12.97 13.30
CA ASP C 146 -11.69 11.86 13.12
C ASP C 146 -11.06 11.82 11.73
N GLN C 147 -11.68 12.46 10.75
CA GLN C 147 -11.20 12.43 9.38
C GLN C 147 -10.37 13.65 9.00
N LYS C 148 -10.15 14.57 9.94
CA LYS C 148 -9.43 15.80 9.63
C LYS C 148 -8.02 15.50 9.12
N GLN C 149 -7.31 14.59 9.79
CA GLN C 149 -5.93 14.29 9.39
C GLN C 149 -5.88 13.69 7.98
N HIS C 150 -6.83 12.81 7.65
CA HIS C 150 -6.84 12.22 6.32
C HIS C 150 -7.04 13.27 5.24
N ILE C 151 -7.85 14.28 5.52
CA ILE C 151 -8.08 15.35 4.55
C ILE C 151 -6.86 16.26 4.46
N GLU C 152 -6.15 16.45 5.57
CA GLU C 152 -4.89 17.19 5.52
C GLU C 152 -3.89 16.50 4.61
N LEU C 153 -3.79 15.16 4.71
CA LEU C 153 -2.90 14.43 3.83
C LEU C 153 -3.38 14.50 2.38
N THR C 154 -4.70 14.45 2.16
CA THR C 154 -5.24 14.58 0.82
C THR C 154 -4.82 15.89 0.17
N ARG C 155 -4.86 16.99 0.94
CA ARG C 155 -4.43 18.27 0.42
C ARG C 155 -2.94 18.24 0.07
N ASP C 156 -2.13 17.60 0.91
CA ASP C 156 -0.71 17.48 0.62
C ASP C 156 -0.47 16.70 -0.68
N LEU C 157 -1.18 15.59 -0.86
CA LEU C 157 -0.99 14.78 -2.06
C LEU C 157 -1.43 15.53 -3.31
N ALA C 158 -2.53 16.28 -3.21
CA ALA C 158 -2.98 17.08 -4.34
C ALA C 158 -1.94 18.13 -4.72
N GLU C 159 -1.38 18.80 -3.72
CA GLU C 159 -0.37 19.82 -3.99
C GLU C 159 0.90 19.18 -4.57
N ARG C 160 1.30 18.03 -4.04
CA ARG C 160 2.48 17.35 -4.56
C ARG C 160 2.29 16.97 -6.02
N PHE C 161 1.15 16.37 -6.35
CA PHE C 161 0.84 16.06 -7.74
C PHE C 161 0.83 17.31 -8.60
N ASN C 162 0.18 18.36 -8.12
CA ASN C 162 0.05 19.58 -8.91
C ASN C 162 1.41 20.19 -9.24
N LYS C 163 2.33 20.18 -8.27
CA LYS C 163 3.64 20.80 -8.46
C LYS C 163 4.67 19.86 -9.06
N ARG C 164 4.45 18.54 -8.97
CA ARG C 164 5.36 17.60 -9.61
C ARG C 164 5.04 17.44 -11.08
N TYR C 165 3.76 17.49 -11.45
CA TYR C 165 3.30 17.19 -12.80
C TYR C 165 2.66 18.39 -13.49
N GLY C 166 1.70 19.02 -12.85
CA GLY C 166 0.98 20.14 -13.45
C GLY C 166 -0.34 20.38 -12.72
N GLU C 167 -0.84 21.60 -12.76
CA GLU C 167 -2.05 21.95 -12.02
C GLU C 167 -3.24 21.12 -12.53
N LEU C 168 -3.83 20.32 -11.65
CA LEU C 168 -4.90 19.42 -12.05
C LEU C 168 -5.99 19.31 -10.98
N PHE C 169 -5.58 19.13 -9.72
CA PHE C 169 -6.53 18.86 -8.64
C PHE C 169 -6.98 20.14 -7.97
N THR C 170 -8.26 20.20 -7.62
CA THR C 170 -8.72 21.20 -6.66
C THR C 170 -8.25 20.80 -5.26
N ILE C 171 -7.80 21.80 -4.49
CA ILE C 171 -7.39 21.55 -3.12
C ILE C 171 -8.63 21.53 -2.24
N PRO C 172 -9.01 20.38 -1.69
CA PRO C 172 -10.24 20.32 -0.89
C PRO C 172 -10.04 20.88 0.51
N GLU C 173 -11.17 21.24 1.12
CA GLU C 173 -11.20 21.70 2.49
C GLU C 173 -12.20 20.88 3.28
N ALA C 174 -11.81 20.50 4.49
CA ALA C 174 -12.74 19.81 5.37
C ALA C 174 -13.78 20.78 5.91
N ARG C 175 -14.98 20.26 6.17
CA ARG C 175 -16.01 21.00 6.88
C ARG C 175 -16.47 20.13 8.05
N ILE C 176 -16.01 20.47 9.24
CA ILE C 176 -16.29 19.73 10.46
C ILE C 176 -17.29 20.52 11.28
N PRO C 177 -18.42 19.93 11.68
CA PRO C 177 -19.45 20.70 12.37
C PRO C 177 -18.98 21.20 13.72
N LYS C 178 -19.51 22.36 14.11
CA LYS C 178 -19.17 22.94 15.41
C LYS C 178 -19.57 22.02 16.54
N VAL C 179 -20.75 21.42 16.47
CA VAL C 179 -21.29 20.56 17.52
C VAL C 179 -21.35 19.13 16.99
N GLY C 180 -20.96 18.18 17.84
CA GLY C 180 -21.11 16.78 17.51
C GLY C 180 -20.09 16.20 16.57
N ALA C 181 -18.91 16.82 16.48
CA ALA C 181 -17.85 16.32 15.61
C ALA C 181 -17.20 15.05 16.14
N ARG C 182 -17.41 14.71 17.42
CA ARG C 182 -16.77 13.54 18.00
C ARG C 182 -17.70 12.97 19.09
N ILE C 183 -18.70 12.21 18.65
CA ILE C 183 -19.52 11.46 19.58
C ILE C 183 -18.70 10.31 20.14
N MET C 184 -18.73 10.14 21.45
CA MET C 184 -17.88 9.18 22.14
C MET C 184 -18.61 7.87 22.38
N SER C 185 -17.82 6.82 22.61
CA SER C 185 -18.36 5.51 22.92
C SER C 185 -19.11 5.53 24.24
N LEU C 186 -20.21 4.80 24.31
CA LEU C 186 -21.02 4.79 25.52
C LEU C 186 -20.34 4.02 26.65
N VAL C 187 -19.46 3.08 26.32
CA VAL C 187 -18.78 2.28 27.34
C VAL C 187 -17.37 2.76 27.64
N ASP C 188 -16.79 3.61 26.79
CA ASP C 188 -15.49 4.22 27.04
C ASP C 188 -15.54 5.65 26.52
N PRO C 189 -15.94 6.61 27.37
CA PRO C 189 -16.16 7.99 26.91
C PRO C 189 -14.90 8.71 26.44
N THR C 190 -13.74 8.06 26.52
CA THR C 190 -12.51 8.62 25.98
C THR C 190 -12.20 8.11 24.58
N LYS C 191 -12.98 7.16 24.08
CA LYS C 191 -12.88 6.65 22.72
C LYS C 191 -14.07 7.15 21.91
N LYS C 192 -13.84 7.40 20.62
CA LYS C 192 -14.92 7.83 19.76
C LYS C 192 -15.86 6.67 19.47
N MET C 193 -17.13 7.00 19.21
CA MET C 193 -18.09 5.97 18.84
C MET C 193 -17.81 5.49 17.42
N SER C 194 -17.73 4.17 17.25
CA SER C 194 -17.37 3.58 15.98
C SER C 194 -18.32 2.42 15.69
N LYS C 195 -18.78 2.33 14.44
CA LYS C 195 -19.77 1.33 14.09
C LYS C 195 -19.21 -0.10 14.06
N SER C 196 -17.88 -0.26 14.10
CA SER C 196 -17.25 -1.57 14.09
C SER C 196 -16.66 -1.93 15.46
N ASP C 197 -17.06 -1.23 16.51
CA ASP C 197 -16.57 -1.54 17.85
C ASP C 197 -16.91 -2.98 18.19
N PRO C 198 -15.96 -3.77 18.71
CA PRO C 198 -16.28 -5.14 19.10
C PRO C 198 -17.35 -5.23 20.17
N ASN C 199 -17.59 -4.16 20.92
CA ASN C 199 -18.62 -4.14 21.95
C ASN C 199 -19.85 -3.43 21.39
N PRO C 200 -20.94 -4.15 21.13
CA PRO C 200 -22.15 -3.49 20.62
C PRO C 200 -22.70 -2.42 21.54
N LYS C 201 -22.42 -2.51 22.85
CA LYS C 201 -22.89 -1.49 23.79
C LYS C 201 -22.22 -0.14 23.59
N ALA C 202 -21.15 -0.07 22.80
CA ALA C 202 -20.43 1.19 22.62
C ALA C 202 -21.21 2.15 21.73
N TYR C 203 -22.05 1.64 20.85
CA TYR C 203 -22.69 2.45 19.83
C TYR C 203 -24.19 2.20 19.79
N ILE C 204 -24.90 3.18 19.25
CA ILE C 204 -26.31 3.05 18.88
C ILE C 204 -26.38 3.08 17.36
N THR C 205 -26.79 1.98 16.75
CA THR C 205 -27.02 2.04 15.31
C THR C 205 -28.38 2.67 15.03
N LEU C 206 -28.52 3.22 13.83
CA LEU C 206 -29.78 3.81 13.42
C LEU C 206 -30.90 2.79 13.32
N LEU C 207 -30.60 1.50 13.35
CA LEU C 207 -31.60 0.44 13.27
C LEU C 207 -31.84 -0.24 14.61
N ASP C 208 -31.25 0.25 15.68
CA ASP C 208 -31.49 -0.33 17.01
C ASP C 208 -32.93 -0.12 17.43
N ASP C 209 -33.54 -1.16 18.01
CA ASP C 209 -34.91 -1.00 18.46
C ASP C 209 -34.94 -0.32 19.83
N ALA C 210 -36.15 0.07 20.25
CA ALA C 210 -36.32 0.87 21.46
C ALA C 210 -35.76 0.14 22.69
N LYS C 211 -36.03 -1.16 22.79
CA LYS C 211 -35.54 -1.96 23.90
C LYS C 211 -34.02 -1.97 23.94
N THR C 212 -33.38 -2.08 22.77
CA THR C 212 -31.93 -2.06 22.69
C THR C 212 -31.37 -0.68 23.04
N ILE C 213 -31.99 0.37 22.50
CA ILE C 213 -31.51 1.73 22.76
C ILE C 213 -31.63 2.05 24.25
N GLU C 214 -32.76 1.67 24.86
CA GLU C 214 -32.88 1.82 26.31
C GLU C 214 -31.71 1.13 27.01
N LYS C 215 -31.48 -0.15 26.72
CA LYS C 215 -30.41 -0.90 27.38
C LYS C 215 -29.07 -0.18 27.26
N LYS C 216 -28.72 0.26 26.06
CA LYS C 216 -27.38 0.80 25.84
C LYS C 216 -27.20 2.15 26.52
N ILE C 217 -28.27 2.98 26.54
CA ILE C 217 -28.15 4.28 27.20
C ILE C 217 -28.07 4.11 28.72
N LYS C 218 -28.88 3.22 29.30
CA LYS C 218 -28.90 3.09 30.75
C LYS C 218 -27.64 2.45 31.30
N SER C 219 -26.91 1.68 30.50
CA SER C 219 -25.65 1.08 30.93
C SER C 219 -24.44 1.88 30.45
N ALA C 220 -24.65 3.05 29.86
CA ALA C 220 -23.55 3.91 29.47
C ALA C 220 -22.75 4.33 30.70
N VAL C 221 -21.42 4.28 30.58
CA VAL C 221 -20.55 4.49 31.73
C VAL C 221 -20.56 5.97 32.11
N THR C 222 -20.72 6.23 33.41
CA THR C 222 -20.68 7.57 33.97
C THR C 222 -19.83 7.55 35.24
N ASP C 223 -19.63 8.74 35.81
CA ASP C 223 -19.03 8.83 37.13
C ASP C 223 -20.08 8.41 38.16
N SER C 224 -19.76 8.59 39.45
CA SER C 224 -20.69 8.28 40.51
C SER C 224 -21.22 9.53 41.21
N GLU C 225 -20.84 10.73 40.75
CA GLU C 225 -21.48 11.97 41.15
C GLU C 225 -22.95 11.93 40.76
N GLY C 226 -23.77 12.84 41.29
CA GLY C 226 -25.16 12.90 40.89
C GLY C 226 -25.52 14.10 40.04
N THR C 227 -24.55 14.97 39.77
CA THR C 227 -24.81 16.23 39.09
C THR C 227 -24.71 16.05 37.58
N ILE C 228 -25.77 16.39 36.85
CA ILE C 228 -25.78 16.35 35.40
C ILE C 228 -25.30 17.72 34.91
N ARG C 229 -24.02 17.78 34.53
CA ARG C 229 -23.44 19.02 34.02
C ARG C 229 -22.27 18.69 33.10
N TYR C 230 -22.04 19.57 32.12
CA TYR C 230 -21.07 19.31 31.08
C TYR C 230 -19.66 19.62 31.59
N ASP C 231 -18.78 18.63 31.53
CA ASP C 231 -17.38 18.76 31.94
C ASP C 231 -16.61 17.57 31.40
N LYS C 232 -15.91 17.76 30.27
CA LYS C 232 -15.32 16.64 29.56
C LYS C 232 -14.22 15.98 30.39
N GLU C 233 -13.40 16.77 31.07
CA GLU C 233 -12.27 16.22 31.81
C GLU C 233 -12.74 15.39 33.00
N ALA C 234 -13.67 15.94 33.78
CA ALA C 234 -14.13 15.26 34.99
C ALA C 234 -15.28 14.28 34.73
N LYS C 235 -16.17 14.60 33.78
CA LYS C 235 -17.36 13.80 33.53
C LYS C 235 -17.53 13.53 32.04
N PRO C 236 -16.60 12.77 31.44
CA PRO C 236 -16.67 12.53 29.99
C PRO C 236 -17.90 11.74 29.57
N GLY C 237 -18.38 10.83 30.42
CA GLY C 237 -19.58 10.08 30.12
C GLY C 237 -20.82 10.94 30.07
N ILE C 238 -21.08 11.67 31.15
CA ILE C 238 -22.24 12.55 31.20
C ILE C 238 -22.15 13.64 30.14
N SER C 239 -20.93 14.14 29.91
CA SER C 239 -20.75 15.19 28.90
C SER C 239 -21.10 14.68 27.51
N ASN C 240 -20.70 13.44 27.19
CA ASN C 240 -21.07 12.86 25.90
C ASN C 240 -22.58 12.69 25.78
N LEU C 241 -23.24 12.27 26.87
CA LEU C 241 -24.69 12.10 26.84
C LEU C 241 -25.41 13.43 26.70
N LEU C 242 -24.91 14.48 27.38
CA LEU C 242 -25.50 15.81 27.23
C LEU C 242 -25.35 16.31 25.80
N ASN C 243 -24.22 16.02 25.16
CA ASN C 243 -24.00 16.45 23.78
C ASN C 243 -24.96 15.76 22.84
N ILE C 244 -25.13 14.46 22.97
CA ILE C 244 -26.10 13.73 22.16
C ILE C 244 -27.51 14.26 22.39
N TYR C 245 -27.88 14.41 23.66
CA TYR C 245 -29.18 14.97 24.03
C TYR C 245 -29.38 16.34 23.39
N SER C 246 -28.39 17.22 23.52
CA SER C 246 -28.54 18.60 23.06
C SER C 246 -28.75 18.66 21.56
N THR C 247 -27.90 17.97 20.80
CA THR C 247 -27.94 18.09 19.35
C THR C 247 -29.12 17.34 18.74
N LEU C 248 -29.65 16.33 19.42
CA LEU C 248 -30.81 15.62 18.88
C LEU C 248 -32.11 16.32 19.26
N SER C 249 -32.17 16.92 20.46
CA SER C 249 -33.40 17.53 20.95
C SER C 249 -33.53 19.00 20.58
N GLY C 250 -32.43 19.68 20.29
CA GLY C 250 -32.47 21.10 20.04
C GLY C 250 -32.35 21.96 21.28
N GLN C 251 -32.32 21.37 22.46
CA GLN C 251 -32.06 22.11 23.68
C GLN C 251 -30.56 22.35 23.82
N SER C 252 -30.19 23.50 24.36
CA SER C 252 -28.78 23.76 24.60
C SER C 252 -28.30 22.97 25.81
N ILE C 253 -26.97 22.88 25.94
CA ILE C 253 -26.39 22.21 27.10
C ILE C 253 -26.84 22.88 28.38
N GLU C 254 -26.77 24.22 28.42
CA GLU C 254 -27.23 24.96 29.59
C GLU C 254 -28.69 24.66 29.89
N GLU C 255 -29.54 24.65 28.86
CA GLU C 255 -30.95 24.36 29.06
C GLU C 255 -31.14 22.99 29.69
N LEU C 256 -30.37 22.00 29.24
CA LEU C 256 -30.50 20.65 29.77
C LEU C 256 -29.96 20.56 31.20
N GLU C 257 -28.89 21.31 31.49
CA GLU C 257 -28.35 21.34 32.85
C GLU C 257 -29.40 21.88 33.82
N ARG C 258 -30.09 22.96 33.44
CA ARG C 258 -31.14 23.51 34.29
C ARG C 258 -32.31 22.53 34.41
N GLN C 259 -32.67 21.87 33.32
CA GLN C 259 -33.82 20.96 33.34
C GLN C 259 -33.60 19.80 34.29
N TYR C 260 -32.36 19.35 34.45
CA TYR C 260 -32.06 18.18 35.27
C TYR C 260 -31.36 18.55 36.57
N GLU C 261 -31.51 19.79 37.01
CA GLU C 261 -31.07 20.18 38.36
C GLU C 261 -31.77 19.32 39.40
N GLY C 262 -30.98 18.75 40.31
CA GLY C 262 -31.52 17.91 41.36
C GLY C 262 -32.03 16.56 40.91
N LYS C 263 -31.92 16.22 39.63
CA LYS C 263 -32.35 14.93 39.12
C LYS C 263 -31.16 14.00 39.00
N GLY C 264 -31.45 12.69 39.04
CA GLY C 264 -30.41 11.68 38.98
C GLY C 264 -30.10 11.25 37.55
N TYR C 265 -29.01 10.48 37.43
CA TYR C 265 -28.63 9.95 36.13
C TYR C 265 -29.68 8.99 35.58
N GLY C 266 -30.43 8.33 36.47
CA GLY C 266 -31.38 7.33 36.03
C GLY C 266 -32.46 7.89 35.12
N VAL C 267 -33.11 8.97 35.56
CA VAL C 267 -34.17 9.56 34.74
C VAL C 267 -33.56 10.31 33.57
N PHE C 268 -32.36 10.88 33.73
CA PHE C 268 -31.68 11.53 32.62
C PHE C 268 -31.44 10.54 31.49
N LYS C 269 -30.93 9.35 31.82
CA LYS C 269 -30.68 8.34 30.81
C LYS C 269 -31.98 7.83 30.18
N ALA C 270 -33.00 7.60 31.01
CA ALA C 270 -34.28 7.12 30.49
C ALA C 270 -34.88 8.12 29.52
N ASP C 271 -34.80 9.42 29.84
CA ASP C 271 -35.30 10.44 28.94
C ASP C 271 -34.50 10.48 27.64
N LEU C 272 -33.17 10.43 27.75
CA LEU C 272 -32.33 10.47 26.55
C LEU C 272 -32.63 9.31 25.62
N ALA C 273 -32.86 8.12 26.17
CA ALA C 273 -33.18 6.96 25.36
C ALA C 273 -34.43 7.20 24.51
N GLN C 274 -35.43 7.86 25.09
CA GLN C 274 -36.66 8.14 24.34
C GLN C 274 -36.43 9.22 23.29
N VAL C 275 -35.58 10.21 23.59
CA VAL C 275 -35.21 11.21 22.60
C VAL C 275 -34.58 10.54 21.39
N VAL C 276 -33.69 9.58 21.63
CA VAL C 276 -33.04 8.87 20.53
C VAL C 276 -34.06 8.02 19.77
N ILE C 277 -34.95 7.34 20.49
CA ILE C 277 -35.94 6.48 19.85
C ILE C 277 -36.84 7.29 18.91
N GLU C 278 -37.35 8.43 19.40
CA GLU C 278 -38.23 9.25 18.59
C GLU C 278 -37.50 9.84 17.39
N THR C 279 -36.19 10.11 17.53
CA THR C 279 -35.42 10.58 16.39
C THR C 279 -35.32 9.51 15.30
N LEU C 280 -35.10 8.26 15.70
CA LEU C 280 -34.87 7.18 14.75
C LEU C 280 -36.16 6.61 14.17
N ARG C 281 -37.31 6.87 14.80
CA ARG C 281 -38.55 6.22 14.38
C ARG C 281 -38.91 6.53 12.94
N PRO C 282 -38.98 7.78 12.47
CA PRO C 282 -39.30 8.00 11.06
C PRO C 282 -38.21 7.51 10.12
N ILE C 283 -36.94 7.54 10.55
CA ILE C 283 -35.85 7.05 9.71
C ILE C 283 -36.00 5.55 9.48
N GLN C 284 -36.32 4.80 10.53
CA GLN C 284 -36.43 3.35 10.41
C GLN C 284 -37.61 2.94 9.53
N GLU C 285 -38.71 3.69 9.57
CA GLU C 285 -39.85 3.37 8.72
C GLU C 285 -39.51 3.55 7.26
N ARG C 286 -38.85 4.66 6.92
CA ARG C 286 -38.42 4.88 5.54
C ARG C 286 -37.38 3.85 5.12
N TYR C 287 -36.52 3.44 6.05
CA TYR C 287 -35.49 2.45 5.74
C TYR C 287 -36.10 1.15 5.25
N HIS C 288 -37.12 0.65 5.96
CA HIS C 288 -37.75 -0.61 5.57
C HIS C 288 -38.39 -0.52 4.19
N HIS C 289 -38.89 0.67 3.83
CA HIS C 289 -39.46 0.87 2.51
C HIS C 289 -38.40 0.72 1.43
N TRP C 290 -37.21 1.29 1.65
CA TRP C 290 -36.16 1.23 0.64
C TRP C 290 -35.56 -0.16 0.53
N MET C 291 -35.40 -0.86 1.65
CA MET C 291 -34.80 -2.20 1.63
C MET C 291 -35.67 -3.19 0.89
N GLU C 292 -36.97 -2.92 0.75
CA GLU C 292 -37.92 -3.87 0.19
C GLU C 292 -38.17 -3.67 -1.30
N SER C 293 -37.41 -2.79 -1.96
CA SER C 293 -37.78 -2.32 -3.29
C SER C 293 -36.64 -2.45 -4.28
N GLU C 294 -37.00 -2.79 -5.53
CA GLU C 294 -36.08 -2.81 -6.66
C GLU C 294 -35.49 -1.46 -6.93
N GLU C 295 -36.22 -0.41 -6.56
CA GLU C 295 -35.87 0.95 -6.85
C GLU C 295 -34.59 1.41 -6.17
N LEU C 296 -34.23 0.81 -5.03
CA LEU C 296 -32.94 1.13 -4.41
C LEU C 296 -31.80 0.84 -5.36
N ASP C 297 -31.89 -0.27 -6.10
CA ASP C 297 -30.83 -0.63 -7.05
C ASP C 297 -30.81 0.32 -8.24
N ARG C 298 -31.97 0.85 -8.65
CA ARG C 298 -31.98 1.80 -9.76
C ARG C 298 -31.30 3.11 -9.38
N VAL C 299 -31.51 3.57 -8.14
CA VAL C 299 -30.81 4.75 -7.66
C VAL C 299 -29.30 4.53 -7.72
N LEU C 300 -28.85 3.38 -7.23
CA LEU C 300 -27.42 3.09 -7.23
C LEU C 300 -26.88 2.88 -8.64
N ASP C 301 -27.69 2.29 -9.52
CA ASP C 301 -27.30 2.16 -10.92
C ASP C 301 -27.01 3.53 -11.53
N GLU C 302 -27.93 4.47 -11.36
CA GLU C 302 -27.78 5.78 -11.95
C GLU C 302 -26.67 6.57 -11.28
N GLY C 303 -26.51 6.41 -9.96
CA GLY C 303 -25.42 7.09 -9.27
C GLY C 303 -24.06 6.67 -9.78
N ALA C 304 -23.84 5.36 -9.94
CA ALA C 304 -22.56 4.87 -10.44
C ALA C 304 -22.32 5.29 -11.87
N GLU C 305 -23.38 5.37 -12.70
CA GLU C 305 -23.23 5.84 -14.06
C GLU C 305 -22.74 7.28 -14.09
N LYS C 306 -23.35 8.14 -13.27
CA LYS C 306 -22.96 9.55 -13.24
C LYS C 306 -21.54 9.71 -12.67
N ALA C 307 -21.24 9.00 -11.58
CA ALA C 307 -19.91 9.10 -10.99
C ALA C 307 -18.83 8.58 -11.93
N ASN C 308 -19.16 7.55 -12.71
CA ASN C 308 -18.19 6.99 -13.66
C ASN C 308 -17.81 8.01 -14.73
N ARG C 309 -18.80 8.77 -15.21
CA ARG C 309 -18.53 9.75 -16.26
C ARG C 309 -17.53 10.80 -15.78
N VAL C 310 -17.71 11.29 -14.55
CA VAL C 310 -16.81 12.31 -14.02
C VAL C 310 -15.46 11.70 -13.66
N ALA C 311 -15.48 10.58 -12.92
CA ALA C 311 -14.24 10.06 -12.35
C ALA C 311 -13.33 9.48 -13.42
N SER C 312 -13.88 8.80 -14.43
CA SER C 312 -13.05 8.22 -15.47
C SER C 312 -12.35 9.30 -16.29
N GLU C 313 -12.97 10.46 -16.45
CA GLU C 313 -12.31 11.55 -17.16
C GLU C 313 -11.13 12.09 -16.37
N MET C 314 -11.29 12.22 -15.04
CA MET C 314 -10.18 12.67 -14.21
C MET C 314 -9.03 11.67 -14.23
N VAL C 315 -9.34 10.37 -14.29
CA VAL C 315 -8.29 9.36 -14.36
C VAL C 315 -7.53 9.47 -15.67
N ARG C 316 -8.23 9.78 -16.77
CA ARG C 316 -7.55 10.04 -18.04
C ARG C 316 -6.58 11.20 -17.91
N LYS C 317 -7.01 12.28 -17.25
CA LYS C 317 -6.13 13.44 -17.07
C LYS C 317 -4.98 13.11 -16.13
N MET C 318 -5.24 12.33 -15.08
CA MET C 318 -4.16 11.89 -14.21
C MET C 318 -3.13 11.07 -14.99
N GLU C 319 -3.60 10.07 -15.75
CA GLU C 319 -2.69 9.23 -16.52
C GLU C 319 -1.87 10.04 -17.50
N GLN C 320 -2.52 10.99 -18.18
CA GLN C 320 -1.81 11.85 -19.12
C GLN C 320 -0.72 12.65 -18.41
N ALA C 321 -0.99 13.12 -17.19
CA ALA C 321 0.00 13.93 -16.48
C ALA C 321 1.20 13.09 -16.06
N MET C 322 0.97 11.83 -15.67
CA MET C 322 2.06 10.97 -15.22
C MET C 322 2.75 10.22 -16.35
N GLY C 323 2.20 10.25 -17.56
CA GLY C 323 2.78 9.52 -18.66
C GLY C 323 2.34 8.08 -18.79
N LEU C 324 1.37 7.65 -17.98
CA LEU C 324 0.84 6.29 -18.09
C LEU C 324 0.15 6.09 -19.43
N GLY C 325 0.15 4.83 -19.89
CA GLY C 325 -0.62 4.45 -21.06
C GLY C 325 -0.18 5.14 -22.33
N ARG C 326 -1.17 5.46 -23.17
CA ARG C 326 -0.91 6.13 -24.45
C ARG C 326 -1.73 7.41 -24.57
N MET D 1 -4.69 -26.55 -22.84
CA MET D 1 -3.58 -25.63 -23.01
C MET D 1 -3.47 -24.69 -21.82
N LYS D 2 -2.28 -24.63 -21.22
CA LYS D 2 -2.07 -23.85 -20.02
C LYS D 2 -1.80 -22.38 -20.37
N THR D 3 -1.96 -21.52 -19.36
CA THR D 3 -1.90 -20.08 -19.54
C THR D 3 -0.62 -19.51 -18.95
N ILE D 4 0.00 -18.60 -19.68
CA ILE D 4 1.23 -17.92 -19.28
C ILE D 4 0.94 -16.43 -19.14
N PHE D 5 1.46 -15.82 -18.07
CA PHE D 5 1.49 -14.38 -17.94
C PHE D 5 2.90 -13.94 -17.55
N SER D 6 3.36 -12.85 -18.16
CA SER D 6 4.61 -12.23 -17.76
C SER D 6 4.59 -10.77 -18.20
N GLY D 7 5.24 -9.92 -17.41
CA GLY D 7 5.25 -8.50 -17.68
C GLY D 7 6.66 -7.93 -17.55
N ILE D 8 6.84 -6.77 -18.19
CA ILE D 8 8.10 -6.05 -18.18
C ILE D 8 7.80 -4.57 -17.93
N GLN D 9 8.58 -3.95 -17.03
CA GLN D 9 8.38 -2.55 -16.68
C GLN D 9 8.93 -1.64 -17.76
N PRO D 10 8.15 -0.65 -18.22
CA PRO D 10 8.70 0.42 -19.08
C PRO D 10 9.41 1.51 -18.29
N SER D 11 10.27 1.09 -17.35
CA SER D 11 11.08 1.99 -16.55
C SER D 11 12.37 2.39 -17.25
N GLY D 12 12.46 2.15 -18.54
CA GLY D 12 13.68 2.30 -19.29
C GLY D 12 13.59 1.44 -20.54
N VAL D 13 14.70 1.38 -21.26
CA VAL D 13 14.80 0.50 -22.42
C VAL D 13 15.33 -0.85 -21.95
N ILE D 14 14.63 -1.92 -22.34
CA ILE D 14 14.96 -3.23 -21.80
C ILE D 14 16.38 -3.63 -22.20
N THR D 15 16.99 -4.46 -21.36
CA THR D 15 18.39 -4.81 -21.48
C THR D 15 18.53 -6.23 -22.01
N ILE D 16 19.79 -6.59 -22.32
CA ILE D 16 20.09 -7.99 -22.64
C ILE D 16 19.81 -8.88 -21.43
N GLY D 17 19.77 -8.31 -20.23
CA GLY D 17 19.34 -9.08 -19.08
C GLY D 17 17.85 -9.40 -19.13
N ASN D 18 17.02 -8.41 -19.43
CA ASN D 18 15.59 -8.66 -19.64
C ASN D 18 15.38 -9.64 -20.79
N TYR D 19 16.20 -9.53 -21.83
CA TYR D 19 16.04 -10.41 -23.00
C TYR D 19 16.39 -11.85 -22.66
N ILE D 20 17.60 -12.07 -22.11
CA ILE D 20 18.06 -13.42 -21.85
C ILE D 20 17.22 -14.09 -20.77
N GLY D 21 16.87 -13.34 -19.71
CA GLY D 21 16.16 -13.93 -18.60
C GLY D 21 14.67 -14.12 -18.82
N ALA D 22 14.08 -13.40 -19.77
CA ALA D 22 12.63 -13.43 -19.91
C ALA D 22 12.17 -13.38 -21.36
N LEU D 23 12.38 -12.24 -22.02
CA LEU D 23 11.71 -11.97 -23.29
C LEU D 23 12.07 -12.98 -24.37
N ARG D 24 13.34 -13.41 -24.41
CA ARG D 24 13.76 -14.40 -25.42
C ARG D 24 12.91 -15.66 -25.34
N GLN D 25 12.57 -16.09 -24.12
CA GLN D 25 11.77 -17.30 -23.96
C GLN D 25 10.30 -17.05 -24.31
N PHE D 26 9.84 -15.80 -24.17
CA PHE D 26 8.47 -15.46 -24.58
C PHE D 26 8.21 -15.89 -26.02
N VAL D 27 9.20 -15.67 -26.90
CA VAL D 27 9.03 -15.94 -28.32
C VAL D 27 8.79 -17.42 -28.58
N GLU D 28 9.40 -18.30 -27.78
CA GLU D 28 9.17 -19.73 -27.95
C GLU D 28 7.87 -20.16 -27.29
N LEU D 29 7.58 -19.63 -26.10
CA LEU D 29 6.43 -20.11 -25.34
C LEU D 29 5.10 -19.73 -25.98
N GLN D 30 5.09 -18.69 -26.82
CA GLN D 30 3.84 -18.21 -27.40
C GLN D 30 3.15 -19.25 -28.26
N HIS D 31 3.91 -20.21 -28.80
CA HIS D 31 3.33 -21.27 -29.62
C HIS D 31 2.86 -22.47 -28.81
N GLU D 32 3.31 -22.59 -27.55
CA GLU D 32 2.96 -23.73 -26.72
C GLU D 32 1.88 -23.44 -25.69
N TYR D 33 1.59 -22.16 -25.42
CA TYR D 33 0.71 -21.81 -24.32
C TYR D 33 -0.19 -20.66 -24.73
N ASN D 34 -1.26 -20.47 -23.94
CA ASN D 34 -2.10 -19.29 -24.02
C ASN D 34 -1.41 -18.17 -23.26
N CYS D 35 -0.89 -17.18 -23.97
CA CYS D 35 0.08 -16.24 -23.42
C CYS D 35 -0.50 -14.84 -23.31
N TYR D 36 -0.25 -14.21 -22.16
CA TYR D 36 -0.47 -12.79 -21.96
C TYR D 36 0.86 -12.15 -21.61
N PHE D 37 1.26 -11.14 -22.37
CA PHE D 37 2.49 -10.42 -22.13
C PHE D 37 2.17 -8.94 -21.96
N CYS D 38 2.67 -8.34 -20.88
CA CYS D 38 2.17 -7.06 -20.41
C CYS D 38 3.28 -6.02 -20.30
N ILE D 39 2.93 -4.79 -20.66
CA ILE D 39 3.76 -3.61 -20.39
C ILE D 39 3.21 -3.00 -19.10
N VAL D 40 3.91 -3.22 -18.00
CA VAL D 40 3.36 -2.92 -16.66
C VAL D 40 3.78 -1.49 -16.33
N ASP D 41 3.04 -0.53 -16.89
CA ASP D 41 3.37 0.86 -16.64
C ASP D 41 2.95 1.32 -15.25
N GLN D 42 1.98 0.64 -14.64
CA GLN D 42 1.60 1.00 -13.26
C GLN D 42 2.66 0.56 -12.26
N HIS D 43 3.41 -0.50 -12.57
CA HIS D 43 4.56 -0.85 -11.74
C HIS D 43 5.71 0.13 -11.93
N ALA D 44 5.86 0.66 -13.15
CA ALA D 44 6.97 1.55 -13.44
C ALA D 44 6.95 2.80 -12.57
N ILE D 45 5.76 3.31 -12.25
CA ILE D 45 5.64 4.59 -11.56
C ILE D 45 5.71 4.40 -10.04
N THR D 46 6.06 3.21 -9.57
CA THR D 46 6.34 3.07 -8.14
C THR D 46 7.60 3.82 -7.74
N VAL D 47 8.42 4.23 -8.71
CA VAL D 47 9.46 5.22 -8.50
C VAL D 47 9.27 6.30 -9.55
N TRP D 48 9.98 7.42 -9.37
CA TRP D 48 9.82 8.55 -10.27
C TRP D 48 10.12 8.16 -11.71
N GLN D 49 9.19 8.51 -12.60
CA GLN D 49 9.40 8.42 -14.03
C GLN D 49 9.05 9.76 -14.64
N ASP D 50 9.94 10.29 -15.48
CA ASP D 50 9.59 11.49 -16.22
C ASP D 50 8.44 11.16 -17.17
N PRO D 51 7.36 11.95 -17.17
CA PRO D 51 6.18 11.58 -17.97
C PRO D 51 6.48 11.43 -19.44
N HIS D 52 7.31 12.30 -20.02
CA HIS D 52 7.63 12.15 -21.44
C HIS D 52 8.43 10.88 -21.69
N GLU D 53 9.41 10.58 -20.84
CA GLU D 53 10.19 9.37 -21.02
C GLU D 53 9.33 8.13 -20.86
N LEU D 54 8.40 8.14 -19.90
CA LEU D 54 7.55 6.98 -19.66
C LEU D 54 6.67 6.69 -20.86
N ARG D 55 6.02 7.73 -21.41
CA ARG D 55 5.20 7.55 -22.61
C ARG D 55 6.02 6.95 -23.75
N GLN D 56 7.26 7.41 -23.93
CA GLN D 56 8.08 6.86 -25.00
C GLN D 56 8.47 5.42 -24.70
N ASN D 57 8.88 5.12 -23.47
CA ASN D 57 9.34 3.77 -23.14
C ASN D 57 8.23 2.75 -23.22
N ILE D 58 6.97 3.17 -23.03
CA ILE D 58 5.84 2.26 -23.21
C ILE D 58 5.75 1.82 -24.66
N ARG D 59 5.86 2.78 -25.58
CA ARG D 59 5.85 2.45 -27.00
C ARG D 59 7.08 1.64 -27.39
N ARG D 60 8.26 2.04 -26.88
CA ARG D 60 9.48 1.30 -27.20
C ARG D 60 9.39 -0.15 -26.75
N LEU D 61 8.87 -0.40 -25.56
CA LEU D 61 8.73 -1.76 -25.07
C LEU D 61 7.78 -2.56 -25.93
N ALA D 62 6.63 -1.97 -26.28
CA ALA D 62 5.69 -2.62 -27.18
C ALA D 62 6.35 -2.96 -28.51
N ALA D 63 7.12 -2.03 -29.06
CA ALA D 63 7.80 -2.29 -30.33
C ALA D 63 8.84 -3.39 -30.19
N LEU D 64 9.56 -3.42 -29.06
CA LEU D 64 10.57 -4.45 -28.88
C LEU D 64 9.97 -5.82 -28.62
N TYR D 65 8.81 -5.87 -27.95
CA TYR D 65 8.05 -7.12 -27.84
C TYR D 65 7.82 -7.73 -29.22
N LEU D 66 7.32 -6.92 -30.16
CA LEU D 66 7.02 -7.44 -31.48
C LEU D 66 8.28 -7.60 -32.33
N ALA D 67 9.29 -6.75 -32.11
CA ALA D 67 10.50 -6.83 -32.91
C ALA D 67 11.28 -8.12 -32.66
N VAL D 68 11.26 -8.63 -31.43
CA VAL D 68 11.95 -9.88 -31.14
C VAL D 68 11.17 -11.10 -31.63
N GLY D 69 9.91 -10.92 -32.05
CA GLY D 69 9.20 -11.99 -32.71
C GLY D 69 7.91 -12.45 -32.06
N ILE D 70 7.39 -11.69 -31.11
CA ILE D 70 6.10 -12.05 -30.52
C ILE D 70 5.00 -11.77 -31.52
N ASP D 71 4.20 -12.79 -31.82
CA ASP D 71 3.14 -12.68 -32.81
C ASP D 71 1.85 -12.25 -32.12
N PRO D 72 1.29 -11.08 -32.45
CA PRO D 72 0.08 -10.62 -31.75
C PRO D 72 -1.16 -11.46 -32.04
N THR D 73 -1.11 -12.36 -33.01
CA THR D 73 -2.20 -13.31 -33.22
C THR D 73 -2.00 -14.60 -32.42
N GLN D 74 -0.82 -14.81 -31.85
CA GLN D 74 -0.54 -15.96 -31.00
C GLN D 74 -0.46 -15.61 -29.53
N ALA D 75 -0.26 -14.34 -29.19
CA ALA D 75 -0.19 -13.91 -27.79
C ALA D 75 -0.90 -12.57 -27.66
N THR D 76 -1.37 -12.29 -26.44
CA THR D 76 -2.07 -11.06 -26.13
C THR D 76 -1.08 -10.07 -25.51
N LEU D 77 -0.84 -8.96 -26.21
CA LEU D 77 0.10 -7.93 -25.79
C LEU D 77 -0.67 -6.67 -25.45
N PHE D 78 -0.49 -6.15 -24.23
CA PHE D 78 -1.33 -5.05 -23.78
C PHE D 78 -0.61 -4.25 -22.69
N ILE D 79 -1.16 -3.08 -22.41
CA ILE D 79 -0.62 -2.15 -21.42
C ILE D 79 -1.44 -2.26 -20.15
N GLN D 80 -0.73 -2.45 -19.03
CA GLN D 80 -1.36 -2.68 -17.73
C GLN D 80 -2.43 -1.65 -17.42
N SER D 81 -2.09 -0.36 -17.52
CA SER D 81 -3.01 0.69 -17.11
C SER D 81 -4.25 0.76 -17.99
N GLU D 82 -4.22 0.15 -19.17
CA GLU D 82 -5.39 0.15 -20.05
C GLU D 82 -6.39 -0.94 -19.69
N VAL D 83 -6.11 -1.74 -18.68
CA VAL D 83 -7.04 -2.73 -18.14
C VAL D 83 -7.28 -2.40 -16.67
N PRO D 84 -8.40 -1.72 -16.35
CA PRO D 84 -8.61 -1.29 -14.97
C PRO D 84 -8.67 -2.41 -13.96
N ALA D 85 -8.98 -3.64 -14.40
CA ALA D 85 -9.10 -4.76 -13.48
C ALA D 85 -7.83 -4.97 -12.67
N HIS D 86 -6.67 -4.60 -13.23
CA HIS D 86 -5.41 -4.79 -12.52
C HIS D 86 -5.34 -3.94 -11.25
N ALA D 87 -5.75 -2.68 -11.34
CA ALA D 87 -5.78 -1.83 -10.16
C ALA D 87 -6.87 -2.28 -9.18
N GLN D 88 -8.03 -2.69 -9.70
CA GLN D 88 -9.10 -3.17 -8.85
C GLN D 88 -8.67 -4.41 -8.08
N ALA D 89 -8.11 -5.39 -8.79
CA ALA D 89 -7.66 -6.61 -8.12
C ALA D 89 -6.47 -6.33 -7.21
N ALA D 90 -5.62 -5.36 -7.57
CA ALA D 90 -4.51 -4.99 -6.69
C ALA D 90 -5.02 -4.50 -5.34
N TRP D 91 -6.12 -3.75 -5.33
CA TRP D 91 -6.64 -3.25 -4.06
C TRP D 91 -7.16 -4.40 -3.20
N MET D 92 -7.89 -5.33 -3.80
CA MET D 92 -8.43 -6.45 -3.02
C MET D 92 -7.31 -7.30 -2.46
N LEU D 93 -6.27 -7.55 -3.24
CA LEU D 93 -5.13 -8.34 -2.75
C LEU D 93 -4.32 -7.57 -1.71
N GLN D 94 -4.32 -6.23 -1.79
CA GLN D 94 -3.69 -5.43 -0.75
C GLN D 94 -4.37 -5.65 0.59
N CYS D 95 -5.67 -5.93 0.58
CA CYS D 95 -6.42 -6.20 1.80
C CYS D 95 -6.23 -7.63 2.29
N ILE D 96 -5.56 -8.48 1.52
CA ILE D 96 -5.27 -9.84 1.92
C ILE D 96 -3.83 -9.98 2.42
N VAL D 97 -2.90 -9.25 1.80
CA VAL D 97 -1.51 -9.33 2.21
C VAL D 97 -1.30 -8.55 3.49
N TYR D 98 -0.32 -8.99 4.29
CA TYR D 98 0.04 -8.32 5.52
C TYR D 98 1.27 -7.44 5.30
N ILE D 99 1.34 -6.36 6.08
CA ILE D 99 2.43 -5.39 5.90
C ILE D 99 3.78 -6.06 6.06
N GLY D 100 3.90 -6.97 7.03
CA GLY D 100 5.18 -7.62 7.27
C GLY D 100 5.66 -8.46 6.09
N GLU D 101 4.73 -9.02 5.33
CA GLU D 101 5.12 -9.80 4.15
C GLU D 101 5.70 -8.91 3.07
N LEU D 102 5.18 -7.68 2.93
CA LEU D 102 5.70 -6.76 1.93
C LEU D 102 7.06 -6.20 2.35
N GLU D 103 7.23 -5.92 3.63
CA GLU D 103 8.45 -5.29 4.11
C GLU D 103 9.66 -6.21 4.03
N ARG D 104 9.45 -7.53 4.01
CA ARG D 104 10.55 -8.48 3.91
C ARG D 104 10.87 -8.89 2.48
N MET D 105 10.15 -8.37 1.50
CA MET D 105 10.48 -8.65 0.10
C MET D 105 11.86 -8.12 -0.24
N THR D 106 12.66 -8.94 -0.92
CA THR D 106 14.04 -8.57 -1.20
C THR D 106 14.11 -7.37 -2.14
N GLN D 107 13.24 -7.34 -3.16
CA GLN D 107 13.25 -6.22 -4.10
C GLN D 107 12.92 -4.91 -3.39
N PHE D 108 11.91 -4.92 -2.52
CA PHE D 108 11.56 -3.71 -1.79
C PHE D 108 12.72 -3.23 -0.94
N LYS D 109 13.37 -4.14 -0.22
CA LYS D 109 14.48 -3.75 0.65
C LYS D 109 15.65 -3.21 -0.17
N GLU D 110 15.91 -3.81 -1.34
CA GLU D 110 16.98 -3.33 -2.19
C GLU D 110 16.65 -1.97 -2.78
N LYS D 111 15.41 -1.79 -3.27
CA LYS D 111 15.05 -0.55 -3.95
C LYS D 111 14.87 0.61 -2.98
N SER D 112 14.54 0.34 -1.73
CA SER D 112 14.34 1.38 -0.73
C SER D 112 15.58 1.65 0.11
N ALA D 113 16.67 0.93 -0.13
CA ALA D 113 17.85 1.04 0.72
C ALA D 113 18.51 2.41 0.58
N GLY D 114 18.98 2.74 -0.63
CA GLY D 114 19.65 4.01 -0.84
C GLY D 114 18.73 5.21 -0.81
N LYS D 115 17.42 5.01 -0.80
CA LYS D 115 16.45 6.09 -0.78
C LYS D 115 16.12 6.46 0.67
N GLU D 116 15.67 7.71 0.85
CA GLU D 116 15.28 8.19 2.16
C GLU D 116 13.79 8.42 2.31
N ALA D 117 13.08 8.68 1.20
CA ALA D 117 11.63 8.75 1.19
C ALA D 117 11.14 7.85 0.07
N VAL D 118 10.37 6.83 0.44
CA VAL D 118 9.96 5.77 -0.48
C VAL D 118 8.45 5.79 -0.62
N SER D 119 7.98 5.67 -1.86
CA SER D 119 6.55 5.70 -2.12
C SER D 119 5.88 4.44 -1.60
N ALA D 120 4.60 4.58 -1.23
CA ALA D 120 3.82 3.42 -0.80
C ALA D 120 3.69 2.39 -1.92
N GLY D 121 3.64 2.85 -3.18
CA GLY D 121 3.55 1.93 -4.29
C GLY D 121 4.74 0.98 -4.38
N LEU D 122 5.92 1.45 -3.97
CA LEU D 122 7.08 0.57 -3.93
C LEU D 122 6.84 -0.59 -2.96
N LEU D 123 6.25 -0.30 -1.80
CA LEU D 123 5.96 -1.35 -0.84
C LEU D 123 4.88 -2.30 -1.36
N THR D 124 3.81 -1.76 -1.95
CA THR D 124 2.70 -2.55 -2.46
C THR D 124 2.92 -3.01 -3.90
N TYR D 125 4.16 -2.98 -4.37
CA TYR D 125 4.50 -3.59 -5.65
C TYR D 125 4.02 -5.03 -5.79
N PRO D 126 4.19 -5.93 -4.80
CA PRO D 126 3.82 -7.34 -5.01
C PRO D 126 2.32 -7.55 -5.23
N PRO D 127 1.42 -6.95 -4.43
CA PRO D 127 -0.01 -7.21 -4.66
C PRO D 127 -0.50 -6.80 -6.04
N LEU D 128 0.08 -5.77 -6.65
CA LEU D 128 -0.27 -5.47 -8.04
C LEU D 128 0.27 -6.54 -8.97
N MET D 129 1.49 -7.00 -8.73
CA MET D 129 2.06 -8.08 -9.54
C MET D 129 1.26 -9.37 -9.37
N ALA D 130 0.82 -9.65 -8.14
CA ALA D 130 -0.04 -10.82 -7.92
C ALA D 130 -1.35 -10.68 -8.69
N ALA D 131 -1.91 -9.47 -8.73
CA ALA D 131 -3.12 -9.23 -9.50
C ALA D 131 -2.88 -9.49 -10.98
N ASP D 132 -1.77 -8.97 -11.52
CA ASP D 132 -1.37 -9.24 -12.90
C ASP D 132 -1.50 -10.71 -13.24
N ILE D 133 -0.97 -11.57 -12.38
CA ILE D 133 -0.90 -13.00 -12.65
C ILE D 133 -2.26 -13.66 -12.44
N LEU D 134 -2.87 -13.45 -11.28
CA LEU D 134 -4.04 -14.22 -10.89
C LEU D 134 -5.26 -13.88 -11.74
N LEU D 135 -5.30 -12.70 -12.34
CA LEU D 135 -6.49 -12.27 -13.08
C LEU D 135 -6.79 -13.18 -14.26
N TYR D 136 -5.76 -13.82 -14.82
CA TYR D 136 -5.91 -14.58 -16.06
C TYR D 136 -5.82 -16.09 -15.82
N ASN D 137 -6.04 -16.52 -14.57
CA ASN D 137 -5.93 -17.93 -14.18
C ASN D 137 -4.62 -18.52 -14.67
N THR D 138 -3.53 -17.79 -14.42
CA THR D 138 -2.23 -18.13 -14.98
C THR D 138 -1.68 -19.40 -14.35
N ASP D 139 -1.16 -20.30 -15.19
CA ASP D 139 -0.51 -21.51 -14.72
C ASP D 139 1.01 -21.31 -14.56
N ILE D 140 1.64 -20.60 -15.49
CA ILE D 140 3.08 -20.51 -15.58
C ILE D 140 3.48 -19.05 -15.74
N VAL D 141 4.52 -18.64 -15.01
CA VAL D 141 5.05 -17.28 -15.07
C VAL D 141 6.53 -17.36 -15.42
N PRO D 142 6.90 -17.10 -16.67
CA PRO D 142 8.32 -17.13 -17.06
C PRO D 142 9.02 -15.84 -16.65
N VAL D 143 10.04 -15.96 -15.81
CA VAL D 143 10.73 -14.81 -15.23
C VAL D 143 12.19 -15.16 -14.98
N GLY D 144 13.01 -14.14 -14.74
CA GLY D 144 14.32 -14.34 -14.19
C GLY D 144 14.29 -14.58 -12.70
N GLU D 145 15.45 -14.92 -12.14
CA GLU D 145 15.51 -15.35 -10.75
C GLU D 145 15.06 -14.25 -9.78
N ASP D 146 15.20 -12.99 -10.17
CA ASP D 146 14.87 -11.88 -9.28
C ASP D 146 13.38 -11.82 -8.93
N GLN D 147 12.52 -12.43 -9.74
CA GLN D 147 11.08 -12.40 -9.50
C GLN D 147 10.56 -13.62 -8.77
N LYS D 148 11.44 -14.56 -8.41
CA LYS D 148 10.98 -15.80 -7.77
C LYS D 148 10.25 -15.51 -6.47
N GLN D 149 10.80 -14.61 -5.64
CA GLN D 149 10.17 -14.33 -4.35
C GLN D 149 8.78 -13.72 -4.54
N HIS D 150 8.62 -12.85 -5.54
CA HIS D 150 7.31 -12.25 -5.79
C HIS D 150 6.29 -13.32 -6.21
N ILE D 151 6.74 -14.31 -6.97
CA ILE D 151 5.85 -15.41 -7.35
C ILE D 151 5.51 -16.25 -6.12
N GLU D 152 6.47 -16.45 -5.22
CA GLU D 152 6.18 -17.16 -3.97
C GLU D 152 5.06 -16.48 -3.21
N LEU D 153 5.13 -15.15 -3.05
CA LEU D 153 4.09 -14.42 -2.33
C LEU D 153 2.77 -14.49 -3.06
N THR D 154 2.79 -14.43 -4.40
CA THR D 154 1.56 -14.53 -5.17
C THR D 154 0.85 -15.85 -4.90
N ARG D 155 1.60 -16.94 -4.85
CA ARG D 155 1.00 -18.24 -4.52
C ARG D 155 0.41 -18.22 -3.12
N ASP D 156 1.07 -17.56 -2.18
CA ASP D 156 0.54 -17.45 -0.82
C ASP D 156 -0.77 -16.68 -0.81
N LEU D 157 -0.82 -15.54 -1.51
CA LEU D 157 -2.03 -14.73 -1.53
C LEU D 157 -3.18 -15.46 -2.21
N ALA D 158 -2.89 -16.20 -3.28
CA ALA D 158 -3.93 -16.99 -3.94
C ALA D 158 -4.48 -18.06 -3.00
N GLU D 159 -3.60 -18.74 -2.27
CA GLU D 159 -4.04 -19.76 -1.32
C GLU D 159 -4.82 -19.14 -0.17
N ARG D 160 -4.38 -17.98 0.31
CA ARG D 160 -5.10 -17.31 1.40
C ARG D 160 -6.50 -16.91 0.96
N PHE D 161 -6.62 -16.29 -0.22
CA PHE D 161 -7.93 -15.95 -0.76
C PHE D 161 -8.80 -17.19 -0.93
N ASN D 162 -8.23 -18.23 -1.54
CA ASN D 162 -9.00 -19.44 -1.81
C ASN D 162 -9.55 -20.06 -0.53
N LYS D 163 -8.77 -20.06 0.55
CA LYS D 163 -9.18 -20.70 1.78
C LYS D 163 -9.94 -19.75 2.71
N ARG D 164 -9.81 -18.45 2.53
CA ARG D 164 -10.60 -17.51 3.31
C ARG D 164 -12.00 -17.31 2.73
N TYR D 165 -12.12 -17.36 1.41
CA TYR D 165 -13.37 -17.04 0.72
C TYR D 165 -13.95 -18.22 -0.04
N GLY D 166 -13.17 -18.84 -0.92
CA GLY D 166 -13.64 -19.94 -1.74
C GLY D 166 -12.68 -20.19 -2.87
N GLU D 167 -12.65 -21.41 -3.40
CA GLU D 167 -11.69 -21.76 -4.45
C GLU D 167 -11.97 -20.94 -5.71
N LEU D 168 -11.01 -20.08 -6.07
CA LEU D 168 -11.20 -19.18 -7.21
C LEU D 168 -9.95 -19.11 -8.08
N PHE D 169 -8.78 -18.93 -7.46
CA PHE D 169 -7.55 -18.67 -8.20
C PHE D 169 -6.83 -19.96 -8.55
N THR D 170 -6.23 -19.98 -9.73
CA THR D 170 -5.22 -20.98 -10.04
C THR D 170 -3.92 -20.63 -9.32
N ILE D 171 -3.26 -21.65 -8.77
CA ILE D 171 -1.98 -21.43 -8.10
C ILE D 171 -0.87 -21.41 -9.16
N PRO D 172 -0.24 -20.28 -9.40
CA PRO D 172 0.76 -20.20 -10.47
C PRO D 172 2.10 -20.80 -10.06
N GLU D 173 2.88 -21.15 -11.07
CA GLU D 173 4.23 -21.65 -10.90
C GLU D 173 5.19 -20.79 -11.70
N ALA D 174 6.32 -20.46 -11.11
CA ALA D 174 7.36 -19.76 -11.84
C ALA D 174 8.08 -20.73 -12.77
N ARG D 175 8.54 -20.21 -13.91
CA ARG D 175 9.42 -20.94 -14.81
C ARG D 175 10.65 -20.09 -15.04
N ILE D 176 11.75 -20.47 -14.41
CA ILE D 176 13.00 -19.73 -14.43
C ILE D 176 14.00 -20.49 -15.28
N PRO D 177 14.60 -19.88 -16.30
CA PRO D 177 15.48 -20.63 -17.20
C PRO D 177 16.71 -21.14 -16.46
N LYS D 178 17.19 -22.31 -16.90
CA LYS D 178 18.37 -22.88 -16.27
C LYS D 178 19.61 -22.04 -16.53
N VAL D 179 19.67 -21.37 -17.67
CA VAL D 179 20.81 -20.53 -18.05
C VAL D 179 20.33 -19.10 -18.21
N GLY D 180 21.10 -18.16 -17.66
CA GLY D 180 20.80 -16.76 -17.86
C GLY D 180 19.73 -16.18 -16.98
N ALA D 181 19.39 -16.85 -15.87
CA ALA D 181 18.36 -16.36 -14.98
C ALA D 181 18.76 -15.08 -14.24
N ARG D 182 20.03 -14.69 -14.28
CA ARG D 182 20.50 -13.54 -13.51
C ARG D 182 21.76 -12.99 -14.19
N ILE D 183 21.54 -12.24 -15.27
CA ILE D 183 22.62 -11.48 -15.88
C ILE D 183 23.05 -10.38 -14.94
N MET D 184 24.36 -10.23 -14.75
CA MET D 184 24.90 -9.30 -13.76
C MET D 184 25.29 -7.98 -14.41
N SER D 185 25.35 -6.95 -13.57
CA SER D 185 25.76 -5.62 -14.02
C SER D 185 27.20 -5.65 -14.51
N LEU D 186 27.47 -4.89 -15.57
CA LEU D 186 28.82 -4.89 -16.16
C LEU D 186 29.81 -4.14 -15.27
N VAL D 187 29.33 -3.17 -14.47
CA VAL D 187 30.21 -2.40 -13.60
C VAL D 187 30.25 -2.94 -12.18
N ASP D 188 29.31 -3.80 -11.79
CA ASP D 188 29.31 -4.43 -10.47
C ASP D 188 28.78 -5.84 -10.63
N PRO D 189 29.66 -6.81 -10.86
CA PRO D 189 29.22 -8.17 -11.19
C PRO D 189 28.52 -8.89 -10.03
N THR D 190 28.43 -8.25 -8.87
CA THR D 190 27.67 -8.81 -7.76
C THR D 190 26.25 -8.28 -7.69
N LYS D 191 25.90 -7.27 -8.51
CA LYS D 191 24.55 -6.79 -8.66
C LYS D 191 23.98 -7.27 -9.99
N LYS D 192 22.69 -7.54 -10.00
CA LYS D 192 22.04 -7.93 -11.25
C LYS D 192 21.94 -6.73 -12.18
N MET D 193 21.86 -7.02 -13.48
CA MET D 193 21.68 -5.96 -14.47
C MET D 193 20.24 -5.47 -14.44
N SER D 194 20.07 -4.16 -14.28
CA SER D 194 18.75 -3.54 -14.23
C SER D 194 18.69 -2.42 -15.25
N LYS D 195 17.54 -2.27 -15.91
CA LYS D 195 17.39 -1.25 -16.93
C LYS D 195 17.29 0.16 -16.37
N SER D 196 17.07 0.30 -15.06
CA SER D 196 16.97 1.61 -14.42
C SER D 196 18.20 1.94 -13.60
N ASP D 197 19.30 1.21 -13.79
CA ASP D 197 20.53 1.48 -13.07
C ASP D 197 20.97 2.91 -13.33
N PRO D 198 21.28 3.70 -12.29
CA PRO D 198 21.75 5.07 -12.51
C PRO D 198 22.99 5.16 -13.39
N ASN D 199 23.78 4.09 -13.47
CA ASN D 199 24.97 4.07 -14.30
C ASN D 199 24.65 3.38 -15.62
N PRO D 200 24.59 4.12 -16.74
CA PRO D 200 24.29 3.47 -18.03
C PRO D 200 25.29 2.39 -18.42
N LYS D 201 26.52 2.45 -17.92
CA LYS D 201 27.52 1.43 -18.24
C LYS D 201 27.20 0.08 -17.63
N ALA D 202 26.24 0.01 -16.70
CA ALA D 202 25.91 -1.25 -16.05
C ALA D 202 25.14 -2.18 -16.97
N TYR D 203 24.45 -1.66 -17.97
CA TYR D 203 23.54 -2.46 -18.79
C TYR D 203 23.78 -2.20 -20.26
N ILE D 204 23.34 -3.15 -21.08
CA ILE D 204 23.25 -3.00 -22.53
C ILE D 204 21.77 -3.03 -22.89
N THR D 205 21.25 -1.91 -23.38
CA THR D 205 19.88 -1.95 -23.86
C THR D 205 19.83 -2.56 -25.26
N LEU D 206 18.66 -3.06 -25.62
CA LEU D 206 18.48 -3.66 -26.95
C LEU D 206 18.61 -2.62 -28.05
N LEU D 207 18.59 -1.33 -27.72
CA LEU D 207 18.70 -0.26 -28.71
C LEU D 207 20.06 0.40 -28.72
N ASP D 208 21.01 -0.10 -27.95
CA ASP D 208 22.37 0.46 -27.95
C ASP D 208 23.03 0.25 -29.30
N ASP D 209 23.71 1.28 -29.79
CA ASP D 209 24.40 1.15 -31.07
C ASP D 209 25.74 0.47 -30.87
N ALA D 210 26.40 0.17 -31.99
CA ALA D 210 27.61 -0.65 -31.98
C ALA D 210 28.72 0.01 -31.17
N LYS D 211 28.95 1.31 -31.37
CA LYS D 211 30.00 2.00 -30.63
C LYS D 211 29.72 1.99 -29.14
N THR D 212 28.44 2.11 -28.75
CA THR D 212 28.09 2.09 -27.34
C THR D 212 28.31 0.72 -26.73
N ILE D 213 27.89 -0.34 -27.44
CA ILE D 213 28.06 -1.69 -26.93
C ILE D 213 29.54 -2.02 -26.77
N GLU D 214 30.36 -1.63 -27.75
CA GLU D 214 31.79 -1.81 -27.64
C GLU D 214 32.34 -1.15 -26.39
N LYS D 215 31.91 0.09 -26.13
CA LYS D 215 32.40 0.82 -24.96
C LYS D 215 32.03 0.11 -23.66
N LYS D 216 30.76 -0.31 -23.55
CA LYS D 216 30.28 -0.86 -22.29
C LYS D 216 30.89 -2.23 -22.01
N ILE D 217 31.05 -3.07 -23.05
CA ILE D 217 31.69 -4.36 -22.86
C ILE D 217 33.16 -4.17 -22.52
N LYS D 218 33.83 -3.23 -23.20
CA LYS D 218 35.27 -3.08 -23.01
C LYS D 218 35.63 -2.52 -21.64
N SER D 219 34.72 -1.77 -21.02
CA SER D 219 34.97 -1.21 -19.70
C SER D 219 34.29 -2.01 -18.59
N ALA D 220 33.68 -3.13 -18.92
CA ALA D 220 33.13 -4.01 -17.89
C ALA D 220 34.24 -4.46 -16.95
N VAL D 221 33.99 -4.37 -15.65
CA VAL D 221 35.04 -4.59 -14.65
C VAL D 221 35.33 -6.09 -14.54
N THR D 222 36.61 -6.42 -14.43
CA THR D 222 37.08 -7.79 -14.29
C THR D 222 38.20 -7.80 -13.26
N ASP D 223 38.74 -8.98 -12.98
CA ASP D 223 39.94 -9.06 -12.17
C ASP D 223 41.14 -8.58 -12.99
N SER D 224 42.30 -8.54 -12.34
CA SER D 224 43.53 -8.12 -13.00
C SER D 224 44.32 -9.31 -13.56
N GLU D 225 43.70 -10.48 -13.67
CA GLU D 225 44.35 -11.67 -14.19
C GLU D 225 44.19 -11.70 -15.71
N GLY D 226 44.35 -12.87 -16.32
CA GLY D 226 44.27 -12.97 -17.77
C GLY D 226 43.74 -14.29 -18.29
N THR D 227 43.29 -15.18 -17.41
CA THR D 227 42.75 -16.47 -17.80
C THR D 227 41.23 -16.35 -17.88
N ILE D 228 40.67 -16.63 -19.07
CA ILE D 228 39.24 -16.55 -19.30
C ILE D 228 38.64 -17.88 -18.85
N ARG D 229 38.01 -17.88 -17.68
CA ARG D 229 37.54 -19.11 -17.05
C ARG D 229 36.34 -18.77 -16.17
N TYR D 230 35.35 -19.66 -16.16
CA TYR D 230 34.13 -19.45 -15.39
C TYR D 230 34.38 -19.80 -13.93
N ASP D 231 34.19 -18.82 -13.04
CA ASP D 231 34.33 -19.03 -11.60
C ASP D 231 33.69 -17.82 -10.93
N LYS D 232 32.44 -18.00 -10.46
CA LYS D 232 31.65 -16.88 -9.98
C LYS D 232 32.30 -16.21 -8.76
N GLU D 233 32.81 -17.01 -7.82
CA GLU D 233 33.31 -16.44 -6.58
C GLU D 233 34.62 -15.68 -6.79
N ALA D 234 35.50 -16.21 -7.64
CA ALA D 234 36.79 -15.58 -7.86
C ALA D 234 36.77 -14.58 -9.01
N LYS D 235 36.00 -14.86 -10.07
CA LYS D 235 35.97 -14.02 -11.27
C LYS D 235 34.53 -13.74 -11.68
N PRO D 236 33.78 -12.99 -10.87
CA PRO D 236 32.37 -12.75 -11.20
C PRO D 236 32.18 -11.93 -12.46
N GLY D 237 33.10 -11.00 -12.75
CA GLY D 237 33.03 -10.24 -13.98
C GLY D 237 33.19 -11.11 -15.21
N ILE D 238 34.30 -11.84 -15.29
CA ILE D 238 34.56 -12.71 -16.42
C ILE D 238 33.50 -13.80 -16.54
N SER D 239 33.02 -14.31 -15.40
CA SER D 239 31.98 -15.34 -15.44
C SER D 239 30.69 -14.81 -16.03
N ASN D 240 30.31 -13.58 -15.67
CA ASN D 240 29.12 -12.98 -16.26
C ASN D 240 29.27 -12.80 -17.77
N LEU D 241 30.46 -12.35 -18.22
CA LEU D 241 30.69 -12.18 -19.64
C LEU D 241 30.66 -13.50 -20.38
N LEU D 242 31.24 -14.55 -19.80
CA LEU D 242 31.19 -15.87 -20.42
C LEU D 242 29.76 -16.38 -20.52
N ASN D 243 28.94 -16.11 -19.50
CA ASN D 243 27.55 -16.55 -19.52
C ASN D 243 26.78 -15.84 -20.64
N ILE D 244 26.98 -14.52 -20.77
CA ILE D 244 26.33 -13.77 -21.84
C ILE D 244 26.80 -14.27 -23.20
N TYR D 245 28.12 -14.40 -23.36
CA TYR D 245 28.70 -14.93 -24.59
C TYR D 245 28.11 -16.29 -24.93
N SER D 246 28.07 -17.20 -23.95
CA SER D 246 27.65 -18.57 -24.22
C SER D 246 26.19 -18.63 -24.67
N THR D 247 25.30 -17.96 -23.95
CA THR D 247 23.88 -18.05 -24.25
C THR D 247 23.49 -17.26 -25.50
N LEU D 248 24.28 -16.27 -25.91
CA LEU D 248 23.96 -15.54 -27.13
C LEU D 248 24.56 -16.23 -28.35
N SER D 249 25.71 -16.85 -28.21
CA SER D 249 26.41 -17.45 -29.33
C SER D 249 26.06 -18.91 -29.54
N GLY D 250 25.58 -19.61 -28.52
CA GLY D 250 25.32 -21.03 -28.62
C GLY D 250 26.51 -21.91 -28.30
N GLN D 251 27.68 -21.34 -28.05
CA GLN D 251 28.82 -22.12 -27.59
C GLN D 251 28.71 -22.36 -26.09
N SER D 252 29.09 -23.56 -25.66
CA SER D 252 29.13 -23.83 -24.24
C SER D 252 30.23 -23.03 -23.57
N ILE D 253 30.13 -22.90 -22.24
CA ILE D 253 31.13 -22.16 -21.49
C ILE D 253 32.50 -22.82 -21.62
N GLU D 254 32.54 -24.15 -21.52
CA GLU D 254 33.80 -24.87 -21.68
C GLU D 254 34.37 -24.67 -23.09
N GLU D 255 33.51 -24.68 -24.10
CA GLU D 255 33.96 -24.41 -25.47
C GLU D 255 34.58 -23.03 -25.58
N LEU D 256 33.98 -22.05 -24.89
CA LEU D 256 34.53 -20.70 -24.90
C LEU D 256 35.84 -20.63 -24.11
N GLU D 257 35.92 -21.37 -23.00
CA GLU D 257 37.16 -21.45 -22.25
C GLU D 257 38.29 -21.98 -23.11
N ARG D 258 38.02 -23.04 -23.89
CA ARG D 258 39.02 -23.58 -24.78
C ARG D 258 39.37 -22.61 -25.89
N GLN D 259 38.36 -21.95 -26.47
CA GLN D 259 38.59 -21.04 -27.58
C GLN D 259 39.51 -19.87 -27.18
N TYR D 260 39.46 -19.47 -25.91
CA TYR D 260 40.23 -18.32 -25.44
C TYR D 260 41.38 -18.71 -24.53
N GLU D 261 41.83 -19.95 -24.61
CA GLU D 261 43.07 -20.35 -23.94
C GLU D 261 44.22 -19.49 -24.44
N GLY D 262 44.98 -18.93 -23.49
CA GLY D 262 46.13 -18.12 -23.84
C GLY D 262 45.81 -16.75 -24.42
N LYS D 263 44.54 -16.34 -24.42
CA LYS D 263 44.14 -15.05 -24.94
C LYS D 263 43.81 -14.10 -23.79
N GLY D 264 43.96 -12.80 -24.06
CA GLY D 264 43.70 -11.80 -23.05
C GLY D 264 42.24 -11.35 -23.01
N TYR D 265 41.91 -10.61 -21.96
CA TYR D 265 40.55 -10.09 -21.82
C TYR D 265 40.21 -9.11 -22.94
N GLY D 266 41.22 -8.46 -23.51
CA GLY D 266 40.96 -7.44 -24.52
C GLY D 266 40.27 -7.99 -25.74
N VAL D 267 40.82 -9.06 -26.32
CA VAL D 267 40.20 -9.65 -27.51
C VAL D 267 38.92 -10.38 -27.13
N PHE D 268 38.86 -10.96 -25.92
CA PHE D 268 37.64 -11.59 -25.45
C PHE D 268 36.48 -10.60 -25.40
N LYS D 269 36.73 -9.41 -24.83
CA LYS D 269 35.70 -8.39 -24.77
C LYS D 269 35.34 -7.88 -26.15
N ALA D 270 36.35 -7.65 -27.00
CA ALA D 270 36.08 -7.16 -28.35
C ALA D 270 35.21 -8.13 -29.13
N ASP D 271 35.49 -9.43 -29.00
CA ASP D 271 34.68 -10.43 -29.68
C ASP D 271 33.25 -10.46 -29.11
N LEU D 272 33.12 -10.42 -27.79
CA LEU D 272 31.80 -10.46 -27.18
C LEU D 272 30.94 -9.29 -27.62
N ALA D 273 31.54 -8.10 -27.75
CA ALA D 273 30.80 -6.92 -28.20
C ALA D 273 30.19 -7.17 -29.58
N GLN D 274 30.93 -7.81 -30.48
CA GLN D 274 30.41 -8.09 -31.81
C GLN D 274 29.33 -9.16 -31.79
N VAL D 275 29.45 -10.15 -30.89
CA VAL D 275 28.39 -11.13 -30.73
C VAL D 275 27.09 -10.46 -30.30
N VAL D 276 27.19 -9.48 -29.40
CA VAL D 276 26.00 -8.77 -28.95
C VAL D 276 25.45 -7.91 -30.08
N ILE D 277 26.33 -7.22 -30.81
CA ILE D 277 25.88 -6.34 -31.89
C ILE D 277 25.13 -7.14 -32.96
N GLU D 278 25.70 -8.27 -33.38
CA GLU D 278 25.05 -9.09 -34.40
C GLU D 278 23.74 -9.68 -33.88
N THR D 279 23.65 -9.96 -32.58
CA THR D 279 22.39 -10.43 -32.03
C THR D 279 21.31 -9.36 -32.13
N LEU D 280 21.66 -8.11 -31.83
CA LEU D 280 20.68 -7.03 -31.75
C LEU D 280 20.34 -6.44 -33.12
N ARG D 281 21.17 -6.67 -34.14
CA ARG D 281 20.98 -5.98 -35.42
C ARG D 281 19.63 -6.25 -36.05
N PRO D 282 19.17 -7.50 -36.22
CA PRO D 282 17.82 -7.69 -36.79
C PRO D 282 16.72 -7.20 -35.86
N ILE D 283 16.93 -7.25 -34.55
CA ILE D 283 15.91 -6.77 -33.62
C ILE D 283 15.71 -5.26 -33.79
N GLN D 284 16.81 -4.52 -33.89
CA GLN D 284 16.72 -3.07 -34.01
C GLN D 284 16.08 -2.65 -35.33
N GLU D 285 16.30 -3.41 -36.41
CA GLU D 285 15.70 -3.08 -37.69
C GLU D 285 14.19 -3.23 -37.64
N ARG D 286 13.70 -4.34 -37.07
CA ARG D 286 12.27 -4.53 -36.92
C ARG D 286 11.68 -3.56 -35.90
N TYR D 287 12.49 -3.14 -34.92
CA TYR D 287 12.02 -2.17 -33.93
C TYR D 287 11.65 -0.85 -34.60
N HIS D 288 12.52 -0.35 -35.48
CA HIS D 288 12.26 0.92 -36.14
C HIS D 288 11.03 0.84 -37.03
N HIS D 289 10.73 -0.33 -37.58
CA HIS D 289 9.52 -0.51 -38.37
C HIS D 289 8.27 -0.33 -37.52
N TRP D 290 8.28 -0.90 -36.31
CA TRP D 290 7.10 -0.84 -35.45
C TRP D 290 6.90 0.55 -34.86
N MET D 291 7.99 1.23 -34.53
CA MET D 291 7.87 2.58 -33.96
C MET D 291 7.31 3.59 -34.95
N GLU D 292 7.29 3.26 -36.25
CA GLU D 292 6.96 4.21 -37.30
C GLU D 292 5.51 4.12 -37.76
N SER D 293 4.72 3.15 -37.28
CA SER D 293 3.44 2.84 -37.90
C SER D 293 2.31 2.87 -36.88
N GLU D 294 1.12 3.24 -37.38
CA GLU D 294 -0.11 3.24 -36.59
C GLU D 294 -0.46 1.88 -36.04
N GLU D 295 0.13 0.85 -36.62
CA GLU D 295 -0.29 -0.53 -36.42
C GLU D 295 0.18 -1.06 -35.07
N LEU D 296 1.24 -0.47 -34.52
CA LEU D 296 1.60 -0.72 -33.13
C LEU D 296 0.44 -0.43 -32.21
N ASP D 297 -0.26 0.68 -32.44
CA ASP D 297 -1.39 1.05 -31.59
C ASP D 297 -2.59 0.12 -31.80
N ARG D 298 -2.80 -0.37 -33.03
CA ARG D 298 -3.88 -1.32 -33.26
C ARG D 298 -3.65 -2.62 -32.51
N VAL D 299 -2.41 -3.10 -32.52
CA VAL D 299 -2.05 -4.31 -31.76
C VAL D 299 -2.38 -4.11 -30.29
N LEU D 300 -1.97 -2.97 -29.73
CA LEU D 300 -2.20 -2.69 -28.32
C LEU D 300 -3.69 -2.48 -28.03
N ASP D 301 -4.41 -1.88 -28.98
CA ASP D 301 -5.86 -1.73 -28.82
C ASP D 301 -6.53 -3.08 -28.67
N GLU D 302 -6.23 -4.01 -29.59
CA GLU D 302 -6.87 -5.32 -29.56
C GLU D 302 -6.40 -6.14 -28.36
N GLY D 303 -5.13 -6.01 -27.99
CA GLY D 303 -4.65 -6.71 -26.81
C GLY D 303 -5.38 -6.28 -25.54
N ALA D 304 -5.58 -4.98 -25.38
CA ALA D 304 -6.27 -4.48 -24.18
C ALA D 304 -7.72 -4.91 -24.17
N GLU D 305 -8.37 -4.96 -25.34
CA GLU D 305 -9.76 -5.41 -25.40
C GLU D 305 -9.88 -6.88 -24.99
N LYS D 306 -8.96 -7.73 -25.45
CA LYS D 306 -9.00 -9.13 -25.08
C LYS D 306 -8.71 -9.32 -23.59
N ALA D 307 -7.70 -8.62 -23.07
CA ALA D 307 -7.35 -8.73 -21.67
C ALA D 307 -8.47 -8.20 -20.77
N ASN D 308 -9.16 -7.14 -21.22
CA ASN D 308 -10.24 -6.58 -20.43
C ASN D 308 -11.37 -7.59 -20.24
N ARG D 309 -11.70 -8.33 -21.31
CA ARG D 309 -12.78 -9.30 -21.23
C ARG D 309 -12.49 -10.37 -20.18
N VAL D 310 -11.26 -10.89 -20.18
CA VAL D 310 -10.92 -11.95 -19.23
C VAL D 310 -10.77 -11.36 -17.82
N ALA D 311 -10.04 -10.26 -17.69
CA ALA D 311 -9.69 -9.75 -16.37
C ALA D 311 -10.90 -9.17 -15.64
N SER D 312 -11.77 -8.45 -16.37
CA SER D 312 -12.93 -7.87 -15.72
C SER D 312 -13.90 -8.93 -15.20
N GLU D 313 -13.95 -10.09 -15.85
CA GLU D 313 -14.78 -11.18 -15.34
C GLU D 313 -14.22 -11.74 -14.05
N MET D 314 -12.89 -11.87 -13.96
CA MET D 314 -12.27 -12.36 -12.72
C MET D 314 -12.51 -11.37 -11.58
N VAL D 315 -12.45 -10.07 -11.87
CA VAL D 315 -12.72 -9.07 -10.84
C VAL D 315 -14.17 -9.19 -10.35
N ARG D 316 -15.10 -9.49 -11.26
CA ARG D 316 -16.47 -9.74 -10.85
C ARG D 316 -16.54 -10.89 -9.85
N LYS D 317 -15.83 -11.99 -10.13
CA LYS D 317 -15.84 -13.13 -9.22
C LYS D 317 -15.12 -12.80 -7.91
N MET D 318 -14.04 -12.03 -7.98
CA MET D 318 -13.35 -11.62 -6.76
C MET D 318 -14.25 -10.77 -5.87
N GLU D 319 -14.95 -9.80 -6.48
CA GLU D 319 -15.86 -8.95 -5.71
C GLU D 319 -16.97 -9.77 -5.07
N GLN D 320 -17.55 -10.71 -5.83
CA GLN D 320 -18.62 -11.53 -5.29
C GLN D 320 -18.12 -12.39 -4.13
N ALA D 321 -16.89 -12.88 -4.22
CA ALA D 321 -16.34 -13.70 -3.15
C ALA D 321 -16.14 -12.90 -1.87
N MET D 322 -15.67 -11.66 -2.00
CA MET D 322 -15.40 -10.81 -0.85
C MET D 322 -16.64 -10.07 -0.35
N GLY D 323 -17.71 -10.01 -1.15
CA GLY D 323 -18.91 -9.30 -0.75
C GLY D 323 -18.98 -7.86 -1.19
N LEU D 324 -18.04 -7.40 -2.00
CA LEU D 324 -18.07 -6.02 -2.48
C LEU D 324 -19.24 -5.82 -3.44
N GLY D 325 -19.68 -4.57 -3.55
CA GLY D 325 -20.70 -4.19 -4.51
C GLY D 325 -22.03 -4.88 -4.28
N ARG D 326 -22.70 -5.19 -5.37
CA ARG D 326 -24.01 -5.84 -5.33
C ARG D 326 -24.01 -7.11 -6.17
#